data_4FOE
#
_entry.id   4FOE
#
_cell.length_a   82.440
_cell.length_b   122.090
_cell.length_c   118.950
_cell.angle_alpha   90.000
_cell.angle_beta   92.650
_cell.angle_gamma   90.000
#
_symmetry.space_group_name_H-M   'P 1 21 1'
#
loop_
_entity.id
_entity.type
_entity.pdbx_description
1 polymer Hexokinase-1
2 non-polymer beta-D-glucopyranose
3 non-polymer 6-O-phosphono-beta-D-mannopyranose
4 non-polymer 'SODIUM ION'
5 non-polymer 'CITRIC ACID'
6 water water
#
_entity_poly.entity_id   1
_entity_poly.type   'polypeptide(L)'
_entity_poly.pdbx_seq_one_letter_code
;MIAAQLLAYYFTELKDDQVKKIDKYLYAMRLSDETLIDIMTRFRKEMKNGLSRDFNPTATVKMLPTFVRSIPDGSEKGDF
IALDLGGSSFRILRVQVNHEKNQNVHMESEVYDTPENIVHGSGSQLFDHVAECLGDFMEKRKIKDKKLPVGFTFSFPCQQ
SKIDEAILITWTKRFKASGVEGADVVKLLNKAIKKRGDYDANIVAVVNDTVGTMMTCGYDDQHCEVGLIIGTGTNACYME
ELRHIDLVEGDEGRMCINTEWGAFGDDGSLEDIRTEFDREIDRGSLNPGKQLFEKMVSGMYLGELVRLILVKMAKEGLLF
EGRITPELLTRGKFNTSDVSAIEKNKEGLHNAKEILTRLGVEPSDDDCVSVQHVCTIVSFRSANLVAATLGAILNRLRDN
KGTPRLRTTVGVDGSLYKTHPQYSRRFHKTLRRLVPDSDVRFLLSESGSGKGAAMVTAVAYRLAEQHRQIEETLAHFHLT
KDMLLEVKKRMRAEMELGLRKQTHNNAVVKMLPSFVRRTPDGTENGDFLALDLGGTNFRVLLVKIRSGKKRTVEMHNKIY
AIPIEIMQGTGEELFDHIVSCISDFLDYMGIKGPRMPLGFTFSFPCQQTSLDAGILITWTKGFKATDCVGHDVVTLLRDA
IKRREEFDLDVVAVVNDTVGTMMTCAYEEPTCEVGLIVGTGSNACYMEEMKNVEMVEGDQGQMCINMEWGAFGDNGCLDD
IRTHYDRLVDEYSLNAGKQRYEKMISGMYLGEIVRNILIDFTKKGFLFRGQISETLKTRGIFETKFLSQIESDRLALLQV
RAILQQLGLNSTCDDSILVKTVCGVVSRRAAQLCGAGMAAVVDKIRENRGLDRLNVTVGVDGTLYKLHPHFSRIMHQTVK
ELSPKCNVSFLLSEDGSGKGAALITAVGVRLRTEASS
;
_entity_poly.pdbx_strand_id   A,B
#
loop_
_chem_comp.id
_chem_comp.type
_chem_comp.name
_chem_comp.formula
BGC D-saccharide, beta linking beta-D-glucopyranose 'C6 H12 O6'
CIT non-polymer 'CITRIC ACID' 'C6 H8 O7'
M6D D-saccharide, beta linking 6-O-phosphono-beta-D-mannopyranose 'C6 H13 O9 P'
NA non-polymer 'SODIUM ION' 'Na 1'
#
# COMPACT_ATOMS: atom_id res chain seq x y z
N ASP A 16 -64.56 15.81 -10.92
CA ASP A 16 -63.24 16.12 -10.32
C ASP A 16 -62.82 15.05 -9.31
N ASP A 17 -63.76 14.16 -9.00
CA ASP A 17 -63.50 13.05 -8.09
C ASP A 17 -62.62 12.02 -8.80
N GLN A 18 -62.76 11.99 -10.12
CA GLN A 18 -62.01 11.08 -10.97
C GLN A 18 -60.52 11.36 -10.95
N VAL A 19 -60.11 12.38 -10.20
CA VAL A 19 -58.70 12.75 -10.12
C VAL A 19 -58.21 12.91 -8.67
N LYS A 20 -59.05 13.47 -7.81
CA LYS A 20 -58.70 13.60 -6.41
C LYS A 20 -58.58 12.21 -5.80
N LYS A 21 -59.12 11.23 -6.52
CA LYS A 21 -59.06 9.84 -6.09
C LYS A 21 -57.68 9.25 -6.37
N ILE A 22 -57.18 9.44 -7.58
CA ILE A 22 -55.84 8.97 -7.91
C ILE A 22 -54.85 9.51 -6.90
N ASP A 23 -54.92 10.83 -6.66
CA ASP A 23 -53.91 11.43 -5.80
C ASP A 23 -53.73 10.61 -4.54
N LYS A 24 -54.83 10.07 -4.01
CA LYS A 24 -54.75 9.23 -2.83
C LYS A 24 -54.08 7.89 -3.14
N TYR A 25 -54.52 7.26 -4.23
CA TYR A 25 -54.02 5.96 -4.63
C TYR A 25 -52.52 6.02 -4.83
N LEU A 26 -52.09 7.05 -5.58
CA LEU A 26 -50.67 7.22 -5.91
C LEU A 26 -50.05 8.18 -4.92
N TYR A 27 -50.70 8.32 -3.77
CA TYR A 27 -50.31 9.28 -2.76
C TYR A 27 -48.88 9.07 -2.27
N ALA A 28 -48.37 7.85 -2.39
CA ALA A 28 -47.00 7.57 -1.98
C ALA A 28 -45.99 8.25 -2.91
N MET A 29 -46.37 8.38 -4.18
CA MET A 29 -45.46 8.94 -5.18
C MET A 29 -45.59 10.45 -5.31
N ARG A 30 -46.24 11.08 -4.34
CA ARG A 30 -46.37 12.53 -4.31
C ARG A 30 -45.53 13.08 -3.16
N LEU A 31 -44.27 13.39 -3.47
CA LEU A 31 -43.31 13.85 -2.48
C LEU A 31 -43.54 15.32 -2.13
N SER A 32 -43.56 15.61 -0.83
CA SER A 32 -43.74 16.98 -0.36
C SER A 32 -42.40 17.69 -0.28
N ASP A 33 -42.43 19.02 -0.28
CA ASP A 33 -41.20 19.80 -0.12
C ASP A 33 -40.50 19.39 1.17
N GLU A 34 -41.29 19.11 2.19
CA GLU A 34 -40.76 18.62 3.45
C GLU A 34 -39.91 17.38 3.19
N THR A 35 -40.41 16.51 2.33
CA THR A 35 -39.74 15.27 1.96
C THR A 35 -38.51 15.52 1.09
N LEU A 36 -38.68 16.32 0.05
CA LEU A 36 -37.58 16.63 -0.86
C LEU A 36 -36.37 17.20 -0.12
N ILE A 37 -36.62 17.89 0.99
CA ILE A 37 -35.54 18.44 1.80
C ILE A 37 -34.71 17.34 2.44
N ASP A 38 -35.39 16.31 2.94
CA ASP A 38 -34.72 15.18 3.58
C ASP A 38 -33.90 14.42 2.55
N ILE A 39 -34.47 14.24 1.35
CA ILE A 39 -33.75 13.57 0.28
C ILE A 39 -32.45 14.31 0.01
N MET A 40 -32.57 15.61 -0.26
CA MET A 40 -31.42 16.46 -0.56
C MET A 40 -30.35 16.39 0.52
N THR A 41 -30.79 16.46 1.77
CA THR A 41 -29.87 16.37 2.91
C THR A 41 -29.08 15.08 2.83
N ARG A 42 -29.78 13.98 2.56
CA ARG A 42 -29.17 12.66 2.50
C ARG A 42 -28.13 12.55 1.39
N PHE A 43 -28.45 13.08 0.20
CA PHE A 43 -27.52 13.07 -0.91
C PHE A 43 -26.30 13.92 -0.60
N ARG A 44 -26.51 15.00 0.14
CA ARG A 44 -25.39 15.85 0.55
C ARG A 44 -24.41 15.02 1.34
N LYS A 45 -24.93 14.11 2.17
CA LYS A 45 -24.09 13.22 2.95
C LYS A 45 -23.40 12.21 2.03
N GLU A 46 -24.19 11.51 1.23
CA GLU A 46 -23.67 10.51 0.30
C GLU A 46 -22.49 11.05 -0.50
N MET A 47 -22.54 12.34 -0.82
CA MET A 47 -21.44 12.98 -1.55
C MET A 47 -20.18 12.98 -0.71
N LYS A 48 -20.29 13.45 0.52
CA LYS A 48 -19.17 13.48 1.45
C LYS A 48 -18.56 12.09 1.60
N ASN A 49 -19.41 11.10 1.79
CA ASN A 49 -18.96 9.71 1.93
C ASN A 49 -18.28 9.19 0.67
N GLY A 50 -18.81 9.56 -0.49
CA GLY A 50 -18.24 9.14 -1.75
C GLY A 50 -16.91 9.80 -2.05
N LEU A 51 -16.63 10.90 -1.35
CA LEU A 51 -15.39 11.65 -1.59
C LEU A 51 -14.27 11.30 -0.62
N SER A 52 -14.63 10.95 0.61
CA SER A 52 -13.61 10.58 1.60
C SER A 52 -13.02 9.22 1.26
N ARG A 53 -11.74 9.04 1.59
CA ARG A 53 -11.05 7.80 1.26
C ARG A 53 -11.42 6.70 2.25
N ASP A 54 -11.91 7.08 3.41
CA ASP A 54 -12.29 6.11 4.42
C ASP A 54 -13.62 5.45 4.09
N PHE A 55 -14.61 6.26 3.72
CA PHE A 55 -15.95 5.76 3.47
C PHE A 55 -16.26 5.46 2.00
N ASN A 56 -15.42 5.94 1.08
CA ASN A 56 -15.68 5.75 -0.34
C ASN A 56 -16.01 4.32 -0.76
N PRO A 57 -15.25 3.34 -0.25
CA PRO A 57 -15.49 1.97 -0.68
C PRO A 57 -16.90 1.46 -0.34
N THR A 58 -17.53 2.07 0.66
CA THR A 58 -18.88 1.70 1.09
C THR A 58 -19.96 2.48 0.37
N ALA A 59 -19.69 3.76 0.14
CA ALA A 59 -20.64 4.69 -0.47
C ALA A 59 -21.27 4.13 -1.74
N THR A 60 -22.54 4.46 -1.94
CA THR A 60 -23.27 4.08 -3.15
C THR A 60 -23.06 5.11 -4.25
N VAL A 61 -22.82 6.36 -3.84
CA VAL A 61 -22.50 7.42 -4.78
C VAL A 61 -20.98 7.52 -4.92
N LYS A 62 -20.46 7.07 -6.06
CA LYS A 62 -19.02 6.92 -6.24
C LYS A 62 -18.21 8.21 -6.40
N MET A 63 -18.87 9.32 -6.75
CA MET A 63 -18.14 10.57 -6.94
C MET A 63 -16.84 10.33 -7.68
N LEU A 64 -16.91 9.53 -8.75
CA LEU A 64 -15.72 9.17 -9.52
C LEU A 64 -14.94 10.36 -10.04
N PRO A 65 -13.60 10.30 -9.91
CA PRO A 65 -12.75 11.37 -10.44
C PRO A 65 -12.74 11.30 -11.96
N THR A 66 -12.85 12.45 -12.61
CA THR A 66 -12.98 12.47 -14.07
C THR A 66 -11.71 12.92 -14.80
N PHE A 67 -10.82 13.59 -14.09
CA PHE A 67 -9.58 14.08 -14.70
C PHE A 67 -9.85 15.12 -15.79
N VAL A 68 -10.73 16.05 -15.49
CA VAL A 68 -11.02 17.19 -16.33
C VAL A 68 -10.95 18.36 -15.38
N ARG A 69 -10.00 19.26 -15.62
CA ARG A 69 -9.67 20.31 -14.65
C ARG A 69 -10.50 21.60 -14.77
N SER A 70 -11.25 21.75 -15.86
CA SER A 70 -12.07 22.94 -16.05
C SER A 70 -12.73 22.93 -17.43
N ILE A 71 -13.69 23.81 -17.62
CA ILE A 71 -14.42 23.89 -18.89
C ILE A 71 -13.58 24.56 -19.96
N PRO A 72 -13.90 24.34 -21.24
CA PRO A 72 -13.12 24.89 -22.36
C PRO A 72 -12.96 26.41 -22.23
N ASP A 73 -11.82 26.92 -22.70
CA ASP A 73 -11.55 28.35 -22.65
C ASP A 73 -11.60 28.98 -24.03
N GLY A 74 -11.15 28.23 -25.03
CA GLY A 74 -11.12 28.73 -26.41
C GLY A 74 -9.81 28.37 -27.07
N SER A 75 -8.81 28.10 -26.25
CA SER A 75 -7.50 27.72 -26.77
C SER A 75 -7.55 26.36 -27.46
N GLU A 76 -8.62 25.61 -27.19
CA GLU A 76 -8.80 24.31 -27.82
C GLU A 76 -8.71 24.47 -29.32
N LYS A 77 -7.96 23.57 -29.97
CA LYS A 77 -7.85 23.61 -31.43
C LYS A 77 -7.37 22.27 -31.97
N GLY A 78 -7.79 21.98 -33.19
CA GLY A 78 -7.43 20.72 -33.85
C GLY A 78 -8.64 20.06 -34.50
N ASP A 79 -8.47 18.79 -34.85
CA ASP A 79 -9.53 18.03 -35.49
C ASP A 79 -9.58 16.62 -34.88
N PHE A 80 -10.71 16.25 -34.29
CA PHE A 80 -10.81 14.94 -33.62
C PHE A 80 -12.12 14.18 -33.89
N ILE A 81 -12.09 12.89 -33.62
CA ILE A 81 -13.26 12.02 -33.75
C ILE A 81 -13.79 11.66 -32.35
N ALA A 82 -15.10 11.79 -32.15
CA ALA A 82 -15.70 11.46 -30.86
C ALA A 82 -16.64 10.26 -31.00
N LEU A 83 -16.68 9.43 -29.96
CA LEU A 83 -17.57 8.29 -29.92
C LEU A 83 -18.58 8.49 -28.80
N ASP A 84 -19.83 8.10 -29.04
CA ASP A 84 -20.87 8.25 -28.05
C ASP A 84 -21.69 6.98 -27.95
N LEU A 85 -21.41 6.19 -26.92
CA LEU A 85 -22.12 4.94 -26.71
C LEU A 85 -22.72 4.92 -25.32
N GLY A 86 -23.86 4.26 -25.18
CA GLY A 86 -24.49 4.16 -23.86
C GLY A 86 -25.80 4.91 -23.77
N GLY A 87 -25.99 5.89 -24.64
CA GLY A 87 -27.25 6.65 -24.67
C GLY A 87 -28.23 6.07 -25.66
N SER A 88 -29.26 6.85 -26.01
CA SER A 88 -30.28 6.40 -26.95
C SER A 88 -29.69 5.71 -28.16
N SER A 89 -28.70 6.35 -28.79
CA SER A 89 -28.09 5.81 -30.00
C SER A 89 -26.57 5.89 -30.00
N PHE A 90 -25.93 4.99 -30.73
CA PHE A 90 -24.47 4.96 -30.85
C PHE A 90 -24.02 5.91 -31.95
N ARG A 91 -23.57 7.09 -31.53
CA ARG A 91 -23.19 8.16 -32.45
C ARG A 91 -21.68 8.27 -32.59
N ILE A 92 -21.23 8.79 -33.73
CA ILE A 92 -19.82 9.07 -33.95
C ILE A 92 -19.73 10.46 -34.57
N LEU A 93 -19.08 11.39 -33.88
CA LEU A 93 -18.96 12.75 -34.38
C LEU A 93 -17.57 13.09 -34.87
N ARG A 94 -17.42 14.31 -35.36
CA ARG A 94 -16.14 14.84 -35.79
C ARG A 94 -16.15 16.34 -35.54
N VAL A 95 -15.36 16.77 -34.56
CA VAL A 95 -15.30 18.19 -34.21
C VAL A 95 -13.99 18.81 -34.68
N GLN A 96 -14.08 20.01 -35.22
CA GLN A 96 -12.91 20.73 -35.72
C GLN A 96 -12.99 22.20 -35.31
N VAL A 97 -11.92 22.71 -34.72
CA VAL A 97 -11.89 24.08 -34.25
C VAL A 97 -10.48 24.63 -34.24
N ASN A 98 -10.33 25.91 -34.56
CA ASN A 98 -9.04 26.56 -34.56
C ASN A 98 -9.19 28.07 -34.71
N HIS A 99 -9.30 28.76 -33.59
CA HIS A 99 -9.54 30.20 -33.59
C HIS A 99 -8.38 30.98 -34.20
N GLU A 100 -7.18 30.39 -34.23
CA GLU A 100 -6.06 31.02 -34.89
C GLU A 100 -6.42 31.28 -36.34
N LYS A 101 -6.53 30.20 -37.10
CA LYS A 101 -6.94 30.28 -38.50
C LYS A 101 -8.33 30.89 -38.60
N ASN A 102 -8.92 31.17 -37.43
CA ASN A 102 -10.25 31.75 -37.37
C ASN A 102 -11.32 30.81 -37.93
N GLN A 103 -11.38 29.60 -37.38
CA GLN A 103 -12.36 28.60 -37.80
C GLN A 103 -13.28 28.24 -36.64
N ASN A 104 -14.47 28.82 -36.63
CA ASN A 104 -15.45 28.53 -35.58
C ASN A 104 -15.68 27.04 -35.41
N VAL A 105 -16.18 26.66 -34.23
CA VAL A 105 -16.46 25.25 -33.94
C VAL A 105 -17.39 24.64 -34.99
N HIS A 106 -16.90 23.63 -35.70
CA HIS A 106 -17.65 22.93 -36.73
C HIS A 106 -17.73 21.45 -36.38
N MET A 107 -18.75 20.74 -36.89
CA MET A 107 -18.89 19.32 -36.56
C MET A 107 -19.96 18.56 -37.37
N GLU A 108 -19.57 17.39 -37.85
CA GLU A 108 -20.48 16.48 -38.56
C GLU A 108 -20.72 15.26 -37.69
N SER A 109 -21.75 14.47 -38.00
CA SER A 109 -22.04 13.28 -37.20
C SER A 109 -22.89 12.24 -37.93
N GLU A 110 -22.92 11.03 -37.37
CA GLU A 110 -23.67 9.93 -37.95
C GLU A 110 -24.11 8.95 -36.88
N VAL A 111 -25.15 8.16 -37.16
CA VAL A 111 -25.66 7.18 -36.20
C VAL A 111 -25.53 5.75 -36.74
N TYR A 112 -25.16 4.83 -35.86
CA TYR A 112 -25.00 3.43 -36.24
C TYR A 112 -25.97 2.53 -35.49
N ASP A 113 -26.79 1.81 -36.24
CA ASP A 113 -27.78 0.92 -35.66
C ASP A 113 -27.09 -0.19 -34.85
N THR A 114 -27.53 -0.36 -33.60
CA THR A 114 -26.96 -1.39 -32.74
C THR A 114 -28.05 -2.26 -32.13
N PRO A 115 -28.25 -3.45 -32.70
CA PRO A 115 -29.27 -4.42 -32.29
C PRO A 115 -29.14 -4.85 -30.83
N GLU A 116 -30.26 -5.20 -30.23
CA GLU A 116 -30.30 -5.61 -28.84
C GLU A 116 -29.34 -6.77 -28.56
N ASN A 117 -29.11 -7.60 -29.57
CA ASN A 117 -28.23 -8.76 -29.40
C ASN A 117 -26.76 -8.39 -29.19
N ILE A 118 -26.35 -7.24 -29.72
CA ILE A 118 -24.98 -6.78 -29.57
C ILE A 118 -24.77 -6.19 -28.17
N VAL A 119 -25.78 -5.45 -27.70
CA VAL A 119 -25.75 -4.80 -26.40
C VAL A 119 -25.82 -5.83 -25.27
N HIS A 120 -26.18 -7.06 -25.62
CA HIS A 120 -26.30 -8.13 -24.64
C HIS A 120 -25.36 -9.29 -24.94
N GLY A 121 -24.56 -9.16 -25.99
CA GLY A 121 -23.62 -10.20 -26.37
C GLY A 121 -22.32 -10.15 -25.59
N SER A 122 -21.24 -10.56 -26.24
CA SER A 122 -19.92 -10.52 -25.61
C SER A 122 -19.26 -9.19 -25.92
N GLY A 123 -18.38 -8.74 -25.03
CA GLY A 123 -17.63 -7.52 -25.27
C GLY A 123 -17.05 -7.54 -26.67
N SER A 124 -16.56 -8.72 -27.07
CA SER A 124 -16.03 -8.91 -28.41
C SER A 124 -17.00 -8.34 -29.44
N GLN A 125 -18.13 -9.02 -29.60
CA GLN A 125 -19.16 -8.59 -30.54
C GLN A 125 -19.32 -7.08 -30.46
N LEU A 126 -19.62 -6.58 -29.26
CA LEU A 126 -19.87 -5.15 -29.06
C LEU A 126 -18.71 -4.28 -29.55
N PHE A 127 -17.52 -4.51 -29.00
CA PHE A 127 -16.38 -3.68 -29.35
C PHE A 127 -15.86 -3.91 -30.77
N ASP A 128 -16.09 -5.11 -31.30
CA ASP A 128 -15.76 -5.37 -32.70
C ASP A 128 -16.71 -4.58 -33.59
N HIS A 129 -17.94 -4.46 -33.12
CA HIS A 129 -18.96 -3.70 -33.82
C HIS A 129 -18.62 -2.22 -33.76
N VAL A 130 -18.12 -1.77 -32.62
CA VAL A 130 -17.73 -0.38 -32.46
C VAL A 130 -16.56 -0.06 -33.40
N ALA A 131 -15.59 -0.97 -33.44
CA ALA A 131 -14.42 -0.81 -34.30
C ALA A 131 -14.81 -0.73 -35.76
N GLU A 132 -15.77 -1.56 -36.15
CA GLU A 132 -16.26 -1.58 -37.52
C GLU A 132 -16.90 -0.25 -37.88
N CYS A 133 -17.73 0.28 -36.99
CA CYS A 133 -18.40 1.55 -37.21
C CYS A 133 -17.42 2.71 -37.29
N LEU A 134 -16.30 2.60 -36.56
CA LEU A 134 -15.29 3.64 -36.63
C LEU A 134 -14.56 3.52 -37.96
N GLY A 135 -14.34 2.28 -38.40
CA GLY A 135 -13.70 2.04 -39.69
C GLY A 135 -14.51 2.69 -40.79
N ASP A 136 -15.80 2.38 -40.83
CA ASP A 136 -16.70 2.92 -41.84
C ASP A 136 -16.78 4.45 -41.79
N PHE A 137 -17.02 4.99 -40.60
CA PHE A 137 -17.11 6.44 -40.42
C PHE A 137 -15.91 7.15 -41.04
N MET A 138 -14.71 6.62 -40.79
CA MET A 138 -13.49 7.21 -41.32
C MET A 138 -13.29 6.91 -42.80
N GLU A 139 -13.87 5.81 -43.27
CA GLU A 139 -13.79 5.44 -44.68
C GLU A 139 -14.67 6.35 -45.52
N LYS A 140 -15.62 7.01 -44.87
CA LYS A 140 -16.56 7.90 -45.57
C LYS A 140 -16.04 9.34 -45.61
N ARG A 141 -14.85 9.55 -45.08
CA ARG A 141 -14.20 10.86 -45.13
C ARG A 141 -12.76 10.62 -45.55
N LYS A 142 -12.41 9.35 -45.69
CA LYS A 142 -11.04 8.93 -46.01
C LYS A 142 -10.01 9.56 -45.09
N ILE A 143 -10.37 9.69 -43.81
CA ILE A 143 -9.48 10.26 -42.81
C ILE A 143 -8.76 9.13 -42.07
N LYS A 144 -8.77 7.94 -42.66
CA LYS A 144 -8.12 6.78 -42.06
C LYS A 144 -6.63 7.00 -41.88
N ASP A 145 -6.01 7.62 -42.87
CA ASP A 145 -4.57 7.84 -42.85
C ASP A 145 -4.18 9.03 -41.99
N LYS A 146 -5.16 9.78 -41.51
CA LYS A 146 -4.88 10.92 -40.63
C LYS A 146 -4.79 10.47 -39.18
N LYS A 147 -3.80 11.01 -38.47
CA LYS A 147 -3.59 10.63 -37.07
C LYS A 147 -4.52 11.40 -36.16
N LEU A 148 -5.82 11.29 -36.44
CA LEU A 148 -6.83 12.00 -35.66
C LEU A 148 -7.00 11.40 -34.27
N PRO A 149 -7.02 12.26 -33.25
CA PRO A 149 -7.20 11.87 -31.86
C PRO A 149 -8.65 11.48 -31.61
N VAL A 150 -8.84 10.31 -31.00
CA VAL A 150 -10.18 9.82 -30.74
C VAL A 150 -10.62 10.17 -29.33
N GLY A 151 -11.87 10.61 -29.21
CA GLY A 151 -12.48 10.83 -27.91
C GLY A 151 -13.48 9.71 -27.75
N PHE A 152 -13.84 9.39 -26.52
CA PHE A 152 -14.82 8.32 -26.33
C PHE A 152 -15.76 8.68 -25.22
N THR A 153 -17.01 8.92 -25.56
CA THR A 153 -18.00 9.18 -24.55
C THR A 153 -18.67 7.88 -24.18
N PHE A 154 -18.46 7.44 -22.94
CA PHE A 154 -18.96 6.17 -22.46
C PHE A 154 -19.85 6.44 -21.24
N SER A 155 -21.13 6.14 -21.36
CA SER A 155 -22.15 6.57 -20.38
C SER A 155 -22.10 5.93 -18.99
N PHE A 156 -21.45 4.77 -18.91
CA PHE A 156 -21.43 4.01 -17.67
C PHE A 156 -20.37 4.43 -16.68
N PRO A 157 -20.53 4.06 -15.41
CA PRO A 157 -19.60 4.43 -14.35
C PRO A 157 -18.25 3.74 -14.51
N CYS A 158 -17.17 4.50 -14.40
CA CYS A 158 -15.85 3.94 -14.65
C CYS A 158 -14.79 4.34 -13.64
N GLN A 159 -13.87 3.42 -13.40
CA GLN A 159 -12.72 3.67 -12.54
C GLN A 159 -11.63 4.28 -13.42
N GLN A 160 -11.15 5.47 -13.06
CA GLN A 160 -10.15 6.14 -13.85
C GLN A 160 -9.00 6.74 -13.02
N SER A 161 -7.78 6.38 -13.41
CA SER A 161 -6.58 6.93 -12.78
C SER A 161 -5.91 7.89 -13.78
N LYS A 162 -6.29 7.74 -15.04
CA LYS A 162 -5.84 8.63 -16.10
C LYS A 162 -6.91 8.70 -17.20
N ILE A 163 -7.11 9.88 -17.76
CA ILE A 163 -8.17 10.11 -18.74
C ILE A 163 -8.29 9.07 -19.85
N ASP A 164 -7.18 8.46 -20.26
CA ASP A 164 -7.21 7.47 -21.34
C ASP A 164 -7.34 6.04 -20.82
N GLU A 165 -7.98 5.90 -19.67
CA GLU A 165 -8.23 4.61 -19.06
C GLU A 165 -9.66 4.60 -18.52
N ALA A 166 -10.38 3.50 -18.73
CA ALA A 166 -11.74 3.40 -18.26
C ALA A 166 -12.10 1.96 -17.90
N ILE A 167 -12.03 1.63 -16.62
CA ILE A 167 -12.38 0.31 -16.17
C ILE A 167 -13.85 0.30 -15.76
N LEU A 168 -14.67 -0.36 -16.57
CA LEU A 168 -16.10 -0.43 -16.32
C LEU A 168 -16.39 -1.01 -14.94
N ILE A 169 -16.99 -0.21 -14.08
CA ILE A 169 -17.37 -0.67 -12.76
C ILE A 169 -18.60 -1.57 -12.86
N THR A 170 -19.62 -1.09 -13.57
CA THR A 170 -20.85 -1.85 -13.74
C THR A 170 -21.74 -1.31 -14.84
N TRP A 171 -22.28 -2.19 -15.68
CA TRP A 171 -23.24 -1.80 -16.71
C TRP A 171 -24.48 -1.21 -16.06
N THR A 172 -25.14 -0.31 -16.78
CA THR A 172 -26.40 0.26 -16.34
C THR A 172 -27.31 0.41 -17.55
N LYS A 173 -28.51 0.93 -17.35
CA LYS A 173 -29.44 1.12 -18.46
C LYS A 173 -29.68 -0.16 -19.26
N ARG A 174 -29.37 -0.16 -20.56
CA ARG A 174 -29.77 -1.29 -21.41
C ARG A 174 -28.66 -2.27 -21.73
N PHE A 175 -27.46 -2.05 -21.21
CA PHE A 175 -26.35 -2.88 -21.62
C PHE A 175 -26.04 -3.95 -20.62
N LYS A 176 -25.84 -5.18 -21.12
CA LYS A 176 -25.06 -6.14 -20.36
C LYS A 176 -24.25 -6.97 -21.33
N ALA A 177 -22.95 -6.70 -21.44
CA ALA A 177 -22.12 -7.54 -22.30
C ALA A 177 -21.04 -8.23 -21.47
N SER A 178 -20.90 -9.54 -21.69
CA SER A 178 -19.94 -10.33 -20.94
C SER A 178 -18.51 -9.89 -21.23
N GLY A 179 -17.65 -9.97 -20.22
CA GLY A 179 -16.22 -9.73 -20.39
C GLY A 179 -15.85 -8.27 -20.50
N VAL A 180 -16.62 -7.42 -19.82
CA VAL A 180 -16.37 -5.98 -19.87
C VAL A 180 -16.23 -5.38 -18.47
N GLU A 181 -17.19 -5.66 -17.61
CA GLU A 181 -17.10 -5.17 -16.24
C GLU A 181 -15.77 -5.59 -15.62
N GLY A 182 -15.05 -4.63 -15.06
CA GLY A 182 -13.75 -4.91 -14.46
C GLY A 182 -12.59 -4.75 -15.43
N ALA A 183 -12.91 -4.65 -16.72
CA ALA A 183 -11.89 -4.46 -17.74
C ALA A 183 -11.77 -2.99 -18.16
N ASP A 184 -10.76 -2.70 -18.96
CA ASP A 184 -10.57 -1.35 -19.49
C ASP A 184 -11.11 -1.26 -20.91
N VAL A 185 -12.18 -0.51 -21.10
CA VAL A 185 -12.82 -0.41 -22.40
C VAL A 185 -11.88 0.16 -23.45
N VAL A 186 -10.87 0.89 -23.02
CA VAL A 186 -9.90 1.45 -23.95
C VAL A 186 -9.02 0.35 -24.53
N LYS A 187 -8.58 -0.58 -23.67
CA LYS A 187 -7.79 -1.71 -24.13
C LYS A 187 -8.66 -2.61 -25.01
N LEU A 188 -9.92 -2.77 -24.62
CA LEU A 188 -10.85 -3.62 -25.35
C LEU A 188 -11.13 -3.09 -26.75
N LEU A 189 -11.41 -1.80 -26.85
CA LEU A 189 -11.67 -1.20 -28.16
C LEU A 189 -10.42 -1.27 -29.01
N ASN A 190 -9.27 -0.95 -28.42
CA ASN A 190 -8.01 -1.03 -29.14
C ASN A 190 -7.78 -2.43 -29.69
N LYS A 191 -8.13 -3.44 -28.89
CA LYS A 191 -8.00 -4.81 -29.34
C LYS A 191 -8.88 -5.02 -30.56
N ALA A 192 -10.13 -4.59 -30.46
CA ALA A 192 -11.09 -4.74 -31.55
C ALA A 192 -10.50 -4.25 -32.87
N ILE A 193 -10.06 -3.00 -32.87
CA ILE A 193 -9.46 -2.39 -34.05
C ILE A 193 -8.30 -3.24 -34.56
N LYS A 194 -7.33 -3.48 -33.69
CA LYS A 194 -6.17 -4.30 -34.01
C LYS A 194 -6.56 -5.56 -34.78
N LYS A 195 -7.50 -6.32 -34.23
CA LYS A 195 -7.95 -7.55 -34.86
C LYS A 195 -8.43 -7.29 -36.29
N ARG A 196 -8.83 -6.06 -36.58
CA ARG A 196 -9.28 -5.69 -37.91
C ARG A 196 -8.10 -5.30 -38.80
N GLY A 197 -7.11 -4.64 -38.21
CA GLY A 197 -5.95 -4.16 -38.96
C GLY A 197 -6.41 -3.40 -40.18
N ASP A 198 -7.59 -2.80 -40.08
CA ASP A 198 -8.20 -2.05 -41.17
C ASP A 198 -7.82 -0.57 -41.09
N TYR A 199 -7.32 -0.16 -39.93
CA TYR A 199 -6.92 1.21 -39.69
C TYR A 199 -6.38 1.37 -38.29
N ASP A 200 -5.80 2.52 -37.99
CA ASP A 200 -5.28 2.82 -36.66
C ASP A 200 -6.14 3.86 -35.97
N ALA A 201 -6.06 3.92 -34.64
CA ALA A 201 -6.87 4.86 -33.88
C ALA A 201 -6.25 5.18 -32.52
N ASN A 202 -6.01 6.47 -32.28
CA ASN A 202 -5.41 6.91 -31.04
C ASN A 202 -6.46 7.36 -30.00
N ILE A 203 -7.05 6.39 -29.30
CA ILE A 203 -7.99 6.74 -28.22
C ILE A 203 -7.26 7.59 -27.20
N VAL A 204 -7.82 8.75 -26.86
CA VAL A 204 -7.09 9.67 -26.00
C VAL A 204 -7.85 10.06 -24.73
N ALA A 205 -9.15 9.82 -24.70
CA ALA A 205 -9.94 10.18 -23.54
C ALA A 205 -11.27 9.45 -23.50
N VAL A 206 -11.72 9.17 -22.28
CA VAL A 206 -13.03 8.59 -22.05
C VAL A 206 -13.74 9.51 -21.07
N VAL A 207 -14.92 9.96 -21.44
CA VAL A 207 -15.69 10.82 -20.55
C VAL A 207 -17.09 10.32 -20.41
N ASN A 208 -17.72 10.69 -19.30
CA ASN A 208 -19.11 10.38 -19.07
C ASN A 208 -19.96 11.38 -19.84
N ASP A 209 -21.12 10.94 -20.30
CA ASP A 209 -22.01 11.84 -21.03
C ASP A 209 -22.29 13.11 -20.22
N THR A 210 -22.35 12.97 -18.89
CA THR A 210 -22.56 14.15 -18.04
C THR A 210 -21.41 15.14 -18.24
N VAL A 211 -20.20 14.67 -17.97
CA VAL A 211 -19.01 15.48 -18.13
C VAL A 211 -18.93 16.13 -19.51
N GLY A 212 -19.27 15.36 -20.55
CA GLY A 212 -19.28 15.90 -21.91
C GLY A 212 -20.28 17.03 -22.07
N THR A 213 -21.40 16.92 -21.34
CA THR A 213 -22.44 17.93 -21.36
C THR A 213 -21.99 19.20 -20.67
N MET A 214 -21.43 19.05 -19.48
CA MET A 214 -20.90 20.20 -18.75
C MET A 214 -19.90 20.96 -19.60
N MET A 215 -19.10 20.21 -20.35
CA MET A 215 -18.09 20.80 -21.21
C MET A 215 -18.69 21.57 -22.39
N THR A 216 -19.74 21.00 -22.98
CA THR A 216 -20.44 21.64 -24.10
C THR A 216 -21.01 23.00 -23.71
N CYS A 217 -21.73 23.03 -22.59
CA CYS A 217 -22.32 24.28 -22.12
C CYS A 217 -21.26 25.27 -21.67
N GLY A 218 -20.27 24.79 -20.94
CA GLY A 218 -19.18 25.65 -20.48
C GLY A 218 -18.59 26.43 -21.64
N TYR A 219 -18.43 25.75 -22.77
CA TYR A 219 -17.85 26.37 -23.95
C TYR A 219 -18.55 27.68 -24.28
N ASP A 220 -19.85 27.76 -24.00
CA ASP A 220 -20.63 28.96 -24.29
C ASP A 220 -20.90 29.78 -23.04
N ASP A 221 -20.81 29.14 -21.88
CA ASP A 221 -21.08 29.82 -20.62
C ASP A 221 -20.02 29.47 -19.58
N GLN A 222 -19.09 30.39 -19.37
CA GLN A 222 -17.98 30.17 -18.44
C GLN A 222 -18.43 30.10 -16.98
N HIS A 223 -19.74 30.08 -16.74
CA HIS A 223 -20.24 29.96 -15.38
C HIS A 223 -20.74 28.55 -15.12
N CYS A 224 -20.73 27.73 -16.16
CA CYS A 224 -21.20 26.36 -16.08
C CYS A 224 -20.29 25.47 -15.24
N GLU A 225 -20.80 25.02 -14.10
CA GLU A 225 -20.04 24.16 -13.19
C GLU A 225 -20.71 22.80 -12.99
N VAL A 226 -21.76 22.53 -13.76
CA VAL A 226 -22.52 21.29 -13.60
C VAL A 226 -22.91 20.64 -14.92
N GLY A 227 -23.05 19.32 -14.89
CA GLY A 227 -23.46 18.56 -16.07
C GLY A 227 -24.57 17.61 -15.70
N LEU A 228 -25.72 17.74 -16.36
CA LEU A 228 -26.88 16.92 -16.04
C LEU A 228 -27.36 16.11 -17.23
N ILE A 229 -27.70 14.85 -16.98
CA ILE A 229 -28.21 13.99 -18.03
C ILE A 229 -29.48 13.27 -17.59
N ILE A 230 -30.62 13.74 -18.08
CA ILE A 230 -31.90 13.11 -17.79
C ILE A 230 -32.47 12.53 -19.06
N GLY A 231 -31.91 11.40 -19.50
CA GLY A 231 -32.36 10.72 -20.69
C GLY A 231 -32.64 9.27 -20.38
N THR A 232 -32.15 8.36 -21.21
CA THR A 232 -32.29 6.95 -20.95
C THR A 232 -32.05 6.68 -19.46
N GLY A 233 -30.92 7.18 -18.97
CA GLY A 233 -30.60 7.09 -17.54
C GLY A 233 -30.39 8.49 -16.98
N THR A 234 -30.11 8.58 -15.69
CA THR A 234 -29.85 9.88 -15.08
C THR A 234 -28.57 9.90 -14.28
N ASN A 235 -27.84 11.02 -14.39
CA ASN A 235 -26.57 11.18 -13.70
C ASN A 235 -26.12 12.63 -13.76
N ALA A 236 -25.25 13.04 -12.84
CA ALA A 236 -24.79 14.42 -12.82
C ALA A 236 -23.32 14.55 -12.42
N CYS A 237 -22.61 15.44 -13.09
CA CYS A 237 -21.21 15.75 -12.77
C CYS A 237 -21.09 17.21 -12.38
N TYR A 238 -20.12 17.53 -11.53
CA TYR A 238 -19.91 18.91 -11.12
C TYR A 238 -18.44 19.21 -10.83
N MET A 239 -18.09 20.49 -10.81
CA MET A 239 -16.72 20.91 -10.54
C MET A 239 -16.45 20.95 -9.05
N GLU A 240 -15.74 19.95 -8.56
CA GLU A 240 -15.42 19.84 -7.15
C GLU A 240 -14.00 20.33 -6.89
N GLU A 241 -13.74 20.79 -5.67
CA GLU A 241 -12.41 21.26 -5.30
C GLU A 241 -11.45 20.08 -5.11
N LEU A 242 -10.25 20.20 -5.65
CA LEU A 242 -9.27 19.12 -5.55
C LEU A 242 -8.88 18.85 -4.10
N ARG A 243 -9.09 19.83 -3.22
CA ARG A 243 -8.79 19.68 -1.80
C ARG A 243 -9.88 18.88 -1.08
N HIS A 244 -10.85 18.38 -1.82
CA HIS A 244 -11.93 17.59 -1.25
C HIS A 244 -11.98 16.20 -1.87
N ILE A 245 -11.23 16.02 -2.95
CA ILE A 245 -11.17 14.74 -3.63
C ILE A 245 -10.05 13.88 -3.04
N ASP A 246 -10.34 13.29 -1.89
CA ASP A 246 -9.39 12.45 -1.17
C ASP A 246 -8.67 11.45 -2.08
N LEU A 247 -9.40 10.88 -3.04
CA LEU A 247 -8.84 9.82 -3.88
C LEU A 247 -7.90 10.32 -4.99
N VAL A 248 -7.57 11.61 -4.97
CA VAL A 248 -6.64 12.16 -5.95
C VAL A 248 -5.63 13.08 -5.28
N GLU A 249 -4.35 12.72 -5.39
CA GLU A 249 -3.29 13.54 -4.79
C GLU A 249 -3.26 14.94 -5.39
N GLY A 250 -3.47 15.93 -4.54
CA GLY A 250 -3.42 17.33 -4.98
C GLY A 250 -4.59 18.15 -4.49
N ASP A 251 -4.30 19.41 -4.16
CA ASP A 251 -5.33 20.34 -3.70
C ASP A 251 -5.37 21.55 -4.62
N GLU A 252 -4.29 21.73 -5.37
CA GLU A 252 -4.21 22.82 -6.33
C GLU A 252 -5.34 22.71 -7.34
N GLY A 253 -6.22 23.70 -7.35
CA GLY A 253 -7.28 23.78 -8.34
C GLY A 253 -8.48 22.88 -8.08
N ARG A 254 -9.19 22.55 -9.15
CA ARG A 254 -10.40 21.76 -9.07
C ARG A 254 -10.44 20.67 -10.14
N MET A 255 -11.38 19.74 -9.97
CA MET A 255 -11.55 18.66 -10.94
C MET A 255 -13.02 18.27 -11.03
N CYS A 256 -13.44 17.88 -12.23
CA CYS A 256 -14.80 17.44 -12.44
C CYS A 256 -15.03 16.07 -11.81
N ILE A 257 -16.08 15.97 -11.00
CA ILE A 257 -16.43 14.72 -10.35
C ILE A 257 -17.74 14.18 -10.93
N ASN A 258 -17.70 12.92 -11.37
CA ASN A 258 -18.88 12.24 -11.84
C ASN A 258 -19.53 11.61 -10.62
N THR A 259 -20.75 12.00 -10.29
CA THR A 259 -21.37 11.46 -9.08
C THR A 259 -21.96 10.07 -9.27
N GLU A 260 -22.40 9.77 -10.48
CA GLU A 260 -23.09 8.50 -10.71
C GLU A 260 -24.14 8.32 -9.63
N TRP A 261 -25.01 9.32 -9.49
CA TRP A 261 -26.02 9.30 -8.43
C TRP A 261 -27.15 8.31 -8.70
N GLY A 262 -27.17 7.72 -9.89
CA GLY A 262 -28.21 6.75 -10.21
C GLY A 262 -28.28 5.67 -9.15
N ALA A 263 -27.12 5.36 -8.56
CA ALA A 263 -27.03 4.32 -7.55
C ALA A 263 -27.40 4.84 -6.18
N PHE A 264 -27.97 6.05 -6.14
CA PHE A 264 -28.39 6.62 -4.87
C PHE A 264 -29.44 5.73 -4.21
N GLY A 265 -29.07 5.12 -3.09
CA GLY A 265 -30.00 4.26 -2.36
C GLY A 265 -29.87 2.78 -2.69
N ASP A 266 -28.87 2.43 -3.48
CA ASP A 266 -28.65 1.02 -3.82
C ASP A 266 -28.38 0.18 -2.58
N ASP A 267 -28.31 0.84 -1.42
CA ASP A 267 -28.01 0.16 -0.17
C ASP A 267 -29.14 0.31 0.85
N GLY A 268 -30.36 0.59 0.37
CA GLY A 268 -31.50 0.74 1.25
C GLY A 268 -31.76 2.18 1.64
N SER A 269 -30.87 3.08 1.26
CA SER A 269 -30.97 4.51 1.57
C SER A 269 -32.40 5.06 1.41
N LEU A 270 -33.09 4.62 0.37
CA LEU A 270 -34.39 5.20 0.02
C LEU A 270 -35.52 4.18 0.06
N GLU A 271 -35.51 3.29 1.07
CA GLU A 271 -36.57 2.29 1.17
C GLU A 271 -37.91 2.89 1.57
N ASP A 272 -37.88 4.13 2.06
CA ASP A 272 -39.09 4.83 2.46
C ASP A 272 -39.67 5.62 1.30
N ILE A 273 -38.82 5.92 0.32
CA ILE A 273 -39.24 6.66 -0.86
C ILE A 273 -39.75 5.72 -1.92
N ARG A 274 -39.06 4.59 -2.09
CA ARG A 274 -39.45 3.60 -3.08
C ARG A 274 -40.80 2.99 -2.76
N THR A 275 -41.57 2.69 -3.80
CA THR A 275 -42.91 2.11 -3.60
C THR A 275 -43.02 0.71 -4.20
N GLU A 276 -44.15 0.07 -3.97
CA GLU A 276 -44.38 -1.28 -4.44
C GLU A 276 -44.16 -1.37 -5.94
N PHE A 277 -44.22 -0.25 -6.63
CA PHE A 277 -44.06 -0.23 -8.07
C PHE A 277 -42.59 -0.20 -8.47
N ASP A 278 -41.81 0.58 -7.73
CA ASP A 278 -40.37 0.66 -7.98
C ASP A 278 -39.74 -0.71 -7.74
N ARG A 279 -40.30 -1.44 -6.77
CA ARG A 279 -39.78 -2.75 -6.42
C ARG A 279 -40.05 -3.78 -7.50
N GLU A 280 -41.21 -3.66 -8.14
CA GLU A 280 -41.56 -4.61 -9.19
C GLU A 280 -40.80 -4.33 -10.48
N ILE A 281 -40.66 -3.06 -10.84
CA ILE A 281 -39.89 -2.72 -12.03
C ILE A 281 -38.47 -3.21 -11.86
N ASP A 282 -37.98 -3.13 -10.62
CA ASP A 282 -36.64 -3.57 -10.32
C ASP A 282 -36.48 -5.09 -10.48
N ARG A 283 -37.46 -5.84 -9.97
CA ARG A 283 -37.41 -7.30 -10.05
C ARG A 283 -37.45 -7.79 -11.49
N GLY A 284 -37.78 -6.89 -12.41
CA GLY A 284 -37.83 -7.24 -13.81
C GLY A 284 -36.79 -6.49 -14.63
N SER A 285 -35.93 -5.74 -13.93
CA SER A 285 -34.90 -4.95 -14.59
C SER A 285 -33.70 -5.82 -14.96
N LEU A 286 -32.79 -5.24 -15.73
CA LEU A 286 -31.53 -5.91 -16.09
C LEU A 286 -30.56 -5.94 -14.92
N ASN A 287 -30.56 -4.86 -14.13
CA ASN A 287 -29.65 -4.74 -13.00
C ASN A 287 -30.40 -4.72 -11.67
N PRO A 288 -30.94 -5.88 -11.27
CA PRO A 288 -31.72 -6.01 -10.05
C PRO A 288 -30.99 -5.47 -8.81
N GLY A 289 -31.60 -4.49 -8.15
CA GLY A 289 -31.07 -3.96 -6.91
C GLY A 289 -30.21 -2.72 -7.08
N LYS A 290 -29.78 -2.45 -8.31
CA LYS A 290 -28.88 -1.31 -8.57
C LYS A 290 -29.55 -0.17 -9.33
N GLN A 291 -29.00 1.02 -9.18
CA GLN A 291 -29.53 2.21 -9.85
C GLN A 291 -30.97 2.49 -9.40
N LEU A 292 -31.24 2.28 -8.13
CA LEU A 292 -32.58 2.45 -7.58
C LEU A 292 -33.12 3.88 -7.71
N PHE A 293 -32.25 4.87 -7.55
CA PHE A 293 -32.67 6.25 -7.68
C PHE A 293 -33.02 6.51 -9.15
N GLU A 294 -32.13 6.06 -10.03
CA GLU A 294 -32.33 6.21 -11.46
C GLU A 294 -33.61 5.55 -11.96
N LYS A 295 -33.95 4.40 -11.40
CA LYS A 295 -35.12 3.65 -11.84
C LYS A 295 -36.42 4.34 -11.45
N MET A 296 -36.30 5.50 -10.81
CA MET A 296 -37.46 6.32 -10.47
C MET A 296 -37.51 7.55 -11.35
N VAL A 297 -36.41 7.80 -12.07
CA VAL A 297 -36.26 9.05 -12.80
C VAL A 297 -36.16 8.91 -14.32
N SER A 298 -35.16 8.19 -14.80
CA SER A 298 -34.87 8.16 -16.24
C SER A 298 -36.01 7.61 -17.10
N GLY A 299 -35.92 7.86 -18.40
CA GLY A 299 -36.98 7.50 -19.35
C GLY A 299 -36.99 6.05 -19.77
N MET A 300 -36.03 5.27 -19.28
CA MET A 300 -36.03 3.84 -19.59
C MET A 300 -37.04 3.14 -18.68
N TYR A 301 -37.40 3.81 -17.59
CA TYR A 301 -38.25 3.21 -16.57
C TYR A 301 -39.63 3.85 -16.43
N LEU A 302 -39.71 5.18 -16.59
CA LEU A 302 -40.98 5.89 -16.43
C LEU A 302 -42.15 5.22 -17.16
N GLY A 303 -41.95 4.90 -18.43
CA GLY A 303 -42.97 4.25 -19.23
C GLY A 303 -43.49 2.97 -18.59
N GLU A 304 -42.57 2.12 -18.15
CA GLU A 304 -42.94 0.84 -17.54
C GLU A 304 -43.54 1.03 -16.16
N LEU A 305 -43.13 2.09 -15.46
CA LEU A 305 -43.72 2.38 -14.17
C LEU A 305 -45.20 2.64 -14.35
N VAL A 306 -45.52 3.52 -15.30
CA VAL A 306 -46.91 3.85 -15.59
C VAL A 306 -47.70 2.57 -15.87
N ARG A 307 -47.22 1.78 -16.83
CA ARG A 307 -47.89 0.53 -17.19
C ARG A 307 -48.16 -0.35 -15.99
N LEU A 308 -47.20 -0.41 -15.06
CA LEU A 308 -47.37 -1.25 -13.87
C LEU A 308 -48.48 -0.71 -12.97
N ILE A 309 -48.56 0.60 -12.85
CA ILE A 309 -49.61 1.22 -12.05
C ILE A 309 -50.98 0.96 -12.69
N LEU A 310 -51.03 1.07 -14.02
CA LEU A 310 -52.28 0.86 -14.75
C LEU A 310 -52.75 -0.59 -14.67
N VAL A 311 -51.81 -1.52 -14.57
CA VAL A 311 -52.16 -2.93 -14.45
C VAL A 311 -52.77 -3.19 -13.08
N LYS A 312 -52.21 -2.56 -12.05
CA LYS A 312 -52.71 -2.68 -10.69
C LYS A 312 -54.15 -2.17 -10.59
N MET A 313 -54.36 -0.95 -11.09
CA MET A 313 -55.68 -0.34 -11.07
C MET A 313 -56.69 -1.15 -11.87
N ALA A 314 -56.29 -1.49 -13.10
CA ALA A 314 -57.15 -2.29 -13.97
C ALA A 314 -57.61 -3.55 -13.25
N LYS A 315 -56.68 -4.23 -12.59
CA LYS A 315 -57.00 -5.43 -11.83
C LYS A 315 -57.99 -5.11 -10.70
N GLU A 316 -58.08 -3.83 -10.34
CA GLU A 316 -59.00 -3.41 -9.31
C GLU A 316 -60.21 -2.68 -9.89
N GLY A 317 -60.33 -2.69 -11.21
CA GLY A 317 -61.47 -2.09 -11.90
C GLY A 317 -61.51 -0.57 -11.93
N LEU A 318 -60.42 0.06 -11.52
CA LEU A 318 -60.35 1.53 -11.48
C LEU A 318 -60.18 2.12 -12.87
N LEU A 319 -59.97 1.26 -13.85
CA LEU A 319 -59.84 1.68 -15.23
C LEU A 319 -60.39 0.59 -16.12
N PHE A 320 -60.89 0.96 -17.28
CA PHE A 320 -61.28 -0.02 -18.29
C PHE A 320 -62.29 -1.01 -17.76
N GLU A 321 -63.09 -0.58 -16.80
CA GLU A 321 -64.10 -1.48 -16.31
C GLU A 321 -63.37 -2.69 -15.79
N GLY A 322 -62.15 -2.48 -15.31
CA GLY A 322 -61.33 -3.60 -14.88
C GLY A 322 -61.08 -4.52 -16.05
N ARG A 323 -61.14 -3.94 -17.26
CA ARG A 323 -60.76 -4.68 -18.45
C ARG A 323 -59.25 -4.88 -18.40
N ILE A 324 -58.76 -5.93 -19.05
CA ILE A 324 -57.34 -6.24 -18.99
C ILE A 324 -56.91 -7.08 -20.17
N THR A 325 -56.23 -6.46 -21.14
CA THR A 325 -55.78 -7.21 -22.31
C THR A 325 -54.37 -7.75 -22.11
N PRO A 326 -53.97 -8.74 -22.93
CA PRO A 326 -52.63 -9.30 -22.86
C PRO A 326 -51.55 -8.26 -23.11
N GLU A 327 -51.86 -7.26 -23.94
CA GLU A 327 -50.91 -6.20 -24.26
C GLU A 327 -50.62 -5.33 -23.03
N LEU A 328 -51.64 -5.12 -22.21
CA LEU A 328 -51.49 -4.31 -21.01
C LEU A 328 -50.57 -4.99 -20.00
N LEU A 329 -50.42 -6.31 -20.14
CA LEU A 329 -49.60 -7.09 -19.24
C LEU A 329 -48.21 -7.32 -19.80
N THR A 330 -48.05 -7.14 -21.11
CA THR A 330 -46.76 -7.31 -21.76
C THR A 330 -45.78 -6.23 -21.32
N ARG A 331 -44.55 -6.63 -21.06
CA ARG A 331 -43.51 -5.72 -20.61
C ARG A 331 -43.21 -4.64 -21.66
N GLY A 332 -43.12 -3.40 -21.19
CA GLY A 332 -42.75 -2.29 -22.05
C GLY A 332 -43.67 -2.00 -23.22
N LYS A 333 -44.94 -2.37 -23.09
CA LYS A 333 -45.93 -2.01 -24.11
C LYS A 333 -46.29 -0.53 -23.93
N PHE A 334 -45.90 0.03 -22.80
CA PHE A 334 -46.10 1.44 -22.54
C PHE A 334 -44.76 2.17 -22.56
N ASN A 335 -44.60 3.10 -23.49
CA ASN A 335 -43.36 3.86 -23.66
C ASN A 335 -43.39 5.21 -22.96
N THR A 336 -42.20 5.75 -22.68
CA THR A 336 -42.09 7.08 -22.13
C THR A 336 -42.51 8.06 -23.21
N SER A 337 -42.49 7.59 -24.45
CA SER A 337 -42.99 8.35 -25.58
C SER A 337 -44.45 8.67 -25.31
N ASP A 338 -45.21 7.62 -24.98
CA ASP A 338 -46.62 7.73 -24.68
C ASP A 338 -46.84 8.54 -23.41
N VAL A 339 -45.86 8.50 -22.52
CA VAL A 339 -45.94 9.29 -21.29
C VAL A 339 -45.70 10.76 -21.60
N SER A 340 -44.99 11.02 -22.70
CA SER A 340 -44.74 12.39 -23.14
C SER A 340 -45.87 12.88 -24.03
N ALA A 341 -46.44 11.98 -24.82
CA ALA A 341 -47.52 12.31 -25.74
C ALA A 341 -48.84 12.56 -24.98
N ILE A 342 -49.00 11.88 -23.84
CA ILE A 342 -50.20 12.06 -23.02
C ILE A 342 -50.26 13.42 -22.35
N GLU A 343 -49.11 14.06 -22.16
CA GLU A 343 -49.10 15.26 -21.32
C GLU A 343 -49.12 16.59 -22.07
N LYS A 344 -49.02 16.57 -23.39
CA LYS A 344 -49.13 17.84 -24.11
C LYS A 344 -50.53 18.40 -23.91
N ASN A 345 -50.63 19.71 -23.78
CA ASN A 345 -51.90 20.35 -23.46
C ASN A 345 -52.96 20.18 -24.53
N LYS A 346 -52.57 20.42 -25.77
CA LYS A 346 -53.51 20.39 -26.87
C LYS A 346 -54.17 19.04 -27.04
N GLU A 347 -53.35 18.00 -26.96
CA GLU A 347 -53.73 16.72 -27.52
C GLU A 347 -53.34 15.53 -26.65
N GLY A 348 -53.13 15.76 -25.36
CA GLY A 348 -52.75 14.65 -24.49
C GLY A 348 -53.83 13.59 -24.48
N LEU A 349 -55.06 14.05 -24.29
CA LEU A 349 -56.21 13.18 -24.19
C LEU A 349 -56.51 12.49 -25.53
N HIS A 350 -56.41 13.23 -26.62
CA HIS A 350 -56.61 12.63 -27.94
C HIS A 350 -55.57 11.55 -28.19
N ASN A 351 -54.33 11.82 -27.78
CA ASN A 351 -53.24 10.86 -27.87
C ASN A 351 -53.48 9.69 -26.93
N ALA A 352 -53.84 10.00 -25.70
CA ALA A 352 -54.15 8.96 -24.72
C ALA A 352 -55.10 7.94 -25.33
N LYS A 353 -56.23 8.45 -25.86
CA LYS A 353 -57.23 7.60 -26.49
C LYS A 353 -56.61 6.62 -27.47
N GLU A 354 -55.88 7.15 -28.45
CA GLU A 354 -55.24 6.32 -29.47
C GLU A 354 -54.31 5.29 -28.84
N ILE A 355 -53.45 5.75 -27.94
CA ILE A 355 -52.48 4.88 -27.27
C ILE A 355 -53.21 3.81 -26.47
N LEU A 356 -54.20 4.22 -25.69
CA LEU A 356 -54.95 3.29 -24.86
C LEU A 356 -55.74 2.31 -25.73
N THR A 357 -56.34 2.82 -26.79
CA THR A 357 -57.13 2.00 -27.68
C THR A 357 -56.30 0.89 -28.34
N ARG A 358 -55.09 1.23 -28.77
CA ARG A 358 -54.18 0.26 -29.39
C ARG A 358 -53.92 -0.90 -28.43
N LEU A 359 -53.97 -0.61 -27.14
CA LEU A 359 -53.67 -1.62 -26.12
C LEU A 359 -54.74 -2.70 -26.01
N GLY A 360 -55.96 -2.38 -26.42
CA GLY A 360 -57.05 -3.34 -26.35
C GLY A 360 -58.17 -2.96 -25.40
N VAL A 361 -57.82 -2.31 -24.30
CA VAL A 361 -58.81 -1.82 -23.35
C VAL A 361 -59.82 -0.97 -24.10
N GLU A 362 -60.97 -0.71 -23.49
CA GLU A 362 -61.96 0.15 -24.13
C GLU A 362 -61.86 1.55 -23.54
N PRO A 363 -60.90 2.34 -24.03
CA PRO A 363 -60.63 3.69 -23.52
C PRO A 363 -61.87 4.58 -23.54
N SER A 364 -62.36 4.93 -22.35
CA SER A 364 -63.43 5.91 -22.23
C SER A 364 -62.77 7.26 -22.10
N ASP A 365 -63.49 8.31 -22.47
CA ASP A 365 -62.95 9.65 -22.30
C ASP A 365 -62.54 9.86 -20.83
N ASP A 366 -63.12 9.06 -19.95
CA ASP A 366 -62.77 9.07 -18.53
C ASP A 366 -61.42 8.43 -18.29
N ASP A 367 -61.19 7.30 -18.95
CA ASP A 367 -59.93 6.58 -18.85
C ASP A 367 -58.76 7.44 -19.31
N CYS A 368 -58.95 8.13 -20.43
CA CYS A 368 -57.92 9.01 -20.97
C CYS A 368 -57.56 10.11 -19.98
N VAL A 369 -58.51 10.47 -19.12
CA VAL A 369 -58.30 11.51 -18.12
C VAL A 369 -57.57 10.96 -16.90
N SER A 370 -57.87 9.72 -16.55
CA SER A 370 -57.25 9.08 -15.40
C SER A 370 -55.80 8.70 -15.73
N VAL A 371 -55.63 8.08 -16.89
CA VAL A 371 -54.30 7.68 -17.35
C VAL A 371 -53.38 8.89 -17.46
N GLN A 372 -53.88 9.97 -18.03
CA GLN A 372 -53.10 11.19 -18.19
C GLN A 372 -52.68 11.76 -16.84
N HIS A 373 -53.40 11.40 -15.79
CA HIS A 373 -53.06 11.90 -14.47
C HIS A 373 -52.01 11.01 -13.81
N VAL A 374 -52.11 9.70 -14.06
CA VAL A 374 -51.10 8.77 -13.58
C VAL A 374 -49.74 9.16 -14.14
N CYS A 375 -49.71 9.44 -15.45
CA CYS A 375 -48.50 9.90 -16.10
C CYS A 375 -47.96 11.13 -15.39
N THR A 376 -48.83 12.08 -15.09
CA THR A 376 -48.45 13.30 -14.40
C THR A 376 -47.71 13.00 -13.10
N ILE A 377 -48.36 12.26 -12.21
CA ILE A 377 -47.77 11.91 -10.92
C ILE A 377 -46.39 11.25 -11.09
N VAL A 378 -46.30 10.34 -12.06
CA VAL A 378 -45.06 9.61 -12.32
C VAL A 378 -43.97 10.55 -12.85
N SER A 379 -44.28 11.29 -13.90
CA SER A 379 -43.30 12.20 -14.52
C SER A 379 -42.96 13.36 -13.59
N PHE A 380 -43.94 13.79 -12.80
CA PHE A 380 -43.71 14.87 -11.87
C PHE A 380 -42.69 14.42 -10.83
N ARG A 381 -42.86 13.21 -10.31
CA ARG A 381 -41.97 12.71 -9.27
C ARG A 381 -40.51 12.68 -9.71
N SER A 382 -40.24 12.06 -10.85
CA SER A 382 -38.88 12.01 -11.37
C SER A 382 -38.26 13.39 -11.27
N ALA A 383 -38.81 14.32 -12.04
CA ALA A 383 -38.32 15.70 -12.04
C ALA A 383 -38.07 16.22 -10.63
N ASN A 384 -39.04 16.04 -9.75
CA ASN A 384 -38.90 16.48 -8.36
C ASN A 384 -37.65 15.93 -7.70
N LEU A 385 -37.39 14.65 -7.90
CA LEU A 385 -36.24 13.98 -7.30
C LEU A 385 -34.93 14.59 -7.81
N VAL A 386 -34.81 14.69 -9.12
CA VAL A 386 -33.62 15.25 -9.73
C VAL A 386 -33.36 16.65 -9.20
N ALA A 387 -34.42 17.30 -8.73
CA ALA A 387 -34.31 18.63 -8.16
C ALA A 387 -33.79 18.53 -6.74
N ALA A 388 -34.19 17.44 -6.07
CA ALA A 388 -33.77 17.21 -4.70
C ALA A 388 -32.26 17.04 -4.64
N THR A 389 -31.73 16.21 -5.54
CA THR A 389 -30.31 15.92 -5.57
C THR A 389 -29.51 17.09 -6.15
N LEU A 390 -29.96 17.61 -7.27
CA LEU A 390 -29.29 18.76 -7.87
C LEU A 390 -29.10 19.81 -6.80
N GLY A 391 -30.16 20.03 -6.02
CA GLY A 391 -30.10 20.99 -4.93
C GLY A 391 -28.91 20.74 -4.04
N ALA A 392 -28.60 19.46 -3.82
CA ALA A 392 -27.46 19.09 -2.99
C ALA A 392 -26.16 19.55 -3.64
N ILE A 393 -26.05 19.35 -4.95
CA ILE A 393 -24.86 19.76 -5.67
C ILE A 393 -24.65 21.26 -5.53
N LEU A 394 -25.69 22.03 -5.81
CA LEU A 394 -25.62 23.48 -5.71
C LEU A 394 -25.24 23.89 -4.29
N ASN A 395 -25.94 23.33 -3.31
CA ASN A 395 -25.60 23.58 -1.91
C ASN A 395 -24.11 23.37 -1.63
N ARG A 396 -23.52 22.44 -2.36
CA ARG A 396 -22.09 22.14 -2.24
C ARG A 396 -21.27 23.28 -2.83
N LEU A 397 -21.64 23.68 -4.05
CA LEU A 397 -20.96 24.76 -4.76
C LEU A 397 -20.93 26.06 -3.96
N ARG A 398 -22.10 26.49 -3.48
CA ARG A 398 -22.15 27.73 -2.72
C ARG A 398 -21.26 27.62 -1.49
N ASP A 399 -21.44 26.54 -0.73
CA ASP A 399 -20.61 26.31 0.45
C ASP A 399 -19.14 26.39 0.09
N ASN A 400 -18.76 25.74 -1.00
CA ASN A 400 -17.38 25.79 -1.49
C ASN A 400 -16.89 27.22 -1.67
N LYS A 401 -17.56 27.95 -2.57
CA LYS A 401 -17.19 29.32 -2.87
C LYS A 401 -17.13 30.18 -1.60
N GLY A 402 -18.26 30.26 -0.90
CA GLY A 402 -18.37 31.09 0.29
C GLY A 402 -19.40 32.19 0.11
N THR A 403 -19.66 32.54 -1.14
CA THR A 403 -20.63 33.58 -1.47
C THR A 403 -22.00 33.30 -0.85
N PRO A 404 -22.64 34.34 -0.31
CA PRO A 404 -23.94 34.18 0.34
C PRO A 404 -25.03 33.85 -0.68
N ARG A 405 -24.66 33.86 -1.96
CA ARG A 405 -25.58 33.55 -3.03
C ARG A 405 -24.83 32.89 -4.17
N LEU A 406 -25.34 31.76 -4.64
CA LEU A 406 -24.68 31.04 -5.72
C LEU A 406 -25.20 31.47 -7.09
N ARG A 407 -24.29 31.59 -8.03
CA ARG A 407 -24.63 31.97 -9.40
C ARG A 407 -23.86 31.07 -10.34
N THR A 408 -24.57 30.20 -11.05
CA THR A 408 -23.92 29.25 -11.94
C THR A 408 -24.84 28.74 -13.03
N THR A 409 -24.24 28.13 -14.05
CA THR A 409 -25.00 27.55 -15.15
C THR A 409 -24.92 26.03 -15.10
N VAL A 410 -26.03 25.37 -15.39
CA VAL A 410 -26.11 23.92 -15.38
C VAL A 410 -26.40 23.37 -16.76
N GLY A 411 -25.46 22.60 -17.31
CA GLY A 411 -25.68 21.96 -18.60
C GLY A 411 -26.70 20.85 -18.47
N VAL A 412 -27.36 20.52 -19.58
CA VAL A 412 -28.35 19.44 -19.59
C VAL A 412 -28.50 18.77 -20.93
N ASP A 413 -28.97 17.53 -20.89
CA ASP A 413 -29.19 16.78 -22.11
C ASP A 413 -30.02 15.55 -21.80
N GLY A 414 -30.34 14.78 -22.84
CA GLY A 414 -31.07 13.53 -22.67
C GLY A 414 -32.55 13.63 -23.03
N SER A 415 -33.06 12.53 -23.59
CA SER A 415 -34.36 12.52 -24.26
C SER A 415 -35.56 12.94 -23.43
N LEU A 416 -35.66 12.45 -22.21
CA LEU A 416 -36.80 12.81 -21.37
C LEU A 416 -36.87 14.31 -21.12
N TYR A 417 -35.73 14.90 -20.79
CA TYR A 417 -35.69 16.34 -20.54
C TYR A 417 -36.00 17.09 -21.83
N LYS A 418 -35.61 16.51 -22.95
CA LYS A 418 -35.72 17.19 -24.24
C LYS A 418 -37.10 17.09 -24.90
N THR A 419 -37.84 16.01 -24.64
CA THR A 419 -39.11 15.81 -25.33
C THR A 419 -40.35 16.01 -24.47
N HIS A 420 -40.28 15.66 -23.19
CA HIS A 420 -41.46 15.82 -22.33
C HIS A 420 -41.84 17.28 -22.28
N PRO A 421 -43.10 17.60 -22.64
CA PRO A 421 -43.57 18.99 -22.67
C PRO A 421 -43.91 19.58 -21.31
N GLN A 422 -43.63 18.87 -20.22
CA GLN A 422 -43.92 19.39 -18.89
C GLN A 422 -42.76 19.21 -17.92
N TYR A 423 -41.84 18.30 -18.27
CA TYR A 423 -40.75 17.94 -17.38
C TYR A 423 -39.79 19.11 -17.13
N SER A 424 -39.20 19.65 -18.19
CA SER A 424 -38.27 20.76 -18.04
C SER A 424 -38.89 21.83 -17.15
N ARG A 425 -39.97 22.41 -17.65
CA ARG A 425 -40.71 23.43 -16.94
C ARG A 425 -40.87 23.14 -15.44
N ARG A 426 -41.46 21.99 -15.12
CA ARG A 426 -41.73 21.61 -13.73
C ARG A 426 -40.45 21.49 -12.89
N PHE A 427 -39.46 20.82 -13.46
CA PHE A 427 -38.20 20.57 -12.76
C PHE A 427 -37.50 21.86 -12.34
N HIS A 428 -37.33 22.76 -13.30
CA HIS A 428 -36.67 24.04 -13.03
C HIS A 428 -37.32 24.74 -11.84
N LYS A 429 -38.64 24.74 -11.83
CA LYS A 429 -39.40 25.40 -10.77
C LYS A 429 -39.14 24.77 -9.41
N THR A 430 -39.29 23.46 -9.32
CA THR A 430 -39.10 22.75 -8.06
C THR A 430 -37.69 22.99 -7.51
N LEU A 431 -36.70 22.95 -8.39
CA LEU A 431 -35.32 23.17 -7.98
C LEU A 431 -35.14 24.56 -7.37
N ARG A 432 -35.50 25.58 -8.14
CA ARG A 432 -35.36 26.96 -7.70
C ARG A 432 -36.04 27.19 -6.36
N ARG A 433 -37.08 26.40 -6.07
CA ARG A 433 -37.79 26.53 -4.80
C ARG A 433 -37.00 25.89 -3.67
N LEU A 434 -36.46 24.70 -3.91
CA LEU A 434 -35.68 23.99 -2.90
C LEU A 434 -34.40 24.72 -2.53
N VAL A 435 -33.87 25.48 -3.48
CA VAL A 435 -32.65 26.26 -3.26
C VAL A 435 -32.72 27.60 -3.97
N PRO A 436 -33.62 28.49 -3.50
CA PRO A 436 -33.78 29.82 -4.09
C PRO A 436 -32.63 30.74 -3.71
N ASP A 437 -31.68 30.21 -2.94
CA ASP A 437 -30.54 30.96 -2.48
C ASP A 437 -29.49 31.06 -3.59
N SER A 438 -29.91 30.74 -4.81
CA SER A 438 -29.00 30.75 -5.95
C SER A 438 -29.74 31.05 -7.25
N ASP A 439 -29.03 31.68 -8.18
CA ASP A 439 -29.59 32.05 -9.47
C ASP A 439 -29.00 31.16 -10.55
N VAL A 440 -29.70 30.08 -10.87
CA VAL A 440 -29.17 29.06 -11.78
C VAL A 440 -29.73 29.16 -13.20
N ARG A 441 -28.83 29.10 -14.18
CA ARG A 441 -29.24 29.09 -15.58
C ARG A 441 -29.19 27.66 -16.09
N PHE A 442 -30.14 27.29 -16.93
CA PHE A 442 -30.18 25.93 -17.47
C PHE A 442 -29.89 25.91 -18.96
N LEU A 443 -28.61 25.79 -19.31
CA LEU A 443 -28.26 25.70 -20.71
C LEU A 443 -28.44 24.26 -21.19
N LEU A 444 -29.09 24.10 -22.33
CA LEU A 444 -29.38 22.77 -22.85
C LEU A 444 -28.51 22.47 -24.06
N SER A 445 -27.67 21.44 -23.93
CA SER A 445 -26.86 21.02 -25.07
C SER A 445 -27.79 20.77 -26.25
N GLU A 446 -27.28 21.03 -27.44
CA GLU A 446 -28.04 20.82 -28.66
C GLU A 446 -27.20 19.94 -29.57
N SER A 447 -25.88 20.10 -29.45
CA SER A 447 -24.94 19.31 -30.20
C SER A 447 -24.80 17.92 -29.58
N GLY A 448 -25.25 17.79 -28.34
CA GLY A 448 -25.16 16.53 -27.61
C GLY A 448 -24.04 16.54 -26.59
N SER A 449 -22.94 15.88 -26.93
CA SER A 449 -21.77 15.82 -26.04
C SER A 449 -20.50 15.99 -26.85
N GLY A 450 -20.56 15.68 -28.13
CA GLY A 450 -19.41 15.79 -29.03
C GLY A 450 -18.54 17.01 -28.78
N LYS A 451 -19.16 18.19 -28.81
CA LYS A 451 -18.39 19.42 -28.61
C LYS A 451 -17.61 19.37 -27.30
N GLY A 452 -18.32 19.26 -26.18
CA GLY A 452 -17.67 19.15 -24.88
C GLY A 452 -16.63 18.05 -24.89
N ALA A 453 -16.99 16.90 -25.45
CA ALA A 453 -16.10 15.75 -25.51
C ALA A 453 -14.81 16.08 -26.26
N ALA A 454 -14.95 16.57 -27.49
CA ALA A 454 -13.79 16.92 -28.31
C ALA A 454 -12.97 18.01 -27.63
N MET A 455 -13.63 18.85 -26.84
CA MET A 455 -12.92 19.87 -26.07
C MET A 455 -12.04 19.20 -25.04
N VAL A 456 -12.42 17.97 -24.68
CA VAL A 456 -11.66 17.17 -23.74
C VAL A 456 -10.51 16.49 -24.45
N THR A 457 -10.81 15.85 -25.58
CA THR A 457 -9.78 15.23 -26.39
C THR A 457 -8.66 16.23 -26.66
N ALA A 458 -9.04 17.43 -27.07
CA ALA A 458 -8.08 18.48 -27.36
C ALA A 458 -7.02 18.57 -26.25
N VAL A 459 -7.47 18.89 -25.03
CA VAL A 459 -6.57 19.01 -23.88
C VAL A 459 -5.83 17.70 -23.62
N ALA A 460 -6.56 16.60 -23.50
CA ALA A 460 -5.95 15.29 -23.30
C ALA A 460 -4.80 15.06 -24.27
N TYR A 461 -5.12 15.03 -25.56
CA TYR A 461 -4.11 14.83 -26.62
C TYR A 461 -2.90 15.74 -26.44
N ARG A 462 -3.16 17.00 -26.12
CA ARG A 462 -2.11 17.97 -25.86
C ARG A 462 -1.15 17.42 -24.81
N LEU A 463 -1.70 16.89 -23.73
CA LEU A 463 -0.90 16.31 -22.66
C LEU A 463 -0.27 14.98 -23.05
N ALA A 464 -0.99 14.21 -23.86
CA ALA A 464 -0.49 12.94 -24.37
C ALA A 464 0.81 13.15 -25.14
N GLU A 465 0.82 14.17 -25.99
CA GLU A 465 2.00 14.49 -26.79
C GLU A 465 3.22 14.78 -25.92
N GLN A 466 3.05 15.63 -24.92
CA GLN A 466 4.12 15.92 -23.99
C GLN A 466 4.64 14.62 -23.40
N HIS A 467 3.71 13.85 -22.82
CA HIS A 467 4.07 12.58 -22.20
C HIS A 467 4.84 11.69 -23.16
N ARG A 468 4.42 11.63 -24.42
CA ARG A 468 5.10 10.80 -25.41
C ARG A 468 6.55 11.23 -25.56
N GLN A 469 6.79 12.53 -25.63
CA GLN A 469 8.15 13.05 -25.76
C GLN A 469 8.98 12.73 -24.53
N ILE A 470 8.37 12.91 -23.36
CA ILE A 470 9.01 12.57 -22.09
C ILE A 470 9.47 11.12 -22.12
N GLU A 471 8.52 10.21 -22.34
CA GLU A 471 8.79 8.78 -22.37
C GLU A 471 9.87 8.45 -23.39
N GLU A 472 9.83 9.15 -24.51
CA GLU A 472 10.78 8.92 -25.58
C GLU A 472 12.20 9.22 -25.08
N THR A 473 12.35 10.36 -24.44
CA THR A 473 13.65 10.77 -23.89
C THR A 473 14.12 9.82 -22.80
N LEU A 474 13.21 9.41 -21.92
CA LEU A 474 13.55 8.52 -20.83
C LEU A 474 13.80 7.10 -21.30
N ALA A 475 13.24 6.76 -22.46
CA ALA A 475 13.42 5.41 -23.00
C ALA A 475 14.89 5.08 -23.22
N HIS A 476 15.71 6.07 -23.53
CA HIS A 476 17.13 5.84 -23.74
C HIS A 476 17.88 5.42 -22.47
N PHE A 477 17.24 5.57 -21.32
CA PHE A 477 17.86 5.18 -20.05
C PHE A 477 17.45 3.77 -19.64
N HIS A 478 16.57 3.16 -20.43
CA HIS A 478 16.10 1.81 -20.18
C HIS A 478 17.06 0.81 -20.81
N LEU A 479 17.41 -0.23 -20.08
CA LEU A 479 18.31 -1.25 -20.61
C LEU A 479 17.64 -2.61 -20.54
N THR A 480 17.76 -3.38 -21.63
CA THR A 480 17.15 -4.70 -21.70
C THR A 480 18.10 -5.77 -21.16
N LYS A 481 17.53 -6.90 -20.73
CA LYS A 481 18.33 -8.00 -20.25
C LYS A 481 19.52 -8.19 -21.20
N ASP A 482 19.22 -8.27 -22.49
CA ASP A 482 20.27 -8.46 -23.49
C ASP A 482 21.30 -7.33 -23.52
N MET A 483 20.85 -6.09 -23.43
CA MET A 483 21.81 -4.99 -23.42
C MET A 483 22.70 -5.12 -22.18
N LEU A 484 22.08 -5.43 -21.05
CA LEU A 484 22.82 -5.62 -19.80
C LEU A 484 23.85 -6.74 -19.94
N LEU A 485 23.42 -7.88 -20.49
CA LEU A 485 24.34 -8.99 -20.74
C LEU A 485 25.50 -8.59 -21.64
N GLU A 486 25.26 -7.64 -22.53
CA GLU A 486 26.31 -7.13 -23.42
C GLU A 486 27.33 -6.35 -22.63
N VAL A 487 26.84 -5.54 -21.69
CA VAL A 487 27.71 -4.77 -20.83
C VAL A 487 28.59 -5.71 -20.04
N LYS A 488 27.96 -6.68 -19.39
CA LYS A 488 28.68 -7.69 -18.65
C LYS A 488 29.81 -8.21 -19.53
N LYS A 489 29.45 -8.66 -20.72
CA LYS A 489 30.44 -9.17 -21.67
C LYS A 489 31.57 -8.18 -21.95
N ARG A 490 31.22 -6.93 -22.26
CA ARG A 490 32.24 -5.91 -22.55
C ARG A 490 33.14 -5.69 -21.35
N MET A 491 32.55 -5.75 -20.16
CA MET A 491 33.28 -5.58 -18.91
C MET A 491 34.35 -6.66 -18.82
N ARG A 492 33.92 -7.91 -18.97
CA ARG A 492 34.81 -9.06 -18.90
C ARG A 492 35.93 -8.96 -19.91
N ALA A 493 35.61 -8.51 -21.13
CA ALA A 493 36.63 -8.36 -22.15
C ALA A 493 37.66 -7.34 -21.69
N GLU A 494 37.17 -6.20 -21.19
CA GLU A 494 38.05 -5.14 -20.75
C GLU A 494 38.87 -5.61 -19.56
N MET A 495 38.30 -6.54 -18.79
CA MET A 495 39.01 -7.10 -17.65
C MET A 495 40.25 -7.86 -18.12
N GLU A 496 40.09 -8.67 -19.16
CA GLU A 496 41.20 -9.44 -19.73
C GLU A 496 42.27 -8.52 -20.31
N LEU A 497 41.85 -7.53 -21.11
CA LEU A 497 42.80 -6.59 -21.68
C LEU A 497 43.66 -5.97 -20.60
N GLY A 498 43.05 -5.72 -19.44
CA GLY A 498 43.74 -5.06 -18.34
C GLY A 498 44.72 -5.96 -17.62
N LEU A 499 44.38 -7.24 -17.49
CA LEU A 499 45.24 -8.20 -16.80
C LEU A 499 46.47 -8.60 -17.60
N ARG A 500 46.32 -8.71 -18.92
CA ARG A 500 47.37 -9.20 -19.80
C ARG A 500 48.41 -8.13 -20.18
N LYS A 501 49.67 -8.47 -19.92
CA LYS A 501 50.82 -7.59 -20.14
C LYS A 501 50.88 -6.90 -21.51
N GLN A 502 50.39 -7.59 -22.53
CA GLN A 502 50.45 -7.07 -23.88
C GLN A 502 49.46 -5.92 -24.06
N THR A 503 48.20 -6.21 -23.78
CA THR A 503 47.11 -5.26 -23.99
C THR A 503 46.94 -4.27 -22.84
N HIS A 504 47.74 -4.43 -21.78
CA HIS A 504 47.55 -3.64 -20.57
C HIS A 504 47.71 -2.13 -20.73
N ASN A 505 48.71 -1.72 -21.50
CA ASN A 505 49.01 -0.28 -21.62
C ASN A 505 47.89 0.52 -22.25
N ASN A 506 47.10 -0.14 -23.09
CA ASN A 506 45.99 0.52 -23.77
C ASN A 506 44.65 0.27 -23.11
N ALA A 507 44.57 -0.80 -22.33
CA ALA A 507 43.34 -1.15 -21.63
C ALA A 507 42.88 0.03 -20.77
N VAL A 508 41.56 0.29 -20.77
CA VAL A 508 41.00 1.37 -19.98
C VAL A 508 40.66 0.91 -18.56
N VAL A 509 40.35 -0.38 -18.41
CA VAL A 509 40.13 -0.94 -17.09
C VAL A 509 41.45 -1.51 -16.60
N LYS A 510 42.15 -0.73 -15.79
CA LYS A 510 43.56 -0.98 -15.46
C LYS A 510 43.89 -2.25 -14.67
N MET A 511 42.92 -2.81 -13.94
CA MET A 511 43.18 -4.01 -13.17
C MET A 511 44.50 -3.91 -12.38
N LEU A 512 44.59 -2.89 -11.53
CA LEU A 512 45.81 -2.63 -10.74
C LEU A 512 46.01 -3.59 -9.57
N PRO A 513 47.27 -4.00 -9.33
CA PRO A 513 47.59 -4.89 -8.22
C PRO A 513 47.59 -4.15 -6.89
N SER A 514 47.03 -4.77 -5.86
CA SER A 514 46.92 -4.16 -4.55
C SER A 514 48.06 -4.64 -3.66
N PHE A 515 48.59 -5.80 -4.00
CA PHE A 515 49.65 -6.43 -3.22
C PHE A 515 49.13 -6.92 -1.89
N VAL A 516 47.81 -7.09 -1.83
CA VAL A 516 47.19 -7.75 -0.71
C VAL A 516 46.90 -9.15 -1.23
N ARG A 517 47.59 -10.15 -0.71
CA ARG A 517 47.55 -11.50 -1.27
C ARG A 517 46.51 -12.43 -0.63
N ARG A 518 46.01 -12.07 0.54
CA ARG A 518 45.04 -12.93 1.22
C ARG A 518 44.18 -12.13 2.18
N THR A 519 42.98 -12.65 2.46
CA THR A 519 42.09 -12.02 3.41
C THR A 519 42.61 -12.29 4.82
N PRO A 520 42.07 -11.59 5.82
CA PRO A 520 42.56 -11.76 7.19
C PRO A 520 42.66 -13.23 7.61
N ASP A 521 43.80 -13.60 8.17
CA ASP A 521 44.02 -14.97 8.62
C ASP A 521 43.90 -15.12 10.14
N GLY A 522 43.50 -14.04 10.81
CA GLY A 522 43.22 -14.10 12.24
C GLY A 522 44.42 -13.98 13.15
N THR A 523 45.59 -13.69 12.59
CA THR A 523 46.79 -13.53 13.41
C THR A 523 47.14 -12.06 13.56
N GLU A 524 46.56 -11.21 12.72
CA GLU A 524 46.85 -9.80 12.81
C GLU A 524 46.69 -9.34 14.26
N ASN A 525 47.62 -8.51 14.71
CA ASN A 525 47.63 -8.02 16.08
C ASN A 525 48.40 -6.70 16.14
N GLY A 526 48.00 -5.82 17.05
CA GLY A 526 48.72 -4.56 17.22
C GLY A 526 47.86 -3.32 17.16
N ASP A 527 48.53 -2.16 17.21
CA ASP A 527 47.85 -0.88 17.13
C ASP A 527 48.32 -0.17 15.85
N PHE A 528 47.37 0.28 15.04
CA PHE A 528 47.70 0.93 13.77
C PHE A 528 47.00 2.27 13.58
N LEU A 529 47.69 3.21 12.93
CA LEU A 529 47.06 4.46 12.52
C LEU A 529 46.59 4.30 11.09
N ALA A 530 45.59 5.08 10.70
CA ALA A 530 45.08 4.98 9.34
C ALA A 530 44.59 6.31 8.81
N LEU A 531 44.58 6.43 7.49
CA LEU A 531 44.11 7.60 6.80
C LEU A 531 42.99 7.20 5.85
N ASP A 532 41.99 8.05 5.74
CA ASP A 532 40.87 7.79 4.85
C ASP A 532 40.63 9.02 4.00
N LEU A 533 41.16 9.01 2.78
CA LEU A 533 41.05 10.17 1.92
C LEU A 533 40.50 9.78 0.56
N GLY A 534 39.51 10.53 0.07
CA GLY A 534 38.92 10.25 -1.22
C GLY A 534 37.40 10.12 -1.21
N GLY A 535 36.86 9.71 -0.06
CA GLY A 535 35.42 9.62 0.13
C GLY A 535 34.86 10.98 0.51
N THR A 536 33.63 11.03 1.00
CA THR A 536 33.05 12.32 1.37
C THR A 536 33.76 12.90 2.59
N ASN A 537 34.15 12.04 3.51
CA ASN A 537 34.79 12.51 4.73
C ASN A 537 36.21 12.01 4.86
N PHE A 538 37.13 12.95 5.01
CA PHE A 538 38.51 12.61 5.25
C PHE A 538 38.70 12.46 6.75
N ARG A 539 39.23 11.31 7.16
CA ARG A 539 39.45 11.10 8.58
C ARG A 539 40.76 10.39 8.88
N VAL A 540 41.12 10.39 10.16
CA VAL A 540 42.31 9.70 10.64
C VAL A 540 41.84 8.70 11.67
N LEU A 541 42.48 7.54 11.74
CA LEU A 541 42.00 6.52 12.66
C LEU A 541 43.08 5.80 13.44
N LEU A 542 42.69 5.33 14.63
CA LEU A 542 43.52 4.47 15.44
C LEU A 542 42.76 3.16 15.56
N VAL A 543 43.38 2.07 15.10
CA VAL A 543 42.71 0.79 15.13
C VAL A 543 43.53 -0.24 15.90
N LYS A 544 42.95 -0.78 16.96
CA LYS A 544 43.62 -1.77 17.78
C LYS A 544 43.01 -3.14 17.54
N ILE A 545 43.84 -4.08 17.09
CA ILE A 545 43.39 -5.44 16.82
C ILE A 545 44.09 -6.42 17.76
N ARG A 546 43.32 -7.29 18.38
CA ARG A 546 43.88 -8.29 19.27
C ARG A 546 43.43 -9.67 18.81
N SER A 547 44.39 -10.46 18.32
CA SER A 547 44.10 -11.80 17.83
C SER A 547 44.02 -12.81 18.97
N GLY A 548 44.04 -14.09 18.60
CA GLY A 548 43.99 -15.15 19.59
C GLY A 548 42.58 -15.60 19.91
N LYS A 549 42.45 -16.41 20.95
CA LYS A 549 41.15 -16.92 21.37
C LYS A 549 40.11 -15.82 21.40
N LYS A 550 40.32 -14.85 22.30
CA LYS A 550 39.42 -13.71 22.43
C LYS A 550 39.94 -12.56 21.59
N ARG A 551 39.49 -12.49 20.35
CA ARG A 551 39.94 -11.46 19.41
C ARG A 551 39.02 -10.25 19.44
N THR A 552 39.62 -9.06 19.35
CA THR A 552 38.84 -7.82 19.40
C THR A 552 39.37 -6.75 18.47
N VAL A 553 38.50 -5.79 18.13
CA VAL A 553 38.86 -4.65 17.32
C VAL A 553 38.31 -3.39 17.98
N GLU A 554 39.19 -2.42 18.22
CA GLU A 554 38.79 -1.17 18.84
C GLU A 554 39.30 -0.02 18.00
N MET A 555 38.41 0.87 17.60
CA MET A 555 38.85 1.99 16.77
C MET A 555 38.24 3.34 17.13
N HIS A 556 38.96 4.38 16.77
CA HIS A 556 38.53 5.74 16.97
C HIS A 556 38.90 6.50 15.70
N ASN A 557 38.18 7.56 15.42
CA ASN A 557 38.50 8.39 14.27
C ASN A 557 37.97 9.80 14.46
N LYS A 558 38.31 10.68 13.52
CA LYS A 558 37.83 12.05 13.55
C LYS A 558 37.83 12.61 12.15
N ILE A 559 36.74 13.26 11.78
CA ILE A 559 36.63 13.85 10.47
C ILE A 559 37.35 15.19 10.45
N TYR A 560 38.15 15.40 9.43
CA TYR A 560 38.82 16.68 9.26
C TYR A 560 38.39 17.25 7.92
N ALA A 561 38.02 18.53 7.91
CA ALA A 561 37.60 19.15 6.66
C ALA A 561 38.82 19.46 5.81
N ILE A 562 38.61 19.49 4.50
CA ILE A 562 39.65 19.97 3.60
C ILE A 562 39.06 21.04 2.70
N PRO A 563 39.47 22.29 2.93
CA PRO A 563 39.00 23.44 2.16
C PRO A 563 39.29 23.28 0.68
N ILE A 564 38.27 23.57 -0.15
CA ILE A 564 38.42 23.37 -1.60
C ILE A 564 39.74 23.93 -2.05
N GLU A 565 40.05 25.11 -1.53
CA GLU A 565 41.24 25.80 -1.94
C GLU A 565 42.42 24.84 -1.76
N ILE A 566 42.46 24.14 -0.63
CA ILE A 566 43.48 23.11 -0.42
C ILE A 566 43.25 21.86 -1.27
N MET A 567 42.00 21.45 -1.40
CA MET A 567 41.64 20.25 -2.14
C MET A 567 42.02 20.35 -3.61
N GLN A 568 42.46 21.52 -4.03
CA GLN A 568 42.92 21.73 -5.40
C GLN A 568 44.06 22.74 -5.44
N GLY A 569 44.76 22.89 -4.32
CA GLY A 569 45.96 23.70 -4.26
C GLY A 569 47.14 22.92 -4.82
N THR A 570 48.23 22.89 -4.08
CA THR A 570 49.42 22.16 -4.51
C THR A 570 49.58 20.87 -3.72
N GLY A 571 50.30 19.91 -4.30
CA GLY A 571 50.58 18.65 -3.61
C GLY A 571 51.08 18.90 -2.20
N GLU A 572 52.17 19.65 -2.08
CA GLU A 572 52.75 19.96 -0.77
C GLU A 572 51.69 20.45 0.20
N GLU A 573 50.90 21.41 -0.25
CA GLU A 573 49.84 21.97 0.58
C GLU A 573 48.92 20.87 1.10
N LEU A 574 48.46 20.02 0.18
CA LEU A 574 47.51 18.97 0.51
C LEU A 574 48.04 18.03 1.61
N PHE A 575 49.28 17.57 1.45
CA PHE A 575 49.85 16.62 2.41
C PHE A 575 50.38 17.30 3.68
N ASP A 576 50.57 18.61 3.63
CA ASP A 576 50.96 19.35 4.82
C ASP A 576 49.74 19.46 5.72
N HIS A 577 48.58 19.59 5.07
CA HIS A 577 47.33 19.64 5.79
C HIS A 577 47.01 18.28 6.38
N ILE A 578 47.17 17.24 5.57
CA ILE A 578 46.92 15.88 6.01
C ILE A 578 47.76 15.55 7.23
N VAL A 579 49.07 15.71 7.10
CA VAL A 579 50.00 15.43 8.18
C VAL A 579 49.67 16.28 9.39
N SER A 580 49.22 17.51 9.14
CA SER A 580 48.81 18.40 10.21
C SER A 580 47.65 17.76 10.96
N CYS A 581 46.69 17.23 10.21
CA CYS A 581 45.55 16.53 10.78
C CYS A 581 46.00 15.32 11.57
N ILE A 582 47.03 14.63 11.07
CA ILE A 582 47.56 13.47 11.75
C ILE A 582 48.10 13.85 13.11
N SER A 583 48.85 14.96 13.15
CA SER A 583 49.39 15.46 14.40
C SER A 583 48.28 15.70 15.41
N ASP A 584 47.25 16.41 14.97
CA ASP A 584 46.11 16.74 15.82
C ASP A 584 45.50 15.47 16.41
N PHE A 585 45.24 14.49 15.55
CA PHE A 585 44.64 13.23 15.98
C PHE A 585 45.50 12.54 17.04
N LEU A 586 46.82 12.59 16.86
CA LEU A 586 47.74 12.00 17.80
C LEU A 586 47.61 12.63 19.18
N ASP A 587 47.54 13.95 19.23
CA ASP A 587 47.32 14.65 20.50
C ASP A 587 45.99 14.19 21.10
N TYR A 588 44.97 14.20 20.25
CA TYR A 588 43.61 13.78 20.59
C TYR A 588 43.56 12.41 21.26
N MET A 589 44.21 11.42 20.66
CA MET A 589 44.21 10.07 21.19
C MET A 589 45.21 9.92 22.34
N GLY A 590 45.92 11.00 22.64
CA GLY A 590 46.92 10.99 23.71
C GLY A 590 48.06 10.02 23.46
N ILE A 591 48.44 9.91 22.19
CA ILE A 591 49.47 8.96 21.82
C ILE A 591 50.61 9.54 21.00
N LYS A 592 50.73 10.87 20.97
CA LYS A 592 51.87 11.41 20.24
C LYS A 592 53.17 11.05 20.95
N GLY A 593 54.12 10.50 20.20
CA GLY A 593 55.43 10.16 20.72
C GLY A 593 56.03 9.01 19.94
N PRO A 594 55.44 7.82 20.10
CA PRO A 594 55.84 6.56 19.49
C PRO A 594 55.84 6.65 17.97
N ARG A 595 56.58 5.76 17.34
CA ARG A 595 56.56 5.65 15.90
C ARG A 595 55.60 4.53 15.56
N MET A 596 54.44 4.89 14.99
CA MET A 596 53.40 3.91 14.69
C MET A 596 53.31 3.55 13.20
N PRO A 597 52.87 2.32 12.91
CA PRO A 597 52.65 1.88 11.54
C PRO A 597 51.36 2.49 11.01
N LEU A 598 51.31 2.80 9.72
CA LEU A 598 50.15 3.50 9.18
C LEU A 598 49.68 2.97 7.84
N GLY A 599 48.38 2.69 7.76
CA GLY A 599 47.76 2.28 6.52
C GLY A 599 47.10 3.50 5.89
N PHE A 600 47.42 3.77 4.63
CA PHE A 600 46.91 4.97 3.98
C PHE A 600 45.84 4.65 2.94
N THR A 601 44.57 4.71 3.35
CA THR A 601 43.47 4.49 2.41
C THR A 601 43.34 5.69 1.49
N PHE A 602 43.75 5.53 0.24
CA PHE A 602 43.78 6.61 -0.73
C PHE A 602 42.95 6.19 -1.95
N SER A 603 41.72 6.67 -2.02
CA SER A 603 40.75 6.23 -3.03
C SER A 603 40.97 6.79 -4.43
N PHE A 604 42.08 6.41 -5.05
CA PHE A 604 42.41 6.86 -6.39
C PHE A 604 43.29 5.83 -7.07
N PRO A 605 43.14 5.68 -8.40
CA PRO A 605 43.91 4.70 -9.15
C PRO A 605 45.41 4.91 -8.99
N CYS A 606 46.10 3.91 -8.41
CA CYS A 606 47.54 4.00 -8.18
C CYS A 606 48.28 2.82 -8.76
N GLN A 607 49.44 3.09 -9.36
CA GLN A 607 50.31 2.03 -9.86
C GLN A 607 51.23 1.63 -8.72
N GLN A 608 51.12 0.40 -8.25
CA GLN A 608 51.95 -0.04 -7.13
C GLN A 608 53.00 -1.06 -7.56
N THR A 609 54.15 -1.00 -6.90
CA THR A 609 55.23 -1.93 -7.18
C THR A 609 55.47 -2.73 -5.91
N SER A 610 54.80 -2.30 -4.85
CA SER A 610 54.87 -2.95 -3.54
C SER A 610 53.72 -2.39 -2.72
N LEU A 611 53.41 -3.04 -1.60
CA LEU A 611 52.31 -2.59 -0.75
C LEU A 611 52.47 -1.16 -0.29
N ASP A 612 53.71 -0.69 -0.14
CA ASP A 612 53.91 0.65 0.39
C ASP A 612 54.28 1.70 -0.65
N ALA A 613 54.19 1.35 -1.93
CA ALA A 613 54.44 2.35 -2.96
C ALA A 613 53.25 2.46 -3.88
N GLY A 614 52.76 3.67 -4.09
CA GLY A 614 51.65 3.82 -5.02
C GLY A 614 51.72 5.14 -5.75
N ILE A 615 51.89 5.08 -7.07
CA ILE A 615 52.00 6.31 -7.84
C ILE A 615 50.65 6.69 -8.41
N LEU A 616 50.21 7.91 -8.14
CA LEU A 616 48.90 8.35 -8.59
C LEU A 616 48.85 8.41 -10.12
N ILE A 617 48.00 7.59 -10.70
CA ILE A 617 47.81 7.55 -12.15
C ILE A 617 47.07 8.78 -12.67
N THR A 618 46.03 9.18 -11.96
CA THR A 618 45.20 10.31 -12.35
C THR A 618 44.22 10.62 -11.23
N TRP A 619 43.84 11.89 -11.11
CA TRP A 619 42.83 12.27 -10.13
C TRP A 619 41.45 11.84 -10.64
N THR A 620 40.55 11.54 -9.71
CA THR A 620 39.17 11.23 -10.07
C THR A 620 38.24 11.97 -9.15
N LYS A 621 36.94 11.92 -9.41
CA LYS A 621 35.98 12.60 -8.58
C LYS A 621 36.25 14.09 -8.58
N GLY A 622 36.36 14.67 -7.40
CA GLY A 622 36.50 16.11 -7.30
C GLY A 622 37.88 16.63 -6.94
N PHE A 623 38.88 15.77 -6.93
CA PHE A 623 40.20 16.20 -6.52
C PHE A 623 41.05 16.61 -7.69
N LYS A 624 41.71 17.78 -7.58
CA LYS A 624 42.67 18.11 -8.62
C LYS A 624 43.86 18.88 -8.07
N ALA A 625 44.53 18.35 -7.07
CA ALA A 625 45.71 19.02 -6.54
C ALA A 625 46.87 18.95 -7.55
N THR A 626 47.65 20.02 -7.62
CA THR A 626 48.75 20.07 -8.56
C THR A 626 49.96 19.29 -8.06
N ASP A 627 50.74 18.80 -9.01
CA ASP A 627 51.95 18.05 -8.72
C ASP A 627 51.71 16.84 -7.84
N CYS A 628 50.73 16.02 -8.23
CA CYS A 628 50.43 14.79 -7.52
C CYS A 628 50.42 13.62 -8.47
N VAL A 629 49.76 13.79 -9.61
CA VAL A 629 49.73 12.75 -10.62
C VAL A 629 51.16 12.43 -11.02
N GLY A 630 51.49 11.14 -11.05
CA GLY A 630 52.83 10.73 -11.43
C GLY A 630 53.78 10.52 -10.26
N HIS A 631 53.40 11.05 -9.10
CA HIS A 631 54.20 10.89 -7.89
C HIS A 631 53.73 9.69 -7.07
N ASP A 632 54.60 9.20 -6.21
CA ASP A 632 54.26 8.14 -5.27
C ASP A 632 53.61 8.82 -4.07
N VAL A 633 52.33 8.56 -3.85
CA VAL A 633 51.60 9.24 -2.79
C VAL A 633 52.19 8.96 -1.40
N VAL A 634 52.90 7.85 -1.27
CA VAL A 634 53.56 7.52 -0.02
C VAL A 634 54.78 8.40 0.18
N THR A 635 55.47 8.72 -0.91
CA THR A 635 56.62 9.61 -0.84
C THR A 635 56.13 10.99 -0.42
N LEU A 636 55.10 11.48 -1.10
CA LEU A 636 54.54 12.80 -0.78
C LEU A 636 54.18 12.90 0.70
N LEU A 637 53.62 11.83 1.25
CA LEU A 637 53.23 11.81 2.65
C LEU A 637 54.45 11.89 3.56
N ARG A 638 55.44 11.04 3.29
CA ARG A 638 56.68 11.03 4.07
C ARG A 638 57.35 12.40 4.09
N ASP A 639 57.37 13.06 2.92
CA ASP A 639 57.93 14.40 2.81
C ASP A 639 57.25 15.36 3.77
N ALA A 640 55.93 15.35 3.77
CA ALA A 640 55.14 16.23 4.63
C ALA A 640 55.38 15.90 6.10
N ILE A 641 55.65 14.63 6.39
CA ILE A 641 55.95 14.21 7.74
C ILE A 641 57.32 14.76 8.13
N LYS A 642 58.26 14.67 7.20
CA LYS A 642 59.59 15.22 7.42
C LYS A 642 59.56 16.72 7.55
N ARG A 643 58.74 17.38 6.75
CA ARG A 643 58.74 18.83 6.84
C ARG A 643 58.37 19.29 8.25
N ARG A 644 57.32 18.73 8.80
CA ARG A 644 56.83 19.13 10.12
C ARG A 644 57.85 18.80 11.20
N GLU A 645 58.46 17.62 11.07
CA GLU A 645 59.56 17.22 11.93
C GLU A 645 59.08 16.99 13.36
N GLU A 646 57.77 17.12 13.54
CA GLU A 646 57.18 16.94 14.87
C GLU A 646 57.19 15.48 15.32
N PHE A 647 56.98 14.55 14.41
CA PHE A 647 56.91 13.15 14.76
C PHE A 647 57.24 12.34 13.53
N ASP A 648 57.51 11.06 13.71
CA ASP A 648 57.86 10.20 12.59
C ASP A 648 57.01 8.95 12.58
N LEU A 649 56.51 8.57 11.42
CA LEU A 649 55.68 7.39 11.29
C LEU A 649 56.28 6.39 10.32
N ASP A 650 55.76 5.16 10.39
CA ASP A 650 56.17 4.12 9.49
C ASP A 650 55.01 3.78 8.56
N VAL A 651 54.88 4.53 7.47
CA VAL A 651 53.85 4.25 6.49
C VAL A 651 54.08 2.87 5.88
N VAL A 652 53.23 1.92 6.23
CA VAL A 652 53.39 0.54 5.80
C VAL A 652 52.61 0.20 4.54
N ALA A 653 51.49 0.88 4.31
CA ALA A 653 50.64 0.52 3.19
C ALA A 653 49.84 1.66 2.58
N VAL A 654 49.56 1.56 1.29
CA VAL A 654 48.64 2.44 0.62
C VAL A 654 47.53 1.56 0.06
N VAL A 655 46.29 1.89 0.40
CA VAL A 655 45.16 1.02 0.08
C VAL A 655 44.01 1.76 -0.59
N ASN A 656 43.40 1.10 -1.56
CA ASN A 656 42.20 1.62 -2.20
C ASN A 656 40.98 1.27 -1.36
N ASP A 657 40.03 2.18 -1.24
CA ASP A 657 38.84 1.94 -0.44
C ASP A 657 38.12 0.62 -0.79
N THR A 658 38.14 0.23 -2.06
CA THR A 658 37.53 -1.03 -2.45
C THR A 658 38.16 -2.15 -1.63
N VAL A 659 39.47 -2.30 -1.80
CA VAL A 659 40.26 -3.30 -1.09
C VAL A 659 40.06 -3.22 0.43
N GLY A 660 40.13 -2.01 0.98
CA GLY A 660 39.92 -1.83 2.42
C GLY A 660 38.57 -2.36 2.84
N THR A 661 37.57 -2.14 1.99
CA THR A 661 36.21 -2.59 2.25
C THR A 661 36.11 -4.10 2.24
N MET A 662 36.80 -4.73 1.29
CA MET A 662 36.80 -6.19 1.20
C MET A 662 37.44 -6.81 2.44
N MET A 663 38.54 -6.23 2.88
CA MET A 663 39.23 -6.73 4.06
C MET A 663 38.39 -6.51 5.32
N THR A 664 37.75 -5.35 5.40
CA THR A 664 36.87 -5.07 6.54
C THR A 664 35.85 -6.18 6.70
N CYS A 665 35.31 -6.64 5.58
CA CYS A 665 34.28 -7.66 5.61
C CYS A 665 34.84 -9.08 5.70
N ALA A 666 36.03 -9.30 5.14
CA ALA A 666 36.65 -10.61 5.21
C ALA A 666 36.98 -10.96 6.66
N TYR A 667 37.22 -9.93 7.47
CA TYR A 667 37.57 -10.13 8.87
C TYR A 667 36.66 -11.13 9.58
N GLU A 668 35.37 -11.09 9.26
CA GLU A 668 34.39 -11.96 9.91
C GLU A 668 33.73 -12.90 8.91
N GLU A 669 33.73 -12.49 7.65
CA GLU A 669 33.09 -13.25 6.60
C GLU A 669 34.14 -13.72 5.59
N PRO A 670 34.73 -14.90 5.82
CA PRO A 670 35.82 -15.48 5.03
C PRO A 670 35.40 -15.87 3.60
N THR A 671 34.12 -15.82 3.29
CA THR A 671 33.65 -16.09 1.93
C THR A 671 33.79 -14.85 1.07
N CYS A 672 34.11 -13.73 1.70
CA CYS A 672 34.23 -12.46 0.99
C CYS A 672 35.53 -12.34 0.21
N GLU A 673 35.42 -12.15 -1.10
CA GLU A 673 36.59 -12.01 -1.96
C GLU A 673 36.39 -10.88 -2.97
N VAL A 674 35.40 -10.03 -2.70
CA VAL A 674 35.09 -8.91 -3.59
C VAL A 674 34.78 -7.65 -2.80
N GLY A 675 35.23 -6.51 -3.33
CA GLY A 675 34.96 -5.21 -2.71
C GLY A 675 34.26 -4.24 -3.66
N LEU A 676 33.18 -3.62 -3.19
CA LEU A 676 32.42 -2.67 -4.02
C LEU A 676 32.17 -1.33 -3.31
N ILE A 677 32.46 -0.23 -4.00
CA ILE A 677 32.14 1.10 -3.51
C ILE A 677 31.14 1.79 -4.44
N VAL A 678 30.02 2.25 -3.88
CA VAL A 678 29.08 3.06 -4.61
C VAL A 678 28.77 4.27 -3.74
N GLY A 679 29.63 5.27 -3.83
CA GLY A 679 29.48 6.49 -3.06
C GLY A 679 29.71 7.68 -3.96
N THR A 680 30.62 8.57 -3.57
CA THR A 680 30.97 9.70 -4.42
C THR A 680 31.33 9.15 -5.80
N GLY A 681 32.18 8.13 -5.81
CA GLY A 681 32.56 7.44 -7.03
C GLY A 681 32.14 5.98 -6.94
N SER A 682 32.50 5.18 -7.94
CA SER A 682 32.19 3.76 -7.93
C SER A 682 33.34 2.92 -8.47
N ASN A 683 33.66 1.84 -7.77
CA ASN A 683 34.79 0.99 -8.12
C ASN A 683 34.64 -0.37 -7.47
N ALA A 684 35.43 -1.34 -7.91
CA ALA A 684 35.35 -2.70 -7.36
C ALA A 684 36.70 -3.44 -7.35
N CYS A 685 36.82 -4.43 -6.48
CA CYS A 685 38.04 -5.24 -6.37
C CYS A 685 37.69 -6.67 -6.04
N TYR A 686 38.51 -7.60 -6.49
CA TYR A 686 38.26 -9.02 -6.25
C TYR A 686 39.56 -9.80 -6.19
N MET A 687 39.51 -11.02 -5.66
CA MET A 687 40.68 -11.87 -5.57
C MET A 687 40.96 -12.58 -6.90
N GLU A 688 42.09 -12.25 -7.50
CA GLU A 688 42.49 -12.84 -8.78
C GLU A 688 43.60 -13.86 -8.58
N GLU A 689 43.62 -14.89 -9.42
CA GLU A 689 44.70 -15.88 -9.38
C GLU A 689 45.95 -15.25 -9.97
N MET A 690 47.06 -15.32 -9.24
CA MET A 690 48.32 -14.70 -9.67
C MET A 690 48.76 -15.08 -11.09
N LYS A 691 48.41 -16.29 -11.53
CA LYS A 691 48.80 -16.71 -12.86
C LYS A 691 48.18 -15.82 -13.92
N ASN A 692 47.11 -15.13 -13.56
CA ASN A 692 46.42 -14.25 -14.49
C ASN A 692 46.86 -12.78 -14.37
N VAL A 693 47.52 -12.45 -13.28
CA VAL A 693 48.01 -11.09 -13.10
C VAL A 693 49.36 -10.96 -13.78
N GLU A 694 49.35 -11.01 -15.10
CA GLU A 694 50.58 -10.97 -15.88
C GLU A 694 51.46 -9.76 -15.58
N MET A 695 50.90 -8.73 -14.95
CA MET A 695 51.67 -7.51 -14.69
C MET A 695 52.53 -7.61 -13.44
N VAL A 696 52.38 -8.73 -12.71
CA VAL A 696 53.17 -8.96 -11.52
C VAL A 696 53.78 -10.35 -11.61
N GLU A 697 55.11 -10.39 -11.69
CA GLU A 697 55.82 -11.67 -11.80
C GLU A 697 55.35 -12.61 -10.70
N GLY A 698 55.10 -13.85 -11.07
CA GLY A 698 54.65 -14.86 -10.13
C GLY A 698 53.33 -15.45 -10.56
N ASP A 699 53.13 -16.74 -10.25
CA ASP A 699 51.90 -17.43 -10.63
C ASP A 699 51.37 -18.30 -9.50
N GLN A 700 51.80 -18.00 -8.27
CA GLN A 700 51.34 -18.74 -7.12
C GLN A 700 50.41 -17.89 -6.23
N GLY A 701 49.35 -18.51 -5.74
CA GLY A 701 48.42 -17.83 -4.86
C GLY A 701 47.56 -16.80 -5.56
N GLN A 702 47.13 -15.78 -4.81
CA GLN A 702 46.23 -14.79 -5.34
C GLN A 702 46.67 -13.38 -5.02
N MET A 703 46.03 -12.42 -5.70
CA MET A 703 46.22 -11.02 -5.40
C MET A 703 44.93 -10.28 -5.64
N CYS A 704 44.58 -9.42 -4.70
CA CYS A 704 43.41 -8.60 -4.84
C CYS A 704 43.67 -7.52 -5.88
N ILE A 705 42.78 -7.43 -6.87
CA ILE A 705 42.95 -6.51 -7.98
C ILE A 705 42.02 -5.31 -7.83
N ASN A 706 42.61 -4.12 -7.76
CA ASN A 706 41.84 -2.89 -7.76
C ASN A 706 41.46 -2.59 -9.20
N MET A 707 40.24 -2.94 -9.59
CA MET A 707 39.80 -2.82 -10.98
C MET A 707 39.85 -1.38 -11.50
N GLU A 708 39.39 -0.44 -10.69
CA GLU A 708 39.26 0.93 -11.19
C GLU A 708 38.35 0.88 -12.40
N TRP A 709 37.18 0.25 -12.23
CA TRP A 709 36.26 0.04 -13.34
C TRP A 709 35.51 1.30 -13.76
N GLY A 710 35.68 2.38 -13.01
CA GLY A 710 35.05 3.65 -13.34
C GLY A 710 35.40 4.12 -14.74
N ALA A 711 36.60 3.76 -15.19
CA ALA A 711 37.10 4.20 -16.49
C ALA A 711 36.54 3.39 -17.65
N PHE A 712 35.85 2.30 -17.32
CA PHE A 712 35.13 1.51 -18.31
C PHE A 712 34.33 2.50 -19.16
N GLY A 713 34.45 2.37 -20.47
CA GLY A 713 33.72 3.25 -21.37
C GLY A 713 34.55 4.40 -21.87
N ASP A 714 35.74 4.59 -21.29
CA ASP A 714 36.61 5.69 -21.69
C ASP A 714 37.23 5.49 -23.06
N ASN A 715 37.23 4.25 -23.52
CA ASN A 715 37.72 3.92 -24.86
C ASN A 715 36.55 3.91 -25.83
N GLY A 716 35.39 4.38 -25.36
CA GLY A 716 34.21 4.45 -26.19
C GLY A 716 33.35 3.20 -26.25
N CYS A 717 33.72 2.16 -25.51
CA CYS A 717 32.97 0.89 -25.59
C CYS A 717 31.56 0.97 -25.00
N LEU A 718 31.09 2.18 -24.72
CA LEU A 718 29.74 2.37 -24.18
C LEU A 718 28.99 3.51 -24.88
N ASP A 719 29.62 4.16 -25.84
CA ASP A 719 28.97 5.26 -26.55
C ASP A 719 27.60 4.74 -26.95
N ASP A 720 27.59 3.44 -27.15
CA ASP A 720 26.41 2.64 -27.46
C ASP A 720 25.21 3.03 -26.60
N ILE A 721 25.43 3.26 -25.32
CA ILE A 721 24.32 3.48 -24.39
C ILE A 721 24.38 4.81 -23.63
N ARG A 722 25.41 5.60 -23.85
CA ARG A 722 25.49 6.90 -23.19
C ARG A 722 24.56 7.86 -23.92
N THR A 723 23.98 8.82 -23.18
CA THR A 723 23.00 9.71 -23.76
C THR A 723 23.47 11.15 -23.85
N HIS A 724 22.64 11.99 -24.47
CA HIS A 724 22.88 13.41 -24.56
C HIS A 724 23.18 13.96 -23.16
N TYR A 725 22.40 13.53 -22.18
CA TYR A 725 22.58 14.00 -20.81
C TYR A 725 23.86 13.48 -20.18
N ASP A 726 24.27 12.26 -20.54
CA ASP A 726 25.50 11.71 -19.99
C ASP A 726 26.70 12.47 -20.55
N ARG A 727 26.66 12.77 -21.84
CA ARG A 727 27.74 13.51 -22.47
C ARG A 727 27.89 14.90 -21.88
N LEU A 728 26.76 15.56 -21.62
CA LEU A 728 26.79 16.89 -21.01
C LEU A 728 27.51 16.88 -19.66
N VAL A 729 27.18 15.91 -18.82
CA VAL A 729 27.81 15.79 -17.51
C VAL A 729 29.32 15.54 -17.65
N ASP A 730 29.66 14.59 -18.51
CA ASP A 730 31.05 14.28 -18.78
C ASP A 730 31.75 15.53 -19.31
N GLU A 731 31.11 16.16 -20.28
CA GLU A 731 31.71 17.29 -20.97
C GLU A 731 32.00 18.47 -20.06
N TYR A 732 31.19 18.63 -19.00
CA TYR A 732 31.34 19.76 -18.10
C TYR A 732 32.01 19.39 -16.78
N SER A 733 32.55 18.19 -16.68
CA SER A 733 33.18 17.74 -15.43
C SER A 733 34.66 18.09 -15.39
N LEU A 734 35.28 17.84 -14.25
CA LEU A 734 36.70 18.14 -14.06
C LEU A 734 37.58 17.21 -14.89
N ASN A 735 37.02 16.09 -15.33
CA ASN A 735 37.80 15.10 -16.04
C ASN A 735 37.06 14.55 -17.26
N ALA A 736 36.83 15.42 -18.23
CA ALA A 736 36.08 15.08 -19.44
C ALA A 736 36.68 13.91 -20.20
N GLY A 737 35.82 12.94 -20.55
CA GLY A 737 36.27 11.80 -21.33
C GLY A 737 36.72 10.65 -20.45
N LYS A 738 36.89 10.92 -19.16
CA LYS A 738 37.37 9.89 -18.25
C LYS A 738 36.30 9.46 -17.23
N GLN A 739 36.43 8.23 -16.73
CA GLN A 739 35.52 7.69 -15.72
C GLN A 739 34.06 7.63 -16.18
N ARG A 740 33.85 7.49 -17.48
CA ARG A 740 32.48 7.52 -18.04
C ARG A 740 31.50 6.56 -17.36
N TYR A 741 31.94 5.34 -17.05
CA TYR A 741 31.08 4.34 -16.41
C TYR A 741 30.65 4.83 -15.04
N GLU A 742 31.63 5.26 -14.26
CA GLU A 742 31.39 5.81 -12.93
C GLU A 742 30.40 6.97 -13.02
N LYS A 743 30.57 7.80 -14.05
CA LYS A 743 29.74 8.98 -14.24
C LYS A 743 28.29 8.64 -14.55
N MET A 744 28.01 7.35 -14.71
CA MET A 744 26.64 6.88 -14.89
C MET A 744 26.17 6.13 -13.64
N ILE A 745 27.00 6.06 -12.60
CA ILE A 745 26.65 5.26 -11.42
C ILE A 745 26.67 5.99 -10.08
N SER A 746 27.72 6.75 -9.79
CA SER A 746 27.93 7.29 -8.43
C SER A 746 27.16 8.57 -8.05
N GLY A 747 27.13 8.83 -6.75
CA GLY A 747 26.35 9.93 -6.18
C GLY A 747 26.81 11.32 -6.56
N MET A 748 28.03 11.45 -7.06
CA MET A 748 28.52 12.75 -7.46
C MET A 748 27.91 13.17 -8.80
N TYR A 749 27.42 12.21 -9.57
CA TYR A 749 26.99 12.50 -10.93
C TYR A 749 25.50 12.28 -11.25
N LEU A 750 24.87 11.30 -10.60
CA LEU A 750 23.47 11.03 -10.90
C LEU A 750 22.68 12.32 -10.89
N GLY A 751 22.84 13.08 -9.81
CA GLY A 751 22.13 14.33 -9.64
C GLY A 751 22.27 15.24 -10.84
N GLU A 752 23.49 15.32 -11.36
CA GLU A 752 23.79 16.16 -12.51
C GLU A 752 23.08 15.66 -13.77
N ILE A 753 23.01 14.34 -13.91
CA ILE A 753 22.30 13.76 -15.04
C ILE A 753 20.84 14.19 -14.93
N VAL A 754 20.27 14.00 -13.76
CA VAL A 754 18.88 14.37 -13.52
C VAL A 754 18.71 15.83 -13.89
N ARG A 755 19.54 16.68 -13.30
CA ARG A 755 19.44 18.11 -13.51
C ARG A 755 19.43 18.48 -14.99
N ASN A 756 20.27 17.82 -15.78
CA ASN A 756 20.30 18.11 -17.21
C ASN A 756 18.99 17.71 -17.87
N ILE A 757 18.51 16.53 -17.52
CA ILE A 757 17.21 16.10 -18.03
C ILE A 757 16.16 17.16 -17.72
N LEU A 758 16.15 17.65 -16.48
CA LEU A 758 15.16 18.68 -16.09
C LEU A 758 15.32 19.99 -16.83
N ILE A 759 16.54 20.48 -16.99
CA ILE A 759 16.75 21.69 -17.76
C ILE A 759 16.13 21.53 -19.14
N ASP A 760 16.42 20.39 -19.77
CA ASP A 760 15.89 20.10 -21.09
C ASP A 760 14.36 20.06 -21.11
N PHE A 761 13.75 19.42 -20.12
CA PHE A 761 12.29 19.33 -20.09
C PHE A 761 11.64 20.69 -19.88
N THR A 762 12.34 21.58 -19.18
CA THR A 762 11.82 22.91 -18.91
C THR A 762 11.89 23.78 -20.17
N LYS A 763 13.00 23.69 -20.90
CA LYS A 763 13.11 24.37 -22.19
C LYS A 763 12.03 23.86 -23.12
N LYS A 764 11.65 22.59 -22.94
CA LYS A 764 10.62 21.98 -23.76
C LYS A 764 9.23 22.37 -23.28
N GLY A 765 9.16 22.98 -22.10
CA GLY A 765 7.89 23.41 -21.52
C GLY A 765 7.08 22.36 -20.78
N PHE A 766 7.73 21.28 -20.35
CA PHE A 766 7.03 20.20 -19.67
C PHE A 766 7.02 20.39 -18.17
N LEU A 767 7.85 21.29 -17.69
CA LEU A 767 8.11 21.44 -16.28
C LEU A 767 8.30 22.89 -15.89
N PHE A 768 7.91 23.23 -14.67
CA PHE A 768 8.24 24.53 -14.11
C PHE A 768 7.73 25.65 -14.97
N ARG A 769 6.58 25.42 -15.61
CA ARG A 769 6.00 26.44 -16.44
C ARG A 769 7.07 26.97 -17.36
N GLY A 770 7.97 26.09 -17.78
CA GLY A 770 8.95 26.41 -18.82
C GLY A 770 9.96 27.46 -18.43
N GLN A 771 10.14 27.71 -17.13
CA GLN A 771 11.11 28.71 -16.70
C GLN A 771 12.30 28.10 -15.99
N ILE A 772 13.48 28.23 -16.59
CA ILE A 772 14.66 27.62 -16.00
C ILE A 772 15.14 28.43 -14.80
N SER A 773 14.87 27.90 -13.61
CA SER A 773 15.22 28.55 -12.36
C SER A 773 16.74 28.73 -12.21
N GLU A 774 17.15 29.82 -11.58
CA GLU A 774 18.56 30.06 -11.32
C GLU A 774 19.09 28.92 -10.47
N THR A 775 18.23 28.41 -9.59
CA THR A 775 18.56 27.26 -8.77
C THR A 775 18.85 26.05 -9.65
N LEU A 776 17.95 25.80 -10.59
CA LEU A 776 18.06 24.67 -11.51
C LEU A 776 19.33 24.71 -12.36
N LYS A 777 19.98 25.86 -12.40
CA LYS A 777 21.22 26.01 -13.17
C LYS A 777 22.42 25.88 -12.27
N THR A 778 22.16 25.68 -10.97
CA THR A 778 23.23 25.43 -10.02
C THR A 778 23.61 23.96 -10.07
N ARG A 779 24.88 23.67 -10.33
CA ARG A 779 25.33 22.29 -10.41
C ARG A 779 25.59 21.72 -9.02
N GLY A 780 25.23 20.46 -8.82
CA GLY A 780 25.43 19.77 -7.53
C GLY A 780 24.18 19.81 -6.66
N ILE A 781 23.13 20.42 -7.20
CA ILE A 781 21.90 20.65 -6.46
C ILE A 781 21.20 19.37 -5.98
N PHE A 782 21.23 18.32 -6.79
CA PHE A 782 20.57 17.07 -6.43
C PHE A 782 21.53 16.07 -5.79
N GLU A 783 21.90 16.34 -4.53
CA GLU A 783 22.80 15.47 -3.79
C GLU A 783 22.16 14.10 -3.52
N THR A 784 23.01 13.11 -3.34
CA THR A 784 22.58 11.76 -2.99
C THR A 784 21.43 11.81 -1.99
N LYS A 785 21.64 12.61 -0.95
CA LYS A 785 20.67 12.80 0.13
C LYS A 785 19.27 13.13 -0.42
N PHE A 786 19.22 14.04 -1.37
CA PHE A 786 17.94 14.46 -1.95
C PHE A 786 17.35 13.36 -2.83
N LEU A 787 18.18 12.79 -3.68
CA LEU A 787 17.75 11.72 -4.56
C LEU A 787 17.13 10.59 -3.75
N SER A 788 17.82 10.20 -2.69
CA SER A 788 17.32 9.13 -1.81
C SER A 788 15.97 9.48 -1.20
N GLN A 789 15.80 10.73 -0.81
CA GLN A 789 14.55 11.18 -0.18
C GLN A 789 13.41 11.18 -1.20
N ILE A 790 13.66 11.77 -2.36
CA ILE A 790 12.64 11.87 -3.41
C ILE A 790 12.04 10.51 -3.79
N GLU A 791 12.87 9.47 -3.77
CA GLU A 791 12.42 8.15 -4.22
C GLU A 791 11.95 7.26 -3.09
N SER A 792 11.85 7.82 -1.88
CA SER A 792 11.34 7.05 -0.76
C SER A 792 9.95 6.54 -1.14
N ASP A 793 9.63 5.32 -0.70
CA ASP A 793 8.34 4.73 -1.06
C ASP A 793 7.16 5.39 -0.36
N ARG A 794 6.00 5.34 -1.02
CA ARG A 794 4.77 5.90 -0.48
C ARG A 794 4.99 7.30 0.06
N LEU A 795 5.90 8.03 -0.57
CA LEU A 795 6.22 9.39 -0.17
C LEU A 795 5.21 10.33 -0.80
N ALA A 796 4.31 10.88 0.02
CA ALA A 796 3.27 11.78 -0.47
C ALA A 796 3.83 12.85 -1.41
N LEU A 797 3.12 13.09 -2.50
CA LEU A 797 3.52 14.13 -3.44
C LEU A 797 3.76 15.42 -2.70
N LEU A 798 2.91 15.68 -1.70
CA LEU A 798 3.02 16.88 -0.89
C LEU A 798 4.41 16.97 -0.27
N GLN A 799 4.97 15.81 0.09
CA GLN A 799 6.31 15.75 0.66
C GLN A 799 7.37 16.01 -0.42
N VAL A 800 7.21 15.36 -1.57
CA VAL A 800 8.13 15.58 -2.68
C VAL A 800 8.19 17.06 -3.02
N ARG A 801 7.01 17.66 -3.21
CA ARG A 801 6.92 19.08 -3.51
C ARG A 801 7.63 19.87 -2.42
N ALA A 802 7.47 19.42 -1.18
CA ALA A 802 8.12 20.07 -0.05
C ALA A 802 9.63 20.08 -0.22
N ILE A 803 10.20 18.92 -0.54
CA ILE A 803 11.64 18.80 -0.73
C ILE A 803 12.13 19.66 -1.89
N LEU A 804 11.37 19.70 -2.97
CA LEU A 804 11.75 20.47 -4.15
C LEU A 804 11.82 21.95 -3.85
N GLN A 805 10.81 22.46 -3.16
CA GLN A 805 10.80 23.86 -2.76
C GLN A 805 11.96 24.13 -1.81
N GLN A 806 12.28 23.14 -0.98
CA GLN A 806 13.42 23.24 -0.06
C GLN A 806 14.71 23.53 -0.81
N LEU A 807 14.90 22.87 -1.95
CA LEU A 807 16.10 23.08 -2.76
C LEU A 807 16.03 24.43 -3.46
N GLY A 808 14.84 25.01 -3.52
CA GLY A 808 14.65 26.28 -4.20
C GLY A 808 13.88 26.07 -5.49
N LEU A 809 13.41 24.85 -5.70
CA LEU A 809 12.64 24.54 -6.89
C LEU A 809 11.16 24.61 -6.60
N ASN A 810 10.57 25.74 -6.96
CA ASN A 810 9.15 25.96 -6.78
C ASN A 810 8.36 25.16 -7.80
N SER A 811 7.81 24.03 -7.35
CA SER A 811 7.14 23.12 -8.26
C SER A 811 5.72 22.79 -7.83
N THR A 812 4.93 22.35 -8.79
CA THR A 812 3.56 21.94 -8.54
C THR A 812 3.56 20.43 -8.35
N CYS A 813 2.36 19.86 -8.24
CA CYS A 813 2.24 18.41 -8.06
C CYS A 813 2.66 17.66 -9.30
N ASP A 814 2.25 18.16 -10.47
CA ASP A 814 2.63 17.51 -11.72
C ASP A 814 4.14 17.57 -11.89
N ASP A 815 4.73 18.71 -11.55
CA ASP A 815 6.18 18.85 -11.62
C ASP A 815 6.82 17.78 -10.76
N SER A 816 6.38 17.71 -9.51
CA SER A 816 6.94 16.78 -8.54
C SER A 816 6.85 15.35 -9.02
N ILE A 817 5.77 15.02 -9.72
CA ILE A 817 5.61 13.67 -10.25
C ILE A 817 6.67 13.41 -11.31
N LEU A 818 6.77 14.33 -12.26
CA LEU A 818 7.73 14.20 -13.35
C LEU A 818 9.15 14.08 -12.84
N VAL A 819 9.52 14.99 -11.93
CA VAL A 819 10.86 14.99 -11.36
C VAL A 819 11.20 13.62 -10.77
N LYS A 820 10.30 13.11 -9.94
CA LYS A 820 10.47 11.82 -9.29
C LYS A 820 10.70 10.72 -10.34
N THR A 821 9.84 10.71 -11.35
CA THR A 821 9.99 9.72 -12.41
C THR A 821 11.38 9.77 -13.01
N VAL A 822 11.92 10.97 -13.19
CA VAL A 822 13.24 11.14 -13.79
C VAL A 822 14.33 10.59 -12.88
N CYS A 823 14.26 10.95 -11.59
CA CYS A 823 15.20 10.43 -10.61
C CYS A 823 15.25 8.91 -10.59
N GLY A 824 14.08 8.29 -10.61
CA GLY A 824 13.98 6.83 -10.65
C GLY A 824 14.59 6.21 -11.90
N VAL A 825 14.30 6.80 -13.04
CA VAL A 825 14.86 6.28 -14.28
C VAL A 825 16.38 6.27 -14.20
N VAL A 826 16.95 7.36 -13.70
CA VAL A 826 18.41 7.47 -13.59
C VAL A 826 19.00 6.53 -12.53
N SER A 827 18.43 6.54 -11.33
CA SER A 827 18.96 5.72 -10.26
C SER A 827 18.83 4.24 -10.59
N ARG A 828 17.74 3.88 -11.26
CA ARG A 828 17.58 2.49 -11.69
C ARG A 828 18.63 2.10 -12.72
N ARG A 829 18.85 2.93 -13.74
CA ARG A 829 19.85 2.59 -14.75
C ARG A 829 21.19 2.40 -14.06
N ALA A 830 21.45 3.22 -13.06
CA ALA A 830 22.70 3.16 -12.34
C ALA A 830 22.87 1.81 -11.65
N ALA A 831 21.81 1.35 -10.97
CA ALA A 831 21.89 0.08 -10.28
C ALA A 831 22.09 -1.07 -11.27
N GLN A 832 21.43 -0.97 -12.42
CA GLN A 832 21.53 -2.03 -13.43
C GLN A 832 22.91 -2.10 -14.07
N LEU A 833 23.53 -0.95 -14.31
CA LEU A 833 24.86 -0.92 -14.91
C LEU A 833 25.90 -1.45 -13.91
N CYS A 834 25.75 -1.02 -12.66
CA CYS A 834 26.61 -1.49 -11.59
C CYS A 834 26.53 -3.01 -11.49
N GLY A 835 25.31 -3.52 -11.45
CA GLY A 835 25.08 -4.96 -11.40
C GLY A 835 25.69 -5.71 -12.57
N ALA A 836 25.63 -5.12 -13.75
CA ALA A 836 26.20 -5.76 -14.93
C ALA A 836 27.69 -5.99 -14.70
N GLY A 837 28.35 -4.99 -14.12
CA GLY A 837 29.77 -5.07 -13.83
C GLY A 837 30.08 -6.14 -12.81
N MET A 838 29.38 -6.10 -11.69
CA MET A 838 29.56 -7.08 -10.63
C MET A 838 29.28 -8.48 -11.18
N ALA A 839 28.28 -8.58 -12.04
CA ALA A 839 27.92 -9.84 -12.67
C ALA A 839 29.13 -10.46 -13.37
N ALA A 840 29.83 -9.65 -14.16
CA ALA A 840 31.01 -10.11 -14.86
C ALA A 840 32.07 -10.58 -13.86
N VAL A 841 32.25 -9.81 -12.79
CA VAL A 841 33.25 -10.08 -11.79
C VAL A 841 33.05 -11.42 -11.09
N VAL A 842 31.89 -11.61 -10.48
CA VAL A 842 31.63 -12.84 -9.75
C VAL A 842 31.70 -14.03 -10.70
N ASP A 843 31.34 -13.82 -11.96
CA ASP A 843 31.37 -14.91 -12.93
C ASP A 843 32.81 -15.27 -13.30
N LYS A 844 33.69 -14.28 -13.36
CA LYS A 844 35.08 -14.57 -13.65
C LYS A 844 35.71 -15.37 -12.51
N ILE A 845 35.21 -15.17 -11.30
CA ILE A 845 35.68 -15.92 -10.14
C ILE A 845 35.22 -17.35 -10.24
N ARG A 846 33.92 -17.51 -10.50
CA ARG A 846 33.33 -18.84 -10.65
C ARG A 846 34.19 -19.67 -11.59
N GLU A 847 34.58 -19.08 -12.71
CA GLU A 847 35.42 -19.75 -13.69
C GLU A 847 36.80 -20.05 -13.12
N ASN A 848 37.37 -19.05 -12.44
CA ASN A 848 38.68 -19.19 -11.84
C ASN A 848 38.79 -20.43 -10.95
N ARG A 849 37.68 -20.78 -10.31
CA ARG A 849 37.65 -21.95 -9.44
C ARG A 849 37.00 -23.14 -10.13
N GLY A 850 36.77 -23.03 -11.43
CA GLY A 850 36.13 -24.10 -12.19
C GLY A 850 34.91 -24.65 -11.49
N LEU A 851 34.03 -23.78 -11.02
CA LEU A 851 32.80 -24.19 -10.36
C LEU A 851 31.61 -24.09 -11.30
N ASP A 852 30.57 -24.88 -11.04
CA ASP A 852 29.31 -24.77 -11.77
C ASP A 852 28.50 -23.67 -11.12
N ARG A 853 28.47 -23.71 -9.79
CA ARG A 853 27.78 -22.73 -8.97
C ARG A 853 28.78 -22.15 -7.98
N LEU A 854 28.71 -20.84 -7.75
CA LEU A 854 29.63 -20.18 -6.83
C LEU A 854 28.88 -19.34 -5.80
N ASN A 855 29.24 -19.53 -4.53
CA ASN A 855 28.75 -18.68 -3.46
C ASN A 855 29.87 -17.74 -3.08
N VAL A 856 29.59 -16.44 -3.17
CA VAL A 856 30.60 -15.44 -2.86
C VAL A 856 29.91 -14.26 -2.22
N THR A 857 30.60 -13.56 -1.34
CA THR A 857 30.01 -12.40 -0.69
C THR A 857 30.83 -11.15 -0.95
N VAL A 858 30.14 -10.04 -1.19
CA VAL A 858 30.78 -8.79 -1.54
C VAL A 858 30.70 -7.80 -0.40
N GLY A 859 31.82 -7.15 -0.08
CA GLY A 859 31.83 -6.09 0.90
C GLY A 859 31.52 -4.78 0.20
N VAL A 860 30.47 -4.10 0.65
CA VAL A 860 30.02 -2.86 0.01
C VAL A 860 30.08 -1.67 0.95
N ASP A 861 30.24 -0.48 0.36
CA ASP A 861 30.23 0.78 1.11
C ASP A 861 29.94 1.93 0.14
N GLY A 862 29.48 3.05 0.67
CA GLY A 862 29.13 4.20 -0.14
C GLY A 862 27.83 4.84 0.34
N THR A 863 27.79 6.16 0.35
CA THR A 863 26.60 6.85 0.82
C THR A 863 25.39 6.59 -0.08
N LEU A 864 25.59 6.69 -1.39
CA LEU A 864 24.50 6.37 -2.30
C LEU A 864 23.95 4.98 -2.01
N TYR A 865 24.84 4.03 -1.78
CA TYR A 865 24.44 2.66 -1.50
C TYR A 865 23.67 2.52 -0.18
N LYS A 866 24.12 3.24 0.85
CA LYS A 866 23.45 3.20 2.14
C LYS A 866 22.10 3.93 2.10
N LEU A 867 22.10 5.12 1.51
CA LEU A 867 20.93 5.99 1.53
C LEU A 867 19.87 5.67 0.50
N HIS A 868 20.24 5.22 -0.69
CA HIS A 868 19.23 5.08 -1.73
C HIS A 868 18.34 3.88 -1.43
N PRO A 869 17.01 4.09 -1.54
CA PRO A 869 16.00 3.10 -1.23
C PRO A 869 15.73 2.08 -2.34
N HIS A 870 16.40 2.20 -3.48
CA HIS A 870 16.17 1.24 -4.56
C HIS A 870 17.45 0.66 -5.13
N PHE A 871 18.53 1.44 -5.07
CA PHE A 871 19.77 1.03 -5.71
C PHE A 871 20.21 -0.40 -5.35
N SER A 872 20.52 -0.62 -4.08
CA SER A 872 21.04 -1.91 -3.64
C SER A 872 20.11 -3.04 -4.08
N ARG A 873 18.81 -2.86 -3.87
CA ARG A 873 17.83 -3.86 -4.27
C ARG A 873 17.91 -4.21 -5.76
N ILE A 874 17.79 -3.20 -6.62
CA ILE A 874 17.85 -3.41 -8.06
C ILE A 874 19.19 -3.98 -8.47
N MET A 875 20.25 -3.49 -7.84
CA MET A 875 21.59 -3.95 -8.13
C MET A 875 21.72 -5.45 -7.86
N HIS A 876 21.23 -5.91 -6.72
CA HIS A 876 21.29 -7.33 -6.38
C HIS A 876 20.48 -8.18 -7.35
N GLN A 877 19.23 -7.77 -7.57
CA GLN A 877 18.35 -8.44 -8.53
C GLN A 877 19.09 -8.66 -9.84
N THR A 878 19.73 -7.60 -10.31
CA THR A 878 20.42 -7.62 -11.59
C THR A 878 21.60 -8.59 -11.59
N VAL A 879 22.37 -8.61 -10.50
CA VAL A 879 23.50 -9.52 -10.42
C VAL A 879 23.01 -10.96 -10.47
N LYS A 880 21.83 -11.19 -9.90
CA LYS A 880 21.23 -12.51 -9.87
C LYS A 880 20.79 -12.98 -11.26
N GLU A 881 20.16 -12.09 -12.02
CA GLU A 881 19.69 -12.43 -13.35
C GLU A 881 20.82 -12.55 -14.37
N LEU A 882 21.86 -11.74 -14.22
CA LEU A 882 22.95 -11.74 -15.19
C LEU A 882 23.97 -12.85 -14.96
N SER A 883 24.10 -13.30 -13.71
CA SER A 883 25.03 -14.40 -13.40
C SER A 883 24.34 -15.44 -12.53
N PRO A 884 23.32 -16.12 -13.08
CA PRO A 884 22.48 -17.11 -12.39
C PRO A 884 23.27 -18.26 -11.78
N LYS A 885 24.50 -18.48 -12.24
CA LYS A 885 25.31 -19.56 -11.71
C LYS A 885 26.06 -19.13 -10.45
N CYS A 886 25.79 -17.91 -10.01
CA CYS A 886 26.41 -17.37 -8.80
C CYS A 886 25.34 -16.95 -7.80
N ASN A 887 25.61 -17.20 -6.53
CA ASN A 887 24.75 -16.72 -5.46
C ASN A 887 25.54 -15.69 -4.68
N VAL A 888 25.25 -14.42 -4.90
CA VAL A 888 26.05 -13.36 -4.29
C VAL A 888 25.41 -12.77 -3.04
N SER A 889 26.20 -12.60 -2.00
CA SER A 889 25.74 -11.97 -0.77
C SER A 889 26.42 -10.63 -0.62
N PHE A 890 25.64 -9.56 -0.56
CA PHE A 890 26.22 -8.25 -0.37
C PHE A 890 26.11 -7.87 1.09
N LEU A 891 27.25 -7.67 1.73
CA LEU A 891 27.29 -7.31 3.14
C LEU A 891 27.74 -5.85 3.29
N LEU A 892 26.91 -5.07 3.97
CA LEU A 892 27.19 -3.65 4.18
C LEU A 892 28.23 -3.40 5.26
N SER A 893 29.18 -2.55 4.95
CA SER A 893 30.24 -2.18 5.88
C SER A 893 29.77 -1.02 6.75
N GLU A 894 29.59 -1.28 8.04
CA GLU A 894 29.07 -0.26 8.93
C GLU A 894 30.15 0.58 9.60
N ASP A 895 31.41 0.18 9.52
CA ASP A 895 32.40 1.01 10.19
C ASP A 895 33.39 1.67 9.27
N GLY A 896 33.03 1.70 7.99
CA GLY A 896 33.93 2.27 7.00
C GLY A 896 35.02 1.27 6.70
N SER A 897 36.09 1.76 6.11
CA SER A 897 37.12 0.93 5.54
C SER A 897 38.28 0.68 6.52
N GLY A 898 38.22 1.31 7.69
CA GLY A 898 39.34 1.30 8.64
C GLY A 898 39.85 -0.03 9.18
N LYS A 899 38.93 -0.90 9.56
CA LYS A 899 39.35 -2.19 10.07
C LYS A 899 40.14 -2.95 9.01
N GLY A 900 39.65 -2.93 7.77
CA GLY A 900 40.32 -3.64 6.68
C GLY A 900 41.67 -3.01 6.38
N ALA A 901 41.73 -1.69 6.38
CA ALA A 901 43.00 -1.01 6.16
C ALA A 901 43.99 -1.41 7.23
N ALA A 902 43.52 -1.48 8.47
CA ALA A 902 44.35 -1.88 9.61
C ALA A 902 44.85 -3.32 9.46
N LEU A 903 43.93 -4.22 9.12
CA LEU A 903 44.27 -5.62 8.91
C LEU A 903 45.30 -5.73 7.80
N ILE A 904 45.20 -4.84 6.83
CA ILE A 904 46.14 -4.79 5.72
C ILE A 904 47.47 -4.21 6.17
N THR A 905 47.41 -3.27 7.10
CA THR A 905 48.64 -2.67 7.62
C THR A 905 49.42 -3.67 8.44
N ALA A 906 48.70 -4.53 9.15
CA ALA A 906 49.33 -5.56 9.96
C ALA A 906 50.22 -6.45 9.09
N VAL A 907 49.66 -6.96 8.00
CA VAL A 907 50.40 -7.81 7.08
C VAL A 907 51.58 -7.04 6.47
N GLY A 908 51.37 -5.76 6.22
CA GLY A 908 52.43 -4.92 5.68
C GLY A 908 53.60 -4.91 6.63
N VAL A 909 53.31 -4.87 7.92
CA VAL A 909 54.34 -4.83 8.94
C VAL A 909 55.06 -6.18 9.05
N ARG A 910 54.30 -7.27 8.97
CA ARG A 910 54.91 -8.60 9.02
C ARG A 910 55.87 -8.82 7.86
N LEU A 911 55.72 -8.03 6.80
CA LEU A 911 56.61 -8.13 5.65
C LEU A 911 57.81 -7.22 5.84
N ARG A 912 57.57 -6.00 6.31
CA ARG A 912 58.64 -5.05 6.57
C ARG A 912 59.58 -5.59 7.63
N THR A 913 58.99 -6.04 8.75
CA THR A 913 59.76 -6.67 9.81
C THR A 913 60.03 -8.12 9.43
N GLU A 914 60.25 -8.33 8.13
CA GLU A 914 60.49 -9.67 7.62
C GLU A 914 61.83 -9.75 6.90
N ASP B 16 34.74 41.06 38.27
CA ASP B 16 33.78 40.85 37.14
C ASP B 16 34.50 40.79 35.80
N ASP B 17 35.67 41.42 35.74
CA ASP B 17 36.47 41.46 34.52
C ASP B 17 36.61 40.09 33.88
N GLN B 18 36.99 39.10 34.69
CA GLN B 18 37.17 37.73 34.23
C GLN B 18 35.90 37.18 33.59
N VAL B 19 34.88 37.01 34.41
CA VAL B 19 33.59 36.49 33.97
C VAL B 19 33.00 37.27 32.80
N LYS B 20 33.31 38.57 32.76
CA LYS B 20 32.83 39.43 31.68
C LYS B 20 33.40 38.94 30.35
N LYS B 21 34.72 38.81 30.29
CA LYS B 21 35.40 38.38 29.08
C LYS B 21 34.87 37.04 28.58
N ILE B 22 34.85 36.05 29.46
CA ILE B 22 34.38 34.72 29.10
C ILE B 22 32.94 34.75 28.55
N ASP B 23 32.08 35.54 29.20
CA ASP B 23 30.69 35.66 28.76
C ASP B 23 30.60 36.20 27.33
N LYS B 24 31.51 37.10 26.97
CA LYS B 24 31.53 37.68 25.64
C LYS B 24 32.20 36.73 24.65
N TYR B 25 33.04 35.85 25.17
CA TYR B 25 33.77 34.88 24.35
C TYR B 25 32.85 33.76 23.89
N LEU B 26 32.12 33.16 24.84
CA LEU B 26 31.19 32.08 24.54
C LEU B 26 29.79 32.63 24.31
N TYR B 27 29.73 33.87 23.85
CA TYR B 27 28.46 34.58 23.66
C TYR B 27 27.38 33.71 23.02
N ALA B 28 27.73 33.03 21.94
CA ALA B 28 26.78 32.22 21.19
C ALA B 28 26.21 31.04 21.99
N MET B 29 26.72 30.81 23.19
CA MET B 29 26.23 29.71 24.03
C MET B 29 25.35 30.19 25.17
N ARG B 30 24.90 31.44 25.07
CA ARG B 30 24.01 32.00 26.07
C ARG B 30 22.70 32.32 25.39
N LEU B 31 21.68 31.51 25.68
CA LEU B 31 20.43 31.59 24.97
C LEU B 31 19.43 32.52 25.62
N SER B 32 19.04 33.56 24.90
CA SER B 32 18.03 34.49 25.39
C SER B 32 16.69 33.77 25.44
N ASP B 33 15.74 34.34 26.18
CA ASP B 33 14.40 33.78 26.21
C ASP B 33 13.77 33.89 24.83
N GLU B 34 14.05 35.00 24.14
CA GLU B 34 13.57 35.19 22.77
C GLU B 34 13.99 33.99 21.93
N THR B 35 15.25 33.63 22.05
CA THR B 35 15.81 32.49 21.32
C THR B 35 15.20 31.18 21.79
N LEU B 36 15.09 31.01 23.10
CA LEU B 36 14.50 29.80 23.65
C LEU B 36 13.08 29.60 23.15
N ILE B 37 12.30 30.67 23.12
CA ILE B 37 10.94 30.59 22.57
C ILE B 37 11.00 30.20 21.11
N ASP B 38 12.03 30.70 20.42
CA ASP B 38 12.23 30.37 19.02
C ASP B 38 12.42 28.87 18.86
N ILE B 39 13.43 28.34 19.55
CA ILE B 39 13.72 26.91 19.54
C ILE B 39 12.50 26.08 19.92
N MET B 40 11.75 26.58 20.91
CA MET B 40 10.54 25.89 21.38
C MET B 40 9.50 25.80 20.27
N THR B 41 9.30 26.91 19.56
CA THR B 41 8.37 26.94 18.45
C THR B 41 8.83 25.98 17.36
N ARG B 42 10.14 25.86 17.21
CA ARG B 42 10.72 24.96 16.21
C ARG B 42 10.38 23.50 16.55
N PHE B 43 10.69 23.09 17.77
CA PHE B 43 10.40 21.73 18.18
C PHE B 43 8.90 21.47 18.06
N ARG B 44 8.11 22.48 18.39
CA ARG B 44 6.66 22.38 18.27
C ARG B 44 6.31 21.90 16.88
N LYS B 45 6.86 22.57 15.88
CA LYS B 45 6.63 22.23 14.48
C LYS B 45 7.20 20.85 14.14
N GLU B 46 8.41 20.57 14.63
CA GLU B 46 9.05 19.28 14.43
C GLU B 46 8.16 18.13 14.92
N MET B 47 7.51 18.33 16.06
CA MET B 47 6.62 17.32 16.61
C MET B 47 5.46 17.09 15.66
N LYS B 48 4.94 18.18 15.11
CA LYS B 48 3.85 18.10 14.16
C LYS B 48 4.26 17.26 12.96
N ASN B 49 5.40 17.60 12.36
CA ASN B 49 5.91 16.88 11.20
C ASN B 49 6.17 15.42 11.53
N GLY B 50 6.77 15.18 12.69
CA GLY B 50 7.06 13.82 13.12
C GLY B 50 5.79 12.98 13.17
N LEU B 51 4.69 13.59 13.58
CA LEU B 51 3.44 12.85 13.74
C LEU B 51 2.66 12.75 12.43
N SER B 52 2.97 13.62 11.47
CA SER B 52 2.28 13.64 10.18
C SER B 52 2.70 12.46 9.31
N ARG B 53 1.73 11.79 8.69
CA ARG B 53 2.06 10.67 7.80
C ARG B 53 2.75 11.19 6.54
N ASP B 54 2.46 12.44 6.19
CA ASP B 54 3.03 13.05 4.99
C ASP B 54 4.49 13.44 5.20
N PHE B 55 4.79 14.06 6.34
CA PHE B 55 6.11 14.60 6.58
C PHE B 55 7.03 13.71 7.42
N ASN B 56 6.45 12.74 8.12
CA ASN B 56 7.23 11.89 9.02
C ASN B 56 8.52 11.32 8.40
N PRO B 57 8.43 10.81 7.16
CA PRO B 57 9.61 10.19 6.56
C PRO B 57 10.82 11.13 6.44
N THR B 58 10.58 12.43 6.41
CA THR B 58 11.66 13.41 6.29
C THR B 58 11.95 14.15 7.59
N ALA B 59 11.10 13.95 8.59
CA ALA B 59 11.24 14.63 9.87
C ALA B 59 12.35 13.99 10.70
N THR B 60 13.13 14.82 11.40
CA THR B 60 14.21 14.32 12.23
C THR B 60 13.73 13.85 13.61
N VAL B 61 12.66 14.47 14.12
CA VAL B 61 12.06 14.03 15.37
C VAL B 61 11.03 12.97 15.02
N LYS B 62 11.32 11.71 15.35
CA LYS B 62 10.51 10.59 14.87
C LYS B 62 9.13 10.42 15.52
N MET B 63 8.97 10.86 16.76
CA MET B 63 7.69 10.75 17.43
C MET B 63 7.14 9.32 17.30
N LEU B 64 7.90 8.35 17.81
CA LEU B 64 7.60 6.93 17.62
C LEU B 64 6.53 6.37 18.57
N PRO B 65 5.49 5.73 18.01
CA PRO B 65 4.48 5.10 18.86
C PRO B 65 5.13 4.07 19.76
N THR B 66 4.68 4.02 21.01
CA THR B 66 5.29 3.19 22.02
C THR B 66 4.41 1.99 22.35
N PHE B 67 3.12 2.13 22.08
CA PHE B 67 2.13 1.09 22.33
C PHE B 67 1.83 0.89 23.80
N VAL B 68 2.10 1.92 24.57
CA VAL B 68 1.69 2.00 25.96
C VAL B 68 0.54 2.99 25.97
N ARG B 69 -0.64 2.51 26.36
CA ARG B 69 -1.87 3.32 26.28
C ARG B 69 -2.07 4.23 27.49
N SER B 70 -1.44 3.90 28.62
CA SER B 70 -1.60 4.72 29.82
C SER B 70 -0.68 4.32 30.96
N ILE B 71 -0.53 5.22 31.94
CA ILE B 71 0.30 4.93 33.11
C ILE B 71 -0.40 3.88 33.97
N PRO B 72 0.35 3.27 34.90
CA PRO B 72 -0.20 2.19 35.72
C PRO B 72 -1.53 2.56 36.38
N ASP B 73 -2.46 1.61 36.39
CA ASP B 73 -3.78 1.82 36.99
C ASP B 73 -3.91 1.02 38.28
N GLY B 74 -2.77 0.62 38.83
CA GLY B 74 -2.75 -0.12 40.08
C GLY B 74 -3.30 -1.53 40.01
N SER B 75 -3.70 -1.97 38.83
CA SER B 75 -4.25 -3.33 38.68
C SER B 75 -3.21 -4.31 38.14
N GLU B 76 -1.93 -3.94 38.22
CA GLU B 76 -0.87 -4.79 37.73
C GLU B 76 -0.31 -5.63 38.86
N LYS B 77 -0.17 -6.93 38.64
CA LYS B 77 0.41 -7.80 39.65
C LYS B 77 1.14 -8.97 39.02
N GLY B 78 2.23 -9.38 39.66
CA GLY B 78 2.98 -10.52 39.19
C GLY B 78 4.44 -10.48 39.57
N ASP B 79 5.19 -11.42 39.03
CA ASP B 79 6.62 -11.51 39.25
C ASP B 79 7.23 -11.24 37.89
N PHE B 80 8.10 -10.23 37.80
CA PHE B 80 8.64 -9.84 36.49
C PHE B 80 10.15 -9.63 36.46
N ILE B 81 10.76 -10.04 35.36
CA ILE B 81 12.17 -9.81 35.12
C ILE B 81 12.33 -8.70 34.09
N ALA B 82 13.18 -7.73 34.38
CA ALA B 82 13.36 -6.61 33.48
C ALA B 82 14.83 -6.42 33.12
N LEU B 83 15.10 -6.23 31.83
CA LEU B 83 16.44 -5.91 31.36
C LEU B 83 16.53 -4.41 31.18
N ASP B 84 17.74 -3.88 31.13
CA ASP B 84 17.94 -2.44 30.99
C ASP B 84 19.28 -2.18 30.33
N LEU B 85 19.25 -1.83 29.05
CA LEU B 85 20.48 -1.66 28.28
C LEU B 85 20.44 -0.34 27.53
N GLY B 86 21.61 0.28 27.38
CA GLY B 86 21.71 1.53 26.65
C GLY B 86 22.05 2.70 27.54
N GLY B 87 21.79 2.54 28.84
CA GLY B 87 22.13 3.57 29.82
C GLY B 87 23.56 3.43 30.28
N SER B 88 23.93 4.18 31.32
CA SER B 88 25.30 4.17 31.82
C SER B 88 25.71 2.80 32.35
N SER B 89 24.73 1.95 32.63
CA SER B 89 25.05 0.61 33.14
C SER B 89 23.98 -0.41 32.79
N PHE B 90 24.41 -1.56 32.31
CA PHE B 90 23.52 -2.67 31.99
C PHE B 90 23.01 -3.31 33.28
N ARG B 91 21.70 -3.33 33.46
CA ARG B 91 21.12 -3.83 34.69
C ARG B 91 20.02 -4.86 34.43
N ILE B 92 19.91 -5.84 35.32
CA ILE B 92 18.81 -6.79 35.27
C ILE B 92 18.09 -6.77 36.61
N LEU B 93 16.78 -6.58 36.58
CA LEU B 93 16.03 -6.48 37.81
C LEU B 93 14.90 -7.51 37.88
N ARG B 94 14.35 -7.65 39.09
CA ARG B 94 13.18 -8.47 39.31
C ARG B 94 12.19 -7.62 40.10
N VAL B 95 10.97 -7.51 39.61
CA VAL B 95 9.97 -6.67 40.27
C VAL B 95 8.74 -7.50 40.62
N GLN B 96 8.37 -7.45 41.90
CA GLN B 96 7.22 -8.17 42.40
C GLN B 96 6.16 -7.16 42.81
N VAL B 97 4.92 -7.40 42.41
CA VAL B 97 3.84 -6.48 42.67
C VAL B 97 2.60 -7.23 43.11
N ASN B 98 2.04 -6.86 44.25
CA ASN B 98 0.69 -7.30 44.57
C ASN B 98 -0.13 -6.17 45.14
N HIS B 99 -1.38 -6.01 44.70
CA HIS B 99 -2.26 -5.22 45.55
C HIS B 99 -2.70 -6.13 46.70
N GLU B 100 -2.90 -7.40 46.39
CA GLU B 100 -3.35 -8.39 47.37
C GLU B 100 -2.28 -8.66 48.42
N LYS B 101 -1.03 -8.69 47.97
CA LYS B 101 0.09 -8.95 48.86
C LYS B 101 0.24 -7.87 49.90
N ASN B 102 0.02 -6.62 49.53
CA ASN B 102 0.37 -5.55 50.43
C ASN B 102 1.86 -5.65 50.63
N GLN B 103 2.53 -6.08 49.56
CA GLN B 103 3.97 -5.94 49.43
C GLN B 103 4.08 -5.18 48.13
N ASN B 104 3.51 -3.98 48.14
CA ASN B 104 3.10 -3.34 46.90
C ASN B 104 4.17 -3.28 45.83
N VAL B 105 5.36 -2.82 46.16
CA VAL B 105 6.45 -2.97 45.20
C VAL B 105 7.75 -3.37 45.85
N HIS B 106 8.26 -4.50 45.40
CA HIS B 106 9.55 -4.95 45.85
C HIS B 106 10.37 -5.24 44.61
N MET B 107 11.66 -4.94 44.66
CA MET B 107 12.51 -5.16 43.51
C MET B 107 13.99 -5.28 43.88
N GLU B 108 14.65 -6.28 43.29
CA GLU B 108 16.08 -6.50 43.46
C GLU B 108 16.75 -6.36 42.09
N SER B 109 17.95 -5.80 42.06
CA SER B 109 18.66 -5.61 40.79
C SER B 109 20.12 -6.05 40.86
N GLU B 110 20.77 -6.06 39.71
CA GLU B 110 22.15 -6.50 39.61
C GLU B 110 22.78 -5.94 38.33
N VAL B 111 23.84 -5.16 38.50
CA VAL B 111 24.54 -4.56 37.37
C VAL B 111 25.57 -5.52 36.79
N TYR B 112 25.58 -5.68 35.48
CA TYR B 112 26.55 -6.52 34.80
C TYR B 112 27.53 -5.68 33.99
N ASP B 113 28.80 -5.74 34.37
CA ASP B 113 29.83 -5.01 33.64
C ASP B 113 29.72 -5.32 32.15
N THR B 114 29.75 -4.28 31.32
CA THR B 114 29.65 -4.46 29.87
C THR B 114 30.77 -3.73 29.16
N PRO B 115 31.91 -4.43 28.96
CA PRO B 115 33.13 -3.89 28.35
C PRO B 115 32.92 -3.20 27.01
N GLU B 116 33.92 -2.41 26.61
CA GLU B 116 33.90 -1.68 25.35
C GLU B 116 33.68 -2.60 24.15
N ASN B 117 34.56 -3.58 24.00
CA ASN B 117 34.51 -4.52 22.88
C ASN B 117 33.10 -5.06 22.63
N ILE B 118 32.33 -5.21 23.70
CA ILE B 118 30.98 -5.77 23.58
C ILE B 118 30.00 -4.72 23.05
N VAL B 119 30.25 -3.46 23.37
CA VAL B 119 29.36 -2.38 22.96
C VAL B 119 29.65 -1.92 21.53
N HIS B 120 30.85 -2.23 21.03
CA HIS B 120 31.25 -1.82 19.70
C HIS B 120 31.42 -3.00 18.75
N GLY B 121 31.18 -4.21 19.26
CA GLY B 121 31.39 -5.40 18.45
C GLY B 121 30.20 -5.76 17.58
N SER B 122 29.99 -7.06 17.40
CA SER B 122 28.88 -7.55 16.62
C SER B 122 27.64 -7.66 17.50
N GLY B 123 26.48 -7.46 16.90
CA GLY B 123 25.23 -7.61 17.63
C GLY B 123 25.23 -8.96 18.29
N SER B 124 25.90 -9.91 17.65
CA SER B 124 25.98 -11.28 18.17
C SER B 124 26.63 -11.32 19.54
N GLN B 125 27.89 -10.87 19.65
CA GLN B 125 28.55 -10.84 20.95
C GLN B 125 27.60 -10.14 21.93
N LEU B 126 27.14 -8.97 21.51
CA LEU B 126 26.31 -8.12 22.33
C LEU B 126 25.15 -8.86 22.97
N PHE B 127 24.37 -9.56 22.17
CA PHE B 127 23.18 -10.23 22.68
C PHE B 127 23.48 -11.56 23.35
N ASP B 128 24.59 -12.18 22.97
CA ASP B 128 25.03 -13.37 23.70
C ASP B 128 25.33 -12.93 25.11
N HIS B 129 26.13 -11.87 25.22
CA HIS B 129 26.48 -11.31 26.51
C HIS B 129 25.23 -11.03 27.33
N VAL B 130 24.19 -10.52 26.67
CA VAL B 130 22.94 -10.25 27.35
C VAL B 130 22.28 -11.55 27.81
N ALA B 131 22.17 -12.50 26.89
CA ALA B 131 21.58 -13.81 27.22
C ALA B 131 22.33 -14.48 28.35
N GLU B 132 23.66 -14.44 28.27
CA GLU B 132 24.50 -15.02 29.31
C GLU B 132 24.19 -14.39 30.67
N CYS B 133 24.33 -13.08 30.77
CA CYS B 133 24.03 -12.37 32.00
C CYS B 133 22.66 -12.77 32.54
N LEU B 134 21.67 -12.78 31.65
CA LEU B 134 20.31 -13.13 32.05
C LEU B 134 20.30 -14.53 32.65
N GLY B 135 21.15 -15.40 32.12
CA GLY B 135 21.28 -16.76 32.64
C GLY B 135 21.82 -16.76 34.05
N ASP B 136 22.98 -16.12 34.23
CA ASP B 136 23.59 -16.00 35.54
C ASP B 136 22.59 -15.42 36.53
N PHE B 137 21.89 -14.39 36.10
CA PHE B 137 20.91 -13.73 36.95
C PHE B 137 19.88 -14.71 37.48
N MET B 138 19.25 -15.45 36.57
CA MET B 138 18.22 -16.42 36.94
C MET B 138 18.79 -17.57 37.76
N GLU B 139 19.97 -18.04 37.36
CA GLU B 139 20.65 -19.12 38.06
C GLU B 139 20.73 -18.83 39.55
N LYS B 140 21.30 -17.68 39.89
CA LYS B 140 21.48 -17.28 41.27
C LYS B 140 20.17 -17.28 42.07
N ARG B 141 19.08 -16.83 41.44
CA ARG B 141 17.78 -16.79 42.11
C ARG B 141 17.03 -18.11 42.00
N LYS B 142 17.63 -19.07 41.31
CA LYS B 142 16.97 -20.35 41.09
C LYS B 142 15.55 -20.11 40.58
N ILE B 143 15.43 -19.36 39.49
CA ILE B 143 14.13 -19.06 38.92
C ILE B 143 14.04 -19.44 37.45
N LYS B 144 15.08 -20.10 36.94
CA LYS B 144 15.06 -20.53 35.55
C LYS B 144 13.78 -21.26 35.28
N ASP B 145 13.23 -21.86 36.35
CA ASP B 145 12.13 -22.82 36.21
C ASP B 145 10.73 -22.22 36.15
N LYS B 146 10.54 -21.04 36.75
CA LYS B 146 9.26 -20.37 36.67
C LYS B 146 9.13 -19.79 35.28
N LYS B 147 7.92 -19.48 34.84
CA LYS B 147 7.83 -18.74 33.59
C LYS B 147 7.57 -17.30 34.00
N LEU B 148 8.65 -16.51 34.06
CA LEU B 148 8.50 -15.13 34.49
C LEU B 148 8.58 -14.26 33.26
N PRO B 149 7.59 -13.39 33.10
CA PRO B 149 7.52 -12.56 31.91
C PRO B 149 8.63 -11.53 31.94
N VAL B 150 9.22 -11.28 30.78
CA VAL B 150 10.38 -10.40 30.70
C VAL B 150 10.10 -9.12 29.93
N GLY B 151 10.39 -8.00 30.58
CA GLY B 151 10.31 -6.70 29.95
C GLY B 151 11.71 -6.26 29.58
N PHE B 152 11.83 -5.47 28.51
CA PHE B 152 13.15 -5.08 28.02
C PHE B 152 13.26 -3.57 27.79
N THR B 153 14.11 -2.93 28.59
CA THR B 153 14.38 -1.49 28.46
C THR B 153 15.57 -1.29 27.55
N PHE B 154 15.30 -0.87 26.32
CA PHE B 154 16.34 -0.67 25.31
C PHE B 154 16.33 0.80 24.90
N SER B 155 17.23 1.60 25.47
CA SER B 155 17.18 3.05 25.32
C SER B 155 17.72 3.60 23.99
N PHE B 156 17.09 3.19 22.89
CA PHE B 156 17.47 3.63 21.55
C PHE B 156 16.21 3.78 20.71
N PRO B 157 16.30 4.56 19.61
CA PRO B 157 15.11 4.71 18.78
C PRO B 157 14.77 3.42 18.07
N CYS B 158 13.50 3.01 18.16
CA CYS B 158 13.05 1.76 17.55
C CYS B 158 11.72 1.94 16.84
N GLN B 159 11.53 1.17 15.77
CA GLN B 159 10.28 1.14 15.05
C GLN B 159 9.46 -0.03 15.58
N GLN B 160 8.22 0.24 15.98
CA GLN B 160 7.38 -0.78 16.58
C GLN B 160 5.95 -0.77 16.05
N SER B 161 5.45 -1.94 15.66
CA SER B 161 4.07 -2.09 15.22
C SER B 161 3.27 -2.68 16.38
N LYS B 162 4.01 -3.27 17.32
CA LYS B 162 3.44 -3.84 18.53
C LYS B 162 4.49 -3.84 19.64
N ILE B 163 4.03 -3.82 20.89
CA ILE B 163 4.89 -3.67 22.06
C ILE B 163 6.03 -4.71 22.16
N ASP B 164 5.81 -5.91 21.63
CA ASP B 164 6.83 -6.96 21.73
C ASP B 164 7.73 -7.07 20.49
N GLU B 165 7.89 -5.94 19.80
CA GLU B 165 8.76 -5.86 18.62
C GLU B 165 9.58 -4.57 18.70
N ALA B 166 10.84 -4.63 18.28
CA ALA B 166 11.69 -3.46 18.37
C ALA B 166 12.80 -3.45 17.32
N ILE B 167 12.50 -2.85 16.17
CA ILE B 167 13.48 -2.71 15.11
C ILE B 167 14.36 -1.49 15.38
N LEU B 168 15.62 -1.73 15.69
CA LEU B 168 16.55 -0.64 15.94
C LEU B 168 16.67 0.26 14.71
N ILE B 169 16.31 1.51 14.87
CA ILE B 169 16.43 2.47 13.79
C ILE B 169 17.88 2.92 13.65
N THR B 170 18.55 3.10 14.77
CA THR B 170 19.94 3.55 14.73
C THR B 170 20.53 3.63 16.13
N TRP B 171 21.82 3.33 16.25
CA TRP B 171 22.50 3.44 17.53
C TRP B 171 22.74 4.89 17.88
N THR B 172 22.83 5.16 19.18
CA THR B 172 23.17 6.48 19.67
C THR B 172 24.04 6.30 20.90
N LYS B 173 24.61 7.39 21.40
CA LYS B 173 25.44 7.34 22.59
C LYS B 173 26.65 6.43 22.38
N ARG B 174 26.83 5.45 23.26
CA ARG B 174 28.08 4.69 23.27
C ARG B 174 28.08 3.41 22.45
N PHE B 175 26.99 3.11 21.77
CA PHE B 175 26.84 1.82 21.14
C PHE B 175 26.99 1.86 19.62
N LYS B 176 27.82 0.95 19.08
CA LYS B 176 27.72 0.55 17.67
C LYS B 176 27.91 -0.95 17.65
N ALA B 177 26.87 -1.72 17.41
CA ALA B 177 27.09 -3.15 17.25
C ALA B 177 26.61 -3.51 15.88
N SER B 178 27.46 -4.17 15.09
CA SER B 178 27.08 -4.46 13.70
C SER B 178 25.91 -5.43 13.64
N GLY B 179 25.06 -5.25 12.63
CA GLY B 179 23.97 -6.18 12.40
C GLY B 179 22.75 -6.03 13.30
N VAL B 180 22.57 -4.85 13.89
CA VAL B 180 21.39 -4.63 14.71
C VAL B 180 20.45 -3.60 14.09
N GLU B 181 21.02 -2.52 13.56
CA GLU B 181 20.20 -1.54 12.88
C GLU B 181 19.36 -2.24 11.80
N GLY B 182 18.07 -2.00 11.82
CA GLY B 182 17.16 -2.58 10.83
C GLY B 182 16.62 -3.94 11.24
N ALA B 183 17.12 -4.46 12.35
CA ALA B 183 16.68 -5.76 12.85
C ALA B 183 15.84 -5.63 14.11
N ASP B 184 15.04 -6.66 14.39
CA ASP B 184 14.23 -6.70 15.60
C ASP B 184 15.06 -7.26 16.76
N VAL B 185 15.37 -6.41 17.72
CA VAL B 185 16.21 -6.81 18.84
C VAL B 185 15.55 -7.92 19.65
N VAL B 186 14.23 -7.98 19.62
CA VAL B 186 13.53 -9.04 20.33
C VAL B 186 13.92 -10.39 19.73
N LYS B 187 13.90 -10.48 18.40
CA LYS B 187 14.31 -11.70 17.72
C LYS B 187 15.77 -12.00 18.05
N LEU B 188 16.62 -10.99 17.88
CA LEU B 188 18.05 -11.16 18.16
C LEU B 188 18.28 -11.75 19.54
N LEU B 189 17.59 -11.21 20.54
CA LEU B 189 17.74 -11.67 21.91
C LEU B 189 17.31 -13.12 22.04
N ASN B 190 16.12 -13.43 21.56
CA ASN B 190 15.63 -14.80 21.58
C ASN B 190 16.63 -15.71 20.90
N LYS B 191 17.15 -15.25 19.77
CA LYS B 191 18.15 -16.01 19.02
C LYS B 191 19.33 -16.36 19.90
N ALA B 192 19.84 -15.38 20.65
CA ALA B 192 20.98 -15.59 21.52
C ALA B 192 20.61 -16.56 22.66
N ILE B 193 19.40 -16.42 23.17
CA ILE B 193 18.92 -17.30 24.24
C ILE B 193 18.75 -18.73 23.74
N LYS B 194 18.29 -18.87 22.51
CA LYS B 194 18.12 -20.20 21.95
C LYS B 194 19.46 -20.88 21.74
N LYS B 195 20.51 -20.10 21.49
CA LYS B 195 21.83 -20.68 21.28
C LYS B 195 22.41 -21.24 22.58
N ARG B 196 22.10 -20.62 23.71
CA ARG B 196 22.61 -21.10 24.99
C ARG B 196 21.93 -22.40 25.44
N GLY B 197 20.61 -22.38 25.55
CA GLY B 197 19.86 -23.57 25.92
C GLY B 197 19.62 -23.71 27.41
N ASP B 198 20.25 -22.84 28.21
CA ASP B 198 20.14 -22.89 29.67
C ASP B 198 18.74 -22.61 30.20
N TYR B 199 17.89 -21.97 29.40
CA TYR B 199 16.58 -21.56 29.89
C TYR B 199 15.64 -21.04 28.81
N ASP B 200 14.43 -20.71 29.23
CA ASP B 200 13.42 -20.10 28.36
C ASP B 200 13.29 -18.63 28.72
N ALA B 201 12.98 -17.80 27.72
CA ALA B 201 12.82 -16.37 27.95
C ALA B 201 11.60 -15.85 27.21
N ASN B 202 10.60 -15.41 27.98
CA ASN B 202 9.39 -14.84 27.40
C ASN B 202 9.47 -13.32 27.36
N ILE B 203 10.22 -12.78 26.40
CA ILE B 203 10.29 -11.32 26.21
C ILE B 203 8.92 -10.82 25.75
N VAL B 204 8.24 -10.08 26.59
CA VAL B 204 6.86 -9.71 26.31
C VAL B 204 6.66 -8.25 25.90
N ALA B 205 7.66 -7.41 26.15
CA ALA B 205 7.55 -6.00 25.80
C ALA B 205 8.92 -5.33 25.71
N VAL B 206 9.01 -4.28 24.92
CA VAL B 206 10.24 -3.50 24.80
C VAL B 206 9.89 -2.03 24.98
N VAL B 207 10.66 -1.33 25.82
CA VAL B 207 10.38 0.07 26.08
C VAL B 207 11.62 0.93 26.09
N ASN B 208 11.43 2.19 25.74
CA ASN B 208 12.47 3.20 25.84
C ASN B 208 12.59 3.58 27.31
N ASP B 209 13.74 4.10 27.73
CA ASP B 209 13.89 4.44 29.15
C ASP B 209 13.01 5.61 29.55
N THR B 210 12.78 6.55 28.63
CA THR B 210 11.85 7.64 28.92
C THR B 210 10.50 7.04 29.29
N VAL B 211 10.03 6.10 28.47
CA VAL B 211 8.75 5.45 28.71
C VAL B 211 8.75 4.75 30.06
N GLY B 212 9.85 4.09 30.41
CA GLY B 212 9.96 3.43 31.69
C GLY B 212 9.86 4.44 32.82
N THR B 213 10.62 5.52 32.70
CA THR B 213 10.62 6.58 33.69
C THR B 213 9.21 7.12 33.91
N MET B 214 8.52 7.42 32.82
CA MET B 214 7.15 7.90 32.91
C MET B 214 6.29 6.92 33.71
N MET B 215 6.33 5.64 33.31
CA MET B 215 5.52 4.63 33.99
C MET B 215 5.92 4.45 35.45
N THR B 216 7.20 4.63 35.75
CA THR B 216 7.68 4.51 37.11
C THR B 216 7.14 5.62 37.99
N CYS B 217 7.14 6.84 37.48
CA CYS B 217 6.59 7.97 38.21
C CYS B 217 5.07 7.98 38.16
N GLY B 218 4.52 7.54 37.04
CA GLY B 218 3.07 7.46 36.91
C GLY B 218 2.50 6.57 38.00
N TYR B 219 3.32 5.63 38.47
CA TYR B 219 2.88 4.70 39.51
C TYR B 219 2.54 5.43 40.81
N ASP B 220 3.29 6.48 41.12
CA ASP B 220 3.06 7.25 42.34
C ASP B 220 2.24 8.51 42.09
N ASP B 221 2.28 9.04 40.86
CA ASP B 221 1.58 10.28 40.56
C ASP B 221 0.66 10.16 39.33
N GLN B 222 -0.63 10.03 39.58
CA GLN B 222 -1.61 9.86 38.52
C GLN B 222 -1.65 11.03 37.53
N HIS B 223 -0.80 12.03 37.74
CA HIS B 223 -0.79 13.19 36.86
C HIS B 223 0.40 13.18 35.91
N CYS B 224 1.22 12.14 36.00
CA CYS B 224 2.40 12.03 35.16
C CYS B 224 2.00 11.78 33.70
N GLU B 225 2.45 12.65 32.81
CA GLU B 225 2.15 12.51 31.39
C GLU B 225 3.41 12.69 30.55
N VAL B 226 4.56 12.66 31.22
CA VAL B 226 5.83 12.87 30.55
C VAL B 226 6.93 12.04 31.19
N GLY B 227 7.83 11.54 30.35
CA GLY B 227 9.00 10.81 30.82
C GLY B 227 10.19 11.52 30.22
N LEU B 228 11.08 12.00 31.09
CA LEU B 228 12.22 12.80 30.63
C LEU B 228 13.55 12.22 31.12
N ILE B 229 14.47 12.02 30.18
CA ILE B 229 15.80 11.54 30.51
C ILE B 229 16.86 12.58 30.19
N ILE B 230 17.83 12.71 31.08
CA ILE B 230 18.95 13.60 30.87
C ILE B 230 20.15 12.98 31.58
N GLY B 231 20.70 11.93 30.97
CA GLY B 231 21.88 11.25 31.50
C GLY B 231 22.92 11.16 30.41
N THR B 232 23.32 9.95 30.06
CA THR B 232 24.23 9.74 28.94
C THR B 232 23.68 10.44 27.70
N GLY B 233 22.41 10.21 27.42
CA GLY B 233 21.75 10.85 26.30
C GLY B 233 20.54 11.59 26.83
N THR B 234 19.81 12.26 25.95
CA THR B 234 18.63 12.99 26.38
C THR B 234 17.46 12.72 25.46
N ASN B 235 16.27 12.62 26.04
CA ASN B 235 15.09 12.28 25.28
C ASN B 235 13.87 12.49 26.15
N ALA B 236 12.69 12.45 25.55
CA ALA B 236 11.44 12.63 26.29
C ALA B 236 10.27 11.95 25.59
N CYS B 237 9.38 11.39 26.39
CA CYS B 237 8.17 10.79 25.87
C CYS B 237 6.97 11.44 26.54
N TYR B 238 5.77 11.18 26.03
CA TYR B 238 4.59 11.78 26.61
C TYR B 238 3.31 11.15 26.06
N MET B 239 2.17 11.48 26.67
CA MET B 239 0.89 10.94 26.25
C MET B 239 0.30 11.81 25.16
N GLU B 240 0.22 11.27 23.95
CA GLU B 240 -0.36 11.98 22.83
C GLU B 240 -1.76 11.42 22.55
N GLU B 241 -2.61 12.23 21.93
CA GLU B 241 -3.94 11.77 21.56
C GLU B 241 -3.85 10.86 20.34
N LEU B 242 -4.47 9.70 20.42
CA LEU B 242 -4.36 8.72 19.36
C LEU B 242 -4.92 9.21 18.02
N ARG B 243 -5.64 10.33 18.06
CA ARG B 243 -6.20 10.91 16.85
C ARG B 243 -5.14 11.75 16.14
N HIS B 244 -4.08 12.09 16.85
CA HIS B 244 -3.00 12.90 16.31
C HIS B 244 -1.86 12.03 15.76
N ILE B 245 -1.89 10.76 16.10
CA ILE B 245 -0.88 9.82 15.66
C ILE B 245 -1.28 9.15 14.35
N ASP B 246 -0.89 9.77 13.24
CA ASP B 246 -1.24 9.28 11.91
C ASP B 246 -0.79 7.84 11.69
N LEU B 247 0.45 7.55 12.09
CA LEU B 247 1.05 6.25 11.81
C LEU B 247 0.43 5.11 12.62
N VAL B 248 -0.58 5.42 13.42
CA VAL B 248 -1.30 4.37 14.14
C VAL B 248 -2.79 4.53 13.91
N GLU B 249 -3.36 3.63 13.11
CA GLU B 249 -4.79 3.65 12.86
C GLU B 249 -5.52 3.60 14.20
N GLY B 250 -6.43 4.54 14.39
CA GLY B 250 -7.15 4.63 15.64
C GLY B 250 -7.21 6.07 16.09
N ASP B 251 -8.32 6.40 16.75
CA ASP B 251 -8.55 7.75 17.24
C ASP B 251 -8.96 7.66 18.70
N GLU B 252 -9.01 6.42 19.20
CA GLU B 252 -9.48 6.15 20.56
C GLU B 252 -8.38 6.26 21.60
N GLY B 253 -8.59 7.12 22.58
CA GLY B 253 -7.68 7.26 23.70
C GLY B 253 -6.38 7.95 23.38
N ARG B 254 -5.35 7.60 24.14
CA ARG B 254 -4.03 8.16 23.98
C ARG B 254 -2.99 7.06 23.92
N MET B 255 -1.78 7.42 23.51
CA MET B 255 -0.67 6.49 23.46
C MET B 255 0.60 7.28 23.74
N CYS B 256 1.53 6.67 24.46
CA CYS B 256 2.79 7.32 24.75
C CYS B 256 3.63 7.44 23.46
N ILE B 257 4.18 8.62 23.24
CA ILE B 257 5.00 8.86 22.06
C ILE B 257 6.44 9.13 22.48
N ASN B 258 7.36 8.36 21.93
CA ASN B 258 8.78 8.57 22.18
C ASN B 258 9.30 9.58 21.17
N THR B 259 9.48 10.83 21.61
CA THR B 259 9.83 11.90 20.68
C THR B 259 11.19 11.68 20.03
N GLU B 260 12.13 11.09 20.77
CA GLU B 260 13.50 10.94 20.29
C GLU B 260 14.02 12.30 19.86
N TRP B 261 13.88 13.28 20.74
CA TRP B 261 14.25 14.65 20.40
C TRP B 261 15.76 14.85 20.27
N GLY B 262 16.53 13.78 20.42
CA GLY B 262 17.97 13.87 20.27
C GLY B 262 18.36 14.22 18.83
N ALA B 263 17.56 13.76 17.88
CA ALA B 263 17.87 13.97 16.46
C ALA B 263 17.35 15.31 15.96
N PHE B 264 16.84 16.11 16.88
CA PHE B 264 16.35 17.46 16.58
C PHE B 264 17.49 18.30 16.00
N GLY B 265 17.26 18.84 14.80
CA GLY B 265 18.27 19.67 14.14
C GLY B 265 19.24 18.89 13.27
N ASP B 266 19.02 17.58 13.16
CA ASP B 266 19.91 16.76 12.34
C ASP B 266 19.80 17.12 10.86
N ASP B 267 18.78 17.88 10.49
CA ASP B 267 18.61 18.31 9.12
C ASP B 267 19.11 19.74 8.91
N GLY B 268 19.86 20.26 9.89
CA GLY B 268 20.39 21.62 9.81
C GLY B 268 19.48 22.63 10.47
N SER B 269 18.35 22.15 10.98
CA SER B 269 17.34 22.99 11.62
C SER B 269 17.91 23.87 12.73
N LEU B 270 19.05 23.46 13.29
CA LEU B 270 19.60 24.16 14.45
C LEU B 270 21.01 24.71 14.22
N GLU B 271 21.37 24.97 12.97
CA GLU B 271 22.73 25.40 12.67
C GLU B 271 23.05 26.80 13.17
N ASP B 272 22.03 27.65 13.25
CA ASP B 272 22.22 29.00 13.76
C ASP B 272 22.35 29.00 15.28
N ILE B 273 22.24 27.82 15.87
CA ILE B 273 22.36 27.65 17.31
C ILE B 273 23.65 26.95 17.65
N ARG B 274 24.02 25.96 16.84
CA ARG B 274 25.24 25.18 17.07
C ARG B 274 26.48 26.04 16.86
N THR B 275 27.52 25.77 17.64
CA THR B 275 28.76 26.55 17.56
C THR B 275 29.90 25.72 16.99
N GLU B 276 31.03 26.37 16.77
CA GLU B 276 32.21 25.69 16.26
C GLU B 276 32.58 24.53 17.17
N PHE B 277 32.26 24.67 18.44
CA PHE B 277 32.59 23.66 19.44
C PHE B 277 31.71 22.43 19.31
N ASP B 278 30.45 22.67 18.95
CA ASP B 278 29.49 21.59 18.76
C ASP B 278 29.81 20.85 17.47
N ARG B 279 30.36 21.57 16.50
CA ARG B 279 30.73 20.97 15.22
C ARG B 279 31.98 20.14 15.36
N GLU B 280 32.89 20.56 16.23
CA GLU B 280 34.10 19.77 16.44
C GLU B 280 33.83 18.52 17.27
N ILE B 281 33.02 18.66 18.31
CA ILE B 281 32.71 17.50 19.13
C ILE B 281 32.05 16.44 18.25
N ASP B 282 31.30 16.93 17.27
CA ASP B 282 30.61 16.05 16.32
C ASP B 282 31.63 15.31 15.45
N ARG B 283 32.58 16.05 14.88
CA ARG B 283 33.56 15.46 13.98
C ARG B 283 34.36 14.34 14.61
N GLY B 284 34.35 14.25 15.94
CA GLY B 284 35.06 13.19 16.65
C GLY B 284 34.11 12.21 17.29
N SER B 285 32.81 12.41 17.09
CA SER B 285 31.77 11.59 17.71
C SER B 285 31.64 10.23 17.04
N LEU B 286 31.15 9.27 17.81
CA LEU B 286 30.94 7.91 17.34
C LEU B 286 29.84 7.87 16.29
N ASN B 287 29.10 8.96 16.17
CA ASN B 287 27.98 9.04 15.22
C ASN B 287 27.88 10.41 14.54
N PRO B 288 28.86 10.75 13.70
CA PRO B 288 28.96 12.05 13.05
C PRO B 288 27.67 12.50 12.39
N GLY B 289 27.31 13.76 12.60
CA GLY B 289 26.14 14.35 11.95
C GLY B 289 24.80 13.92 12.53
N LYS B 290 24.83 13.14 13.61
CA LYS B 290 23.58 12.68 14.22
C LYS B 290 23.43 13.09 15.68
N GLN B 291 22.19 13.07 16.19
CA GLN B 291 21.89 13.43 17.58
C GLN B 291 22.43 14.82 17.97
N LEU B 292 22.53 15.69 16.98
CA LEU B 292 23.09 17.03 17.16
C LEU B 292 22.52 17.80 18.36
N PHE B 293 21.22 17.73 18.55
CA PHE B 293 20.58 18.40 19.68
C PHE B 293 21.07 17.79 20.98
N GLU B 294 21.07 16.47 21.04
CA GLU B 294 21.50 15.73 22.20
C GLU B 294 22.97 16.02 22.54
N LYS B 295 23.76 16.32 21.52
CA LYS B 295 25.18 16.58 21.70
C LYS B 295 25.45 17.97 22.30
N MET B 296 24.38 18.72 22.53
CA MET B 296 24.48 20.01 23.19
C MET B 296 23.85 19.91 24.58
N VAL B 297 23.43 18.70 24.95
CA VAL B 297 22.66 18.51 26.18
C VAL B 297 23.19 17.42 27.13
N SER B 298 23.21 16.16 26.67
CA SER B 298 23.46 15.02 27.58
C SER B 298 24.86 14.94 28.19
N GLY B 299 24.96 14.13 29.24
CA GLY B 299 26.19 14.00 30.02
C GLY B 299 27.35 13.39 29.27
N MET B 300 27.07 12.66 28.20
CA MET B 300 28.13 12.05 27.43
C MET B 300 28.91 13.10 26.68
N TYR B 301 28.41 14.34 26.66
CA TYR B 301 29.03 15.36 25.83
C TYR B 301 29.43 16.66 26.54
N LEU B 302 28.63 17.11 27.51
CA LEU B 302 28.90 18.38 28.17
C LEU B 302 30.37 18.53 28.57
N GLY B 303 30.94 17.48 29.17
CA GLY B 303 32.33 17.49 29.60
C GLY B 303 33.36 17.72 28.49
N GLU B 304 33.25 16.92 27.43
CA GLU B 304 34.17 17.02 26.30
C GLU B 304 33.97 18.36 25.60
N LEU B 305 32.73 18.83 25.61
CA LEU B 305 32.38 20.10 24.99
C LEU B 305 33.12 21.21 25.74
N VAL B 306 33.29 21.02 27.04
CA VAL B 306 34.03 21.97 27.85
C VAL B 306 35.51 21.91 27.53
N ARG B 307 36.06 20.70 27.52
CA ARG B 307 37.47 20.50 27.23
C ARG B 307 37.88 21.23 25.96
N LEU B 308 37.12 21.01 24.89
CA LEU B 308 37.38 21.65 23.60
C LEU B 308 37.51 23.16 23.73
N ILE B 309 36.71 23.74 24.61
CA ILE B 309 36.73 25.19 24.81
C ILE B 309 37.97 25.61 25.59
N LEU B 310 38.32 24.84 26.61
CA LEU B 310 39.52 25.13 27.40
C LEU B 310 40.74 25.13 26.49
N VAL B 311 40.85 24.09 25.68
CA VAL B 311 41.95 23.96 24.73
C VAL B 311 41.98 25.14 23.77
N LYS B 312 40.79 25.62 23.40
CA LYS B 312 40.67 26.75 22.48
C LYS B 312 41.20 28.01 23.13
N MET B 313 40.73 28.28 24.35
CA MET B 313 41.20 29.44 25.10
C MET B 313 42.68 29.32 25.43
N ALA B 314 43.07 28.16 25.95
CA ALA B 314 44.46 27.91 26.29
C ALA B 314 45.36 28.31 25.12
N LYS B 315 44.98 27.88 23.92
CA LYS B 315 45.75 28.20 22.72
C LYS B 315 45.76 29.69 22.44
N GLU B 316 44.66 30.37 22.76
CA GLU B 316 44.57 31.80 22.52
C GLU B 316 45.03 32.62 23.73
N GLY B 317 45.72 31.94 24.65
CA GLY B 317 46.33 32.60 25.80
C GLY B 317 45.42 33.01 26.93
N LEU B 318 44.10 32.92 26.72
CA LEU B 318 43.15 33.34 27.74
C LEU B 318 43.09 32.43 28.97
N LEU B 319 44.02 31.49 29.09
CA LEU B 319 44.04 30.59 30.24
C LEU B 319 45.43 30.01 30.50
N PHE B 320 45.78 29.87 31.76
CA PHE B 320 47.07 29.32 32.16
C PHE B 320 48.23 29.73 31.27
N GLU B 321 48.49 31.04 31.19
CA GLU B 321 49.62 31.55 30.42
C GLU B 321 49.71 30.99 29.00
N GLY B 322 48.63 30.38 28.53
CA GLY B 322 48.60 29.80 27.19
C GLY B 322 49.20 28.41 27.17
N ARG B 323 49.64 27.94 28.33
CA ARG B 323 50.22 26.61 28.46
C ARG B 323 49.24 25.52 28.03
N ILE B 324 49.78 24.41 27.53
CA ILE B 324 48.95 23.29 27.08
C ILE B 324 49.66 21.97 27.28
N THR B 325 49.09 21.09 28.09
CA THR B 325 49.66 19.78 28.33
C THR B 325 48.95 18.72 27.50
N PRO B 326 49.63 17.60 27.24
CA PRO B 326 49.03 16.50 26.50
C PRO B 326 47.70 16.04 27.11
N GLU B 327 47.66 15.92 28.42
CA GLU B 327 46.43 15.53 29.12
C GLU B 327 45.26 16.41 28.67
N LEU B 328 45.49 17.72 28.64
CA LEU B 328 44.47 18.68 28.25
C LEU B 328 43.91 18.38 26.86
N LEU B 329 44.80 18.11 25.92
CA LEU B 329 44.42 17.86 24.53
C LEU B 329 43.77 16.49 24.30
N THR B 330 43.91 15.59 25.25
CA THR B 330 43.39 14.24 25.10
C THR B 330 41.86 14.17 25.20
N ARG B 331 41.29 13.30 24.40
CA ARG B 331 39.85 13.07 24.38
C ARG B 331 39.42 12.46 25.70
N GLY B 332 38.34 12.99 26.26
CA GLY B 332 37.76 12.45 27.49
C GLY B 332 38.53 12.67 28.78
N LYS B 333 39.49 13.59 28.79
CA LYS B 333 40.23 13.89 30.01
C LYS B 333 39.47 14.83 30.94
N PHE B 334 38.30 15.29 30.48
CA PHE B 334 37.45 16.18 31.27
C PHE B 334 36.00 15.68 31.28
N ASN B 335 35.66 14.91 32.31
CA ASN B 335 34.31 14.35 32.43
C ASN B 335 33.27 15.40 32.81
N THR B 336 32.01 15.08 32.51
CA THR B 336 30.89 15.90 32.95
C THR B 336 30.86 15.84 34.47
N SER B 337 31.31 14.71 35.00
CA SER B 337 31.45 14.54 36.42
C SER B 337 32.27 15.71 36.97
N ASP B 338 33.39 15.98 36.33
CA ASP B 338 34.24 17.10 36.71
C ASP B 338 33.49 18.42 36.55
N VAL B 339 32.64 18.49 35.54
CA VAL B 339 31.83 19.68 35.33
C VAL B 339 30.92 19.90 36.52
N SER B 340 30.35 18.82 37.04
CA SER B 340 29.45 18.91 38.19
C SER B 340 30.19 19.43 39.43
N ALA B 341 31.21 18.69 39.84
CA ALA B 341 32.01 19.05 41.00
C ALA B 341 32.38 20.53 40.97
N ILE B 342 32.97 20.96 39.87
CA ILE B 342 33.40 22.35 39.72
C ILE B 342 32.27 23.35 39.90
N GLU B 343 31.03 22.92 39.67
CA GLU B 343 29.90 23.82 39.80
C GLU B 343 29.28 23.80 41.19
N LYS B 344 29.91 23.06 42.10
CA LYS B 344 29.41 23.00 43.47
C LYS B 344 29.56 24.32 44.19
N ASN B 345 28.49 24.73 44.89
CA ASN B 345 28.56 25.93 45.70
C ASN B 345 29.79 25.90 46.60
N LYS B 346 29.92 24.81 47.34
CA LYS B 346 30.98 24.68 48.33
C LYS B 346 32.38 24.64 47.74
N GLU B 347 32.62 23.60 46.95
CA GLU B 347 33.98 23.25 46.53
C GLU B 347 34.27 23.56 45.08
N GLY B 348 33.32 24.18 44.37
CA GLY B 348 33.50 24.37 42.93
C GLY B 348 34.93 24.83 42.65
N LEU B 349 35.26 26.00 43.17
CA LEU B 349 36.57 26.58 42.93
C LEU B 349 37.64 25.66 43.45
N HIS B 350 37.38 25.07 44.61
CA HIS B 350 38.34 24.17 45.17
C HIS B 350 38.50 22.94 44.32
N ASN B 351 37.37 22.39 43.86
CA ASN B 351 37.41 21.19 43.05
C ASN B 351 38.06 21.47 41.70
N ALA B 352 37.69 22.59 41.10
CA ALA B 352 38.26 23.01 39.82
C ALA B 352 39.78 23.00 39.91
N LYS B 353 40.30 23.38 41.07
CA LYS B 353 41.74 23.43 41.28
C LYS B 353 42.39 22.06 41.12
N GLU B 354 41.90 21.08 41.86
CA GLU B 354 42.47 19.73 41.81
C GLU B 354 42.37 19.11 40.42
N ILE B 355 41.23 19.31 39.78
CA ILE B 355 41.00 18.77 38.44
C ILE B 355 42.04 19.32 37.46
N LEU B 356 42.11 20.64 37.38
CA LEU B 356 43.01 21.32 36.46
C LEU B 356 44.48 21.00 36.74
N THR B 357 44.82 20.79 38.01
CA THR B 357 46.20 20.48 38.39
C THR B 357 46.57 19.08 37.94
N ARG B 358 45.61 18.18 37.98
CA ARG B 358 45.83 16.80 37.52
C ARG B 358 45.98 16.77 36.01
N LEU B 359 45.44 17.78 35.34
CA LEU B 359 45.50 17.87 33.88
C LEU B 359 46.82 18.41 33.37
N GLY B 360 47.72 18.77 34.27
CA GLY B 360 49.05 19.24 33.85
C GLY B 360 49.26 20.74 33.83
N VAL B 361 48.20 21.50 33.61
CA VAL B 361 48.31 22.96 33.61
C VAL B 361 48.64 23.45 35.00
N GLU B 362 49.08 24.71 35.10
CA GLU B 362 49.36 25.31 36.39
C GLU B 362 48.21 26.24 36.74
N PRO B 363 47.11 25.69 37.25
CA PRO B 363 45.89 26.46 37.50
C PRO B 363 46.07 27.61 38.49
N SER B 364 46.03 28.84 37.98
CA SER B 364 46.06 30.00 38.83
C SER B 364 44.63 30.22 39.33
N ASP B 365 44.49 30.75 40.53
CA ASP B 365 43.17 30.94 41.11
C ASP B 365 42.18 31.60 40.14
N ASP B 366 42.67 32.47 39.27
CA ASP B 366 41.79 33.10 38.30
C ASP B 366 41.37 32.11 37.22
N ASP B 367 42.27 31.18 36.90
CA ASP B 367 41.93 30.12 35.96
C ASP B 367 40.74 29.34 36.52
N CYS B 368 40.90 28.81 37.72
CA CYS B 368 39.85 28.03 38.36
C CYS B 368 38.49 28.72 38.26
N VAL B 369 38.47 30.03 38.44
CA VAL B 369 37.24 30.79 38.30
C VAL B 369 36.78 30.77 36.85
N SER B 370 37.71 31.11 35.96
CA SER B 370 37.44 31.13 34.52
C SER B 370 36.80 29.82 34.07
N VAL B 371 37.51 28.73 34.29
CA VAL B 371 37.04 27.40 33.94
C VAL B 371 35.63 27.15 34.49
N GLN B 372 35.49 27.26 35.81
CA GLN B 372 34.20 27.05 36.46
C GLN B 372 33.07 27.82 35.79
N HIS B 373 33.38 29.00 35.28
CA HIS B 373 32.38 29.84 34.62
C HIS B 373 32.03 29.27 33.24
N VAL B 374 33.03 28.71 32.57
CA VAL B 374 32.77 28.07 31.28
C VAL B 374 31.78 26.94 31.51
N CYS B 375 32.07 26.11 32.51
CA CYS B 375 31.17 25.03 32.89
C CYS B 375 29.76 25.56 33.05
N THR B 376 29.63 26.69 33.74
CA THR B 376 28.34 27.30 33.98
C THR B 376 27.60 27.57 32.67
N ILE B 377 28.27 28.22 31.73
CA ILE B 377 27.65 28.56 30.44
C ILE B 377 27.18 27.31 29.71
N VAL B 378 28.03 26.28 29.70
CA VAL B 378 27.70 25.04 29.02
C VAL B 378 26.50 24.37 29.69
N SER B 379 26.71 23.93 30.93
CA SER B 379 25.65 23.32 31.71
C SER B 379 24.33 24.07 31.59
N PHE B 380 24.38 25.39 31.69
CA PHE B 380 23.17 26.21 31.66
C PHE B 380 22.51 26.13 30.28
N ARG B 381 23.34 26.15 29.23
CA ARG B 381 22.81 26.07 27.88
C ARG B 381 22.02 24.78 27.71
N SER B 382 22.56 23.70 28.26
CA SER B 382 21.90 22.40 28.20
C SER B 382 20.51 22.49 28.83
N ALA B 383 20.47 22.87 30.10
CA ALA B 383 19.21 22.99 30.81
C ALA B 383 18.22 23.86 30.03
N ASN B 384 18.65 25.06 29.65
CA ASN B 384 17.78 25.94 28.88
C ASN B 384 17.24 25.27 27.62
N LEU B 385 18.10 24.54 26.92
CA LEU B 385 17.69 23.82 25.73
C LEU B 385 16.58 22.84 26.05
N VAL B 386 16.86 21.93 26.98
CA VAL B 386 15.85 20.98 27.41
C VAL B 386 14.56 21.72 27.82
N ALA B 387 14.72 22.80 28.56
CA ALA B 387 13.58 23.60 28.99
C ALA B 387 12.73 24.02 27.80
N ALA B 388 13.38 24.39 26.70
CA ALA B 388 12.66 24.78 25.49
C ALA B 388 11.86 23.62 24.90
N THR B 389 12.51 22.49 24.70
CA THR B 389 11.84 21.34 24.09
C THR B 389 10.76 20.78 24.99
N LEU B 390 11.06 20.65 26.28
CA LEU B 390 10.03 20.20 27.21
C LEU B 390 8.84 21.16 27.15
N GLY B 391 9.15 22.46 27.13
CA GLY B 391 8.12 23.47 27.04
C GLY B 391 7.19 23.23 25.88
N ALA B 392 7.77 23.05 24.68
CA ALA B 392 6.98 22.75 23.50
C ALA B 392 6.02 21.60 23.80
N ILE B 393 6.54 20.57 24.44
CA ILE B 393 5.73 19.40 24.80
C ILE B 393 4.59 19.77 25.73
N LEU B 394 4.91 20.52 26.78
CA LEU B 394 3.89 20.95 27.73
C LEU B 394 2.77 21.70 27.02
N ASN B 395 3.15 22.69 26.20
CA ASN B 395 2.18 23.47 25.45
C ASN B 395 1.32 22.57 24.58
N ARG B 396 1.95 21.56 24.00
CA ARG B 396 1.25 20.60 23.16
C ARG B 396 0.17 19.90 23.97
N LEU B 397 0.54 19.50 25.19
CA LEU B 397 -0.39 18.81 26.08
C LEU B 397 -1.61 19.65 26.41
N ARG B 398 -1.39 20.93 26.71
CA ARG B 398 -2.48 21.82 27.05
C ARG B 398 -3.45 21.98 25.90
N ASP B 399 -2.92 22.27 24.72
CA ASP B 399 -3.72 22.39 23.51
C ASP B 399 -4.59 21.16 23.32
N ASN B 400 -4.05 20.00 23.66
CA ASN B 400 -4.80 18.75 23.53
C ASN B 400 -5.98 18.68 24.50
N LYS B 401 -5.82 19.32 25.66
CA LYS B 401 -6.89 19.35 26.65
C LYS B 401 -7.83 20.51 26.32
N GLY B 402 -7.31 21.51 25.62
CA GLY B 402 -8.09 22.67 25.23
C GLY B 402 -8.50 23.53 26.43
N THR B 403 -7.63 23.61 27.42
CA THR B 403 -7.90 24.40 28.63
C THR B 403 -6.86 25.50 28.80
N PRO B 404 -7.24 26.59 29.49
CA PRO B 404 -6.32 27.71 29.68
C PRO B 404 -5.10 27.35 30.51
N ARG B 405 -5.29 26.50 31.53
CA ARG B 405 -4.20 26.10 32.40
C ARG B 405 -3.90 24.62 32.20
N LEU B 406 -2.74 24.19 32.71
CA LEU B 406 -2.35 22.79 32.66
C LEU B 406 -1.61 22.39 33.93
N ARG B 407 -1.95 21.23 34.47
CA ARG B 407 -1.26 20.70 35.63
C ARG B 407 -0.81 19.28 35.32
N THR B 408 0.49 19.07 35.27
CA THR B 408 1.00 17.75 34.95
C THR B 408 2.27 17.43 35.73
N THR B 409 2.57 16.14 35.85
CA THR B 409 3.79 15.70 36.50
C THR B 409 4.78 15.13 35.48
N VAL B 410 6.05 15.49 35.63
CA VAL B 410 7.09 15.04 34.72
C VAL B 410 8.10 14.14 35.42
N GLY B 411 8.12 12.86 35.04
CA GLY B 411 9.12 11.93 35.59
C GLY B 411 10.49 12.23 35.01
N VAL B 412 11.54 12.05 35.81
CA VAL B 412 12.89 12.35 35.34
C VAL B 412 13.93 11.35 35.83
N ASP B 413 15.02 11.22 35.06
CA ASP B 413 16.12 10.36 35.44
C ASP B 413 17.31 10.65 34.52
N GLY B 414 18.50 10.27 34.97
CA GLY B 414 19.71 10.55 34.21
C GLY B 414 20.79 11.10 35.12
N SER B 415 21.99 10.53 35.01
CA SER B 415 23.10 10.93 35.86
C SER B 415 23.27 12.44 35.97
N LEU B 416 23.23 13.12 34.83
CA LEU B 416 23.41 14.57 34.83
C LEU B 416 22.43 15.23 35.78
N TYR B 417 21.15 15.10 35.47
CA TYR B 417 20.09 15.70 36.28
C TYR B 417 20.18 15.33 37.74
N LYS B 418 20.70 14.15 38.04
CA LYS B 418 20.76 13.65 39.41
C LYS B 418 21.97 14.11 40.21
N THR B 419 23.07 14.44 39.53
CA THR B 419 24.32 14.75 40.22
C THR B 419 24.83 16.17 40.05
N HIS B 420 24.25 16.92 39.11
CA HIS B 420 24.67 18.30 38.92
C HIS B 420 24.05 19.21 39.97
N PRO B 421 24.89 19.98 40.68
CA PRO B 421 24.48 20.85 41.79
C PRO B 421 23.65 22.09 41.42
N GLN B 422 23.44 22.35 40.13
CA GLN B 422 22.67 23.54 39.73
C GLN B 422 21.63 23.22 38.66
N TYR B 423 21.95 22.26 37.80
CA TYR B 423 21.14 21.92 36.64
C TYR B 423 19.64 21.84 36.94
N SER B 424 19.26 20.90 37.80
CA SER B 424 17.85 20.71 38.14
C SER B 424 17.17 22.05 38.36
N ARG B 425 17.78 22.87 39.21
CA ARG B 425 17.24 24.16 39.60
C ARG B 425 17.15 25.14 38.43
N ARG B 426 18.23 25.29 37.69
CA ARG B 426 18.22 26.17 36.52
C ARG B 426 17.17 25.69 35.52
N PHE B 427 17.20 24.39 35.24
CA PHE B 427 16.26 23.74 34.34
C PHE B 427 14.81 24.08 34.70
N HIS B 428 14.43 23.74 35.93
CA HIS B 428 13.10 24.02 36.42
C HIS B 428 12.73 25.50 36.26
N LYS B 429 13.68 26.37 36.61
CA LYS B 429 13.49 27.81 36.53
C LYS B 429 13.08 28.27 35.13
N THR B 430 13.93 27.98 34.16
CA THR B 430 13.69 28.38 32.78
C THR B 430 12.39 27.80 32.27
N LEU B 431 12.14 26.53 32.58
CA LEU B 431 10.93 25.87 32.10
C LEU B 431 9.67 26.62 32.52
N ARG B 432 9.50 26.77 33.83
CA ARG B 432 8.31 27.44 34.36
C ARG B 432 8.17 28.85 33.77
N ARG B 433 9.28 29.56 33.61
CA ARG B 433 9.23 30.89 33.00
C ARG B 433 8.76 30.84 31.54
N LEU B 434 9.05 29.75 30.86
CA LEU B 434 8.68 29.63 29.44
C LEU B 434 7.24 29.18 29.24
N VAL B 435 6.69 28.49 30.23
CA VAL B 435 5.31 28.04 30.16
C VAL B 435 4.57 28.56 31.39
N PRO B 436 4.20 29.84 31.36
CA PRO B 436 3.63 30.53 32.51
C PRO B 436 2.40 29.83 33.07
N ASP B 437 1.47 29.48 32.21
CA ASP B 437 0.18 28.97 32.65
C ASP B 437 0.17 27.46 32.84
N SER B 438 1.21 26.94 33.46
CA SER B 438 1.26 25.53 33.76
C SER B 438 1.86 25.36 35.14
N ASP B 439 1.43 24.32 35.84
CA ASP B 439 1.99 24.01 37.13
C ASP B 439 2.63 22.65 36.95
N VAL B 440 3.92 22.53 37.24
CA VAL B 440 4.64 21.31 36.90
C VAL B 440 5.35 20.67 38.07
N ARG B 441 5.05 19.40 38.32
CA ARG B 441 5.81 18.67 39.30
C ARG B 441 6.90 17.88 38.62
N PHE B 442 8.12 17.99 39.13
CA PHE B 442 9.22 17.19 38.62
C PHE B 442 9.52 16.08 39.60
N LEU B 443 9.04 14.88 39.29
CA LEU B 443 9.25 13.75 40.18
C LEU B 443 10.45 12.93 39.71
N LEU B 444 11.47 12.86 40.57
CA LEU B 444 12.67 12.10 40.26
C LEU B 444 12.45 10.63 40.53
N SER B 445 12.91 9.79 39.61
CA SER B 445 12.80 8.35 39.76
C SER B 445 14.08 7.82 40.40
N GLU B 446 14.04 7.58 41.70
CA GLU B 446 15.22 7.16 42.46
C GLU B 446 15.51 5.68 42.25
N SER B 447 14.49 4.91 41.95
CA SER B 447 14.62 3.48 41.76
C SER B 447 15.16 3.13 40.37
N GLY B 448 14.92 4.02 39.42
CA GLY B 448 15.26 3.76 38.02
C GLY B 448 13.98 3.43 37.27
N SER B 449 14.09 3.20 35.97
CA SER B 449 12.90 2.94 35.16
C SER B 449 12.34 1.53 35.38
N GLY B 450 13.07 0.71 36.12
CA GLY B 450 12.69 -0.68 36.36
C GLY B 450 11.24 -0.92 36.74
N LYS B 451 10.78 -0.25 37.79
CA LYS B 451 9.40 -0.41 38.25
C LYS B 451 8.43 -0.16 37.10
N GLY B 452 8.68 0.92 36.36
CA GLY B 452 7.85 1.28 35.22
C GLY B 452 7.85 0.22 34.15
N ALA B 453 9.04 -0.29 33.82
CA ALA B 453 9.17 -1.33 32.83
C ALA B 453 8.35 -2.55 33.25
N ALA B 454 8.42 -2.90 34.54
CA ALA B 454 7.68 -4.04 35.06
C ALA B 454 6.18 -3.82 34.92
N MET B 455 5.72 -2.61 35.22
CA MET B 455 4.30 -2.29 35.08
C MET B 455 3.85 -2.54 33.64
N VAL B 456 4.67 -2.10 32.69
CA VAL B 456 4.38 -2.32 31.27
C VAL B 456 4.36 -3.80 30.95
N THR B 457 5.38 -4.50 31.42
CA THR B 457 5.50 -5.93 31.19
C THR B 457 4.26 -6.67 31.70
N ALA B 458 3.62 -6.11 32.73
CA ALA B 458 2.43 -6.74 33.28
C ALA B 458 1.30 -6.68 32.26
N VAL B 459 0.95 -5.46 31.85
CA VAL B 459 -0.11 -5.26 30.86
C VAL B 459 0.19 -5.99 29.56
N ALA B 460 1.46 -6.02 29.18
CA ALA B 460 1.88 -6.67 27.95
C ALA B 460 1.67 -8.19 28.00
N TYR B 461 2.09 -8.81 29.10
CA TYR B 461 1.90 -10.24 29.27
C TYR B 461 0.42 -10.58 29.25
N ARG B 462 -0.35 -9.81 30.01
CA ARG B 462 -1.79 -9.98 30.05
C ARG B 462 -2.34 -10.07 28.63
N LEU B 463 -1.89 -9.16 27.76
CA LEU B 463 -2.34 -9.14 26.38
C LEU B 463 -1.72 -10.24 25.52
N ALA B 464 -0.47 -10.59 25.79
CA ALA B 464 0.19 -11.69 25.07
C ALA B 464 -0.60 -12.97 25.29
N GLU B 465 -1.09 -13.14 26.51
CA GLU B 465 -1.88 -14.30 26.89
C GLU B 465 -3.20 -14.38 26.14
N GLN B 466 -3.81 -13.22 25.89
CA GLN B 466 -5.04 -13.17 25.10
C GLN B 466 -4.75 -13.58 23.67
N HIS B 467 -3.66 -13.06 23.12
CA HIS B 467 -3.28 -13.39 21.76
C HIS B 467 -2.95 -14.87 21.63
N ARG B 468 -2.18 -15.39 22.58
CA ARG B 468 -1.84 -16.81 22.57
C ARG B 468 -3.10 -17.64 22.42
N GLN B 469 -4.12 -17.32 23.22
CA GLN B 469 -5.37 -18.07 23.19
C GLN B 469 -6.12 -17.90 21.89
N ILE B 470 -6.14 -16.69 21.36
CA ILE B 470 -6.82 -16.40 20.11
C ILE B 470 -6.20 -17.18 18.94
N GLU B 471 -4.88 -17.13 18.83
CA GLU B 471 -4.17 -17.84 17.76
C GLU B 471 -4.27 -19.36 17.95
N GLU B 472 -4.28 -19.79 19.21
CA GLU B 472 -4.46 -21.18 19.54
C GLU B 472 -5.74 -21.65 18.87
N THR B 473 -6.83 -20.96 19.19
CA THR B 473 -8.13 -21.23 18.58
C THR B 473 -8.03 -21.17 17.06
N LEU B 474 -7.76 -19.99 16.52
CA LEU B 474 -7.71 -19.77 15.08
C LEU B 474 -6.85 -20.80 14.32
N ALA B 475 -5.81 -21.31 14.97
CA ALA B 475 -4.91 -22.26 14.32
C ALA B 475 -5.66 -23.50 13.82
N HIS B 476 -6.72 -23.87 14.51
CA HIS B 476 -7.50 -25.03 14.11
C HIS B 476 -8.15 -24.85 12.73
N PHE B 477 -8.14 -23.63 12.23
CA PHE B 477 -8.71 -23.34 10.92
C PHE B 477 -7.61 -23.29 9.86
N HIS B 478 -6.37 -23.41 10.32
CA HIS B 478 -5.23 -23.45 9.42
C HIS B 478 -5.09 -24.85 8.82
N LEU B 479 -4.88 -24.92 7.51
CA LEU B 479 -4.69 -26.21 6.84
C LEU B 479 -3.40 -26.22 6.05
N THR B 480 -2.59 -27.25 6.26
CA THR B 480 -1.32 -27.39 5.57
C THR B 480 -1.47 -28.13 4.24
N LYS B 481 -0.50 -27.93 3.36
CA LYS B 481 -0.48 -28.63 2.08
C LYS B 481 -0.90 -30.09 2.28
N ASP B 482 -0.21 -30.76 3.18
CA ASP B 482 -0.45 -32.17 3.46
C ASP B 482 -1.88 -32.45 3.91
N MET B 483 -2.47 -31.54 4.68
CA MET B 483 -3.85 -31.71 5.13
C MET B 483 -4.78 -31.52 3.94
N LEU B 484 -4.46 -30.57 3.08
CA LEU B 484 -5.26 -30.28 1.91
C LEU B 484 -5.17 -31.42 0.90
N LEU B 485 -3.97 -31.97 0.75
CA LEU B 485 -3.78 -33.12 -0.12
C LEU B 485 -4.60 -34.30 0.39
N GLU B 486 -4.62 -34.46 1.71
CA GLU B 486 -5.37 -35.53 2.35
C GLU B 486 -6.87 -35.37 2.09
N VAL B 487 -7.35 -34.13 2.20
CA VAL B 487 -8.73 -33.83 1.87
C VAL B 487 -9.00 -34.22 0.43
N LYS B 488 -8.12 -33.79 -0.47
CA LYS B 488 -8.24 -34.13 -1.90
C LYS B 488 -8.37 -35.64 -2.07
N LYS B 489 -7.42 -36.36 -1.47
CA LYS B 489 -7.42 -37.81 -1.48
C LYS B 489 -8.78 -38.35 -1.03
N ARG B 490 -9.21 -37.94 0.17
CA ARG B 490 -10.50 -38.38 0.70
C ARG B 490 -11.64 -38.04 -0.24
N MET B 491 -11.59 -36.85 -0.83
CA MET B 491 -12.61 -36.45 -1.78
C MET B 491 -12.64 -37.44 -2.94
N ARG B 492 -11.46 -37.85 -3.39
CA ARG B 492 -11.36 -38.82 -4.48
C ARG B 492 -12.05 -40.13 -4.13
N ALA B 493 -11.65 -40.72 -3.00
CA ALA B 493 -12.26 -41.97 -2.54
C ALA B 493 -13.78 -41.84 -2.54
N GLU B 494 -14.28 -40.78 -1.91
CA GLU B 494 -15.73 -40.57 -1.82
C GLU B 494 -16.38 -40.55 -3.20
N MET B 495 -15.65 -40.05 -4.19
CA MET B 495 -16.16 -40.03 -5.56
C MET B 495 -16.35 -41.44 -6.07
N GLU B 496 -15.37 -42.29 -5.77
CA GLU B 496 -15.43 -43.69 -6.17
C GLU B 496 -16.65 -44.35 -5.53
N LEU B 497 -16.66 -44.36 -4.20
CA LEU B 497 -17.76 -44.93 -3.44
C LEU B 497 -19.11 -44.55 -4.04
N GLY B 498 -19.23 -43.28 -4.43
CA GLY B 498 -20.49 -42.76 -4.96
C GLY B 498 -20.83 -43.26 -6.34
N LEU B 499 -19.81 -43.68 -7.09
CA LEU B 499 -20.00 -44.16 -8.46
C LEU B 499 -20.25 -45.67 -8.56
N ARG B 500 -19.51 -46.46 -7.79
CA ARG B 500 -19.67 -47.91 -7.81
C ARG B 500 -20.88 -48.35 -6.98
N LYS B 501 -21.84 -49.00 -7.63
CA LYS B 501 -23.09 -49.39 -6.97
C LYS B 501 -22.87 -50.28 -5.76
N GLN B 502 -21.77 -51.00 -5.76
CA GLN B 502 -21.38 -51.82 -4.63
C GLN B 502 -21.39 -50.98 -3.34
N THR B 503 -20.99 -49.72 -3.45
CA THR B 503 -20.85 -48.83 -2.30
C THR B 503 -21.75 -47.59 -2.34
N HIS B 504 -22.38 -47.34 -3.49
CA HIS B 504 -23.20 -46.14 -3.69
C HIS B 504 -24.16 -45.83 -2.54
N ASN B 505 -24.94 -46.83 -2.15
CA ASN B 505 -26.00 -46.65 -1.14
C ASN B 505 -25.52 -46.04 0.18
N ASN B 506 -24.29 -46.36 0.58
CA ASN B 506 -23.74 -45.82 1.83
C ASN B 506 -22.95 -44.55 1.62
N ALA B 507 -22.51 -44.32 0.38
CA ALA B 507 -21.71 -43.15 0.05
C ALA B 507 -22.41 -41.83 0.41
N VAL B 508 -21.66 -40.89 0.94
CA VAL B 508 -22.19 -39.58 1.27
C VAL B 508 -22.21 -38.68 0.03
N VAL B 509 -21.09 -38.61 -0.68
CA VAL B 509 -21.07 -37.90 -1.95
C VAL B 509 -21.76 -38.77 -2.98
N LYS B 510 -23.01 -38.42 -3.29
CA LYS B 510 -23.85 -39.31 -4.10
C LYS B 510 -23.41 -39.49 -5.55
N MET B 511 -22.82 -38.47 -6.14
CA MET B 511 -22.37 -38.58 -7.52
C MET B 511 -23.55 -38.90 -8.43
N LEU B 512 -24.65 -38.19 -8.21
CA LEU B 512 -25.88 -38.42 -8.97
C LEU B 512 -25.68 -38.12 -10.44
N PRO B 513 -26.37 -38.88 -11.32
CA PRO B 513 -26.37 -38.70 -12.76
C PRO B 513 -27.41 -37.67 -13.18
N SER B 514 -27.05 -36.82 -14.14
CA SER B 514 -27.94 -35.74 -14.60
C SER B 514 -28.62 -36.08 -15.91
N PHE B 515 -28.19 -37.16 -16.53
CA PHE B 515 -28.72 -37.56 -17.83
C PHE B 515 -28.51 -36.46 -18.85
N VAL B 516 -27.32 -35.88 -18.79
CA VAL B 516 -26.84 -34.91 -19.75
C VAL B 516 -25.52 -35.50 -20.21
N ARG B 517 -25.46 -35.92 -21.47
CA ARG B 517 -24.33 -36.70 -21.97
C ARG B 517 -23.28 -35.91 -22.73
N ARG B 518 -23.66 -34.78 -23.31
CA ARG B 518 -22.68 -33.96 -24.02
C ARG B 518 -22.90 -32.46 -23.85
N THR B 519 -21.81 -31.71 -23.90
CA THR B 519 -21.86 -30.26 -23.87
C THR B 519 -22.52 -29.80 -25.16
N PRO B 520 -22.93 -28.52 -25.24
CA PRO B 520 -23.60 -28.07 -26.45
C PRO B 520 -22.82 -28.40 -27.71
N ASP B 521 -23.52 -28.84 -28.76
CA ASP B 521 -22.89 -29.19 -30.03
C ASP B 521 -22.86 -28.01 -30.98
N GLY B 522 -23.75 -27.04 -30.75
CA GLY B 522 -23.78 -25.82 -31.54
C GLY B 522 -25.06 -25.67 -32.35
N THR B 523 -25.94 -26.66 -32.27
CA THR B 523 -27.18 -26.64 -33.06
C THR B 523 -28.40 -26.23 -32.24
N GLU B 524 -28.29 -26.29 -30.92
CA GLU B 524 -29.40 -25.89 -30.06
C GLU B 524 -30.12 -24.70 -30.66
N ASN B 525 -31.43 -24.80 -30.82
CA ASN B 525 -32.21 -23.74 -31.46
C ASN B 525 -33.63 -23.69 -30.93
N GLY B 526 -34.22 -22.50 -30.91
CA GLY B 526 -35.62 -22.35 -30.53
C GLY B 526 -35.88 -21.47 -29.32
N ASP B 527 -37.12 -21.48 -28.86
CA ASP B 527 -37.54 -20.73 -27.68
C ASP B 527 -37.68 -21.66 -26.49
N PHE B 528 -37.37 -21.17 -25.30
CA PHE B 528 -37.45 -21.99 -24.09
C PHE B 528 -37.87 -21.21 -22.85
N LEU B 529 -38.55 -21.89 -21.94
CA LEU B 529 -38.91 -21.32 -20.64
C LEU B 529 -38.02 -21.96 -19.58
N ALA B 530 -37.57 -21.17 -18.62
CA ALA B 530 -36.72 -21.73 -17.58
C ALA B 530 -37.18 -21.33 -16.18
N LEU B 531 -36.81 -22.15 -15.21
CA LEU B 531 -37.08 -21.89 -13.81
C LEU B 531 -35.77 -21.92 -13.04
N ASP B 532 -35.65 -21.03 -12.06
CA ASP B 532 -34.44 -20.96 -11.26
C ASP B 532 -34.81 -20.95 -9.78
N LEU B 533 -34.85 -22.13 -9.16
CA LEU B 533 -35.21 -22.27 -7.76
C LEU B 533 -34.08 -22.90 -6.97
N GLY B 534 -33.62 -22.22 -5.93
CA GLY B 534 -32.56 -22.75 -5.09
C GLY B 534 -31.51 -21.75 -4.64
N GLY B 535 -31.25 -20.76 -5.48
CA GLY B 535 -30.31 -19.70 -5.13
C GLY B 535 -30.99 -18.62 -4.31
N THR B 536 -30.31 -17.49 -4.14
CA THR B 536 -30.87 -16.39 -3.37
C THR B 536 -32.14 -15.84 -4.00
N ASN B 537 -32.27 -16.03 -5.31
CA ASN B 537 -33.44 -15.52 -6.02
C ASN B 537 -34.15 -16.57 -6.87
N PHE B 538 -35.44 -16.70 -6.64
CA PHE B 538 -36.28 -17.52 -7.47
C PHE B 538 -36.67 -16.65 -8.65
N ARG B 539 -36.53 -17.18 -9.86
CA ARG B 539 -36.93 -16.41 -11.03
C ARG B 539 -37.36 -17.29 -12.18
N VAL B 540 -38.22 -16.75 -13.04
CA VAL B 540 -38.67 -17.44 -14.24
C VAL B 540 -37.99 -16.79 -15.44
N LEU B 541 -37.51 -17.60 -16.38
CA LEU B 541 -36.79 -17.04 -17.51
C LEU B 541 -37.33 -17.46 -18.87
N LEU B 542 -37.08 -16.59 -19.86
CA LEU B 542 -37.45 -16.85 -21.23
C LEU B 542 -36.16 -16.80 -22.07
N VAL B 543 -35.88 -17.85 -22.81
CA VAL B 543 -34.61 -17.90 -23.54
C VAL B 543 -34.73 -18.34 -25.00
N LYS B 544 -34.32 -17.46 -25.90
CA LYS B 544 -34.36 -17.73 -27.33
C LYS B 544 -32.95 -18.00 -27.87
N ILE B 545 -32.75 -19.18 -28.45
CA ILE B 545 -31.47 -19.54 -29.01
C ILE B 545 -31.56 -19.76 -30.51
N ARG B 546 -30.82 -18.95 -31.26
CA ARG B 546 -30.79 -19.11 -32.71
C ARG B 546 -29.41 -19.59 -33.09
N SER B 547 -29.36 -20.45 -34.09
CA SER B 547 -28.12 -21.11 -34.42
C SER B 547 -27.72 -20.89 -35.86
N GLY B 548 -26.49 -21.30 -36.17
CA GLY B 548 -25.98 -21.28 -37.52
C GLY B 548 -25.64 -19.86 -37.92
N LYS B 549 -25.19 -19.68 -39.16
CA LYS B 549 -25.05 -18.33 -39.63
C LYS B 549 -24.34 -17.58 -38.53
N LYS B 550 -25.01 -16.52 -38.04
CA LYS B 550 -24.68 -15.93 -36.74
C LYS B 550 -25.49 -16.70 -35.70
N ARG B 551 -24.90 -16.94 -34.53
CA ARG B 551 -25.66 -17.58 -33.45
C ARG B 551 -25.88 -16.65 -32.27
N THR B 552 -27.12 -16.60 -31.80
CA THR B 552 -27.52 -15.62 -30.80
C THR B 552 -28.27 -16.24 -29.64
N VAL B 553 -28.34 -15.50 -28.53
CA VAL B 553 -29.04 -15.95 -27.33
C VAL B 553 -29.67 -14.77 -26.59
N GLU B 554 -30.92 -14.48 -26.91
CA GLU B 554 -31.66 -13.41 -26.25
C GLU B 554 -32.42 -13.99 -25.06
N MET B 555 -32.28 -13.36 -23.89
CA MET B 555 -32.98 -13.85 -22.71
C MET B 555 -33.49 -12.78 -21.76
N HIS B 556 -34.67 -13.04 -21.19
CA HIS B 556 -35.30 -12.16 -20.22
C HIS B 556 -35.60 -12.99 -18.98
N ASN B 557 -36.01 -12.33 -17.91
CA ASN B 557 -36.37 -13.02 -16.67
C ASN B 557 -36.87 -12.06 -15.61
N LYS B 558 -37.64 -12.58 -14.67
CA LYS B 558 -38.17 -11.75 -13.60
C LYS B 558 -38.00 -12.45 -12.26
N ILE B 559 -37.63 -11.68 -11.24
CA ILE B 559 -37.46 -12.20 -9.90
C ILE B 559 -38.80 -12.29 -9.19
N TYR B 560 -38.98 -13.33 -8.38
CA TYR B 560 -40.22 -13.52 -7.64
C TYR B 560 -39.92 -13.92 -6.21
N ALA B 561 -40.42 -13.12 -5.27
CA ALA B 561 -40.24 -13.43 -3.87
C ALA B 561 -41.06 -14.66 -3.50
N ILE B 562 -40.49 -15.48 -2.64
CA ILE B 562 -41.16 -16.62 -2.07
C ILE B 562 -41.32 -16.35 -0.58
N PRO B 563 -42.57 -16.13 -0.14
CA PRO B 563 -42.91 -15.74 1.21
C PRO B 563 -42.65 -16.85 2.23
N ILE B 564 -42.39 -16.45 3.47
CA ILE B 564 -42.05 -17.39 4.53
C ILE B 564 -43.08 -18.49 4.58
N GLU B 565 -44.35 -18.08 4.55
CA GLU B 565 -45.45 -19.02 4.58
C GLU B 565 -45.22 -20.07 3.51
N ILE B 566 -44.84 -19.62 2.33
CA ILE B 566 -44.75 -20.53 1.20
C ILE B 566 -43.54 -21.46 1.24
N MET B 567 -42.37 -20.93 1.59
CA MET B 567 -41.12 -21.68 1.44
C MET B 567 -40.95 -22.84 2.41
N GLN B 568 -41.67 -22.78 3.53
CA GLN B 568 -41.65 -23.86 4.51
C GLN B 568 -43.06 -24.31 4.83
N GLY B 569 -43.97 -24.08 3.88
CA GLY B 569 -45.33 -24.56 4.01
C GLY B 569 -45.40 -25.99 3.51
N THR B 570 -46.21 -26.22 2.49
CA THR B 570 -46.35 -27.56 1.93
C THR B 570 -46.00 -27.56 0.46
N GLY B 571 -45.66 -28.74 -0.07
CA GLY B 571 -45.33 -28.87 -1.47
C GLY B 571 -46.41 -28.29 -2.36
N GLU B 572 -47.67 -28.58 -2.02
CA GLU B 572 -48.79 -28.08 -2.81
C GLU B 572 -48.79 -26.56 -2.89
N GLU B 573 -48.52 -25.92 -1.75
CA GLU B 573 -48.48 -24.47 -1.69
C GLU B 573 -47.29 -23.91 -2.48
N LEU B 574 -46.13 -24.50 -2.25
CA LEU B 574 -44.90 -24.06 -2.91
C LEU B 574 -45.07 -24.05 -4.43
N PHE B 575 -45.42 -25.21 -4.99
CA PHE B 575 -45.57 -25.34 -6.43
C PHE B 575 -46.78 -24.60 -7.00
N ASP B 576 -47.78 -24.35 -6.17
CA ASP B 576 -48.92 -23.56 -6.63
C ASP B 576 -48.47 -22.11 -6.80
N HIS B 577 -47.67 -21.64 -5.85
CA HIS B 577 -47.11 -20.29 -5.91
C HIS B 577 -46.20 -20.16 -7.13
N ILE B 578 -45.36 -21.17 -7.33
CA ILE B 578 -44.46 -21.21 -8.47
C ILE B 578 -45.24 -21.08 -9.78
N VAL B 579 -46.27 -21.91 -9.93
CA VAL B 579 -47.09 -21.90 -11.14
C VAL B 579 -47.77 -20.54 -11.32
N SER B 580 -48.04 -19.87 -10.21
CA SER B 580 -48.61 -18.53 -10.26
C SER B 580 -47.65 -17.56 -10.94
N CYS B 581 -46.39 -17.59 -10.53
CA CYS B 581 -45.37 -16.71 -11.09
C CYS B 581 -45.08 -17.08 -12.54
N ILE B 582 -45.19 -18.36 -12.86
CA ILE B 582 -44.98 -18.82 -14.22
C ILE B 582 -46.00 -18.19 -15.14
N SER B 583 -47.25 -18.16 -14.69
CA SER B 583 -48.32 -17.56 -15.45
C SER B 583 -48.07 -16.07 -15.61
N ASP B 584 -47.75 -15.42 -14.49
CA ASP B 584 -47.49 -13.98 -14.49
C ASP B 584 -46.37 -13.62 -15.44
N PHE B 585 -45.30 -14.42 -15.43
CA PHE B 585 -44.17 -14.18 -16.33
C PHE B 585 -44.64 -14.26 -17.77
N LEU B 586 -45.39 -15.30 -18.09
CA LEU B 586 -45.93 -15.47 -19.43
C LEU B 586 -46.68 -14.21 -19.89
N ASP B 587 -47.45 -13.62 -18.98
CA ASP B 587 -48.13 -12.36 -19.28
C ASP B 587 -47.08 -11.29 -19.58
N TYR B 588 -46.15 -11.12 -18.63
CA TYR B 588 -45.05 -10.17 -18.73
C TYR B 588 -44.36 -10.23 -20.10
N MET B 589 -44.19 -11.44 -20.62
CA MET B 589 -43.55 -11.62 -21.92
C MET B 589 -44.59 -11.62 -23.03
N GLY B 590 -45.86 -11.56 -22.64
CA GLY B 590 -46.98 -11.56 -23.57
C GLY B 590 -46.96 -12.78 -24.45
N ILE B 591 -46.61 -13.93 -23.87
CA ILE B 591 -46.53 -15.15 -24.65
C ILE B 591 -47.50 -16.22 -24.20
N LYS B 592 -48.46 -15.90 -23.35
CA LYS B 592 -49.30 -16.97 -22.81
C LYS B 592 -50.31 -17.52 -23.81
N GLY B 593 -50.18 -18.80 -24.10
CA GLY B 593 -51.03 -19.47 -25.07
C GLY B 593 -50.42 -20.79 -25.51
N PRO B 594 -49.28 -20.73 -26.18
CA PRO B 594 -48.53 -21.88 -26.68
C PRO B 594 -47.95 -22.77 -25.58
N ARG B 595 -47.78 -24.04 -25.92
CA ARG B 595 -47.28 -25.05 -25.00
C ARG B 595 -45.76 -25.01 -24.98
N MET B 596 -45.17 -23.98 -24.40
CA MET B 596 -43.71 -23.89 -24.45
C MET B 596 -43.03 -25.00 -23.64
N PRO B 597 -41.84 -25.41 -24.11
CA PRO B 597 -40.99 -26.38 -23.42
C PRO B 597 -40.21 -25.70 -22.30
N LEU B 598 -40.09 -26.35 -21.16
CA LEU B 598 -39.49 -25.67 -20.00
C LEU B 598 -38.30 -26.38 -19.37
N GLY B 599 -37.36 -25.58 -18.89
CA GLY B 599 -36.20 -26.07 -18.17
C GLY B 599 -36.31 -25.69 -16.71
N PHE B 600 -36.14 -26.68 -15.85
CA PHE B 600 -36.31 -26.47 -14.43
C PHE B 600 -34.98 -26.65 -13.72
N THR B 601 -34.46 -25.56 -13.18
CA THR B 601 -33.26 -25.62 -12.38
C THR B 601 -33.75 -25.69 -10.95
N PHE B 602 -33.57 -26.87 -10.38
CA PHE B 602 -33.96 -27.12 -9.02
C PHE B 602 -32.67 -27.58 -8.41
N SER B 603 -32.10 -26.78 -7.49
CA SER B 603 -30.75 -27.11 -7.09
C SER B 603 -30.68 -27.68 -5.69
N PHE B 604 -31.26 -28.86 -5.58
CA PHE B 604 -31.25 -29.64 -4.38
C PHE B 604 -31.03 -31.00 -4.97
N PRO B 605 -30.46 -31.92 -4.17
CA PRO B 605 -30.11 -33.23 -4.72
C PRO B 605 -31.32 -34.01 -5.21
N CYS B 606 -31.24 -34.52 -6.43
CA CYS B 606 -32.35 -35.31 -6.98
C CYS B 606 -31.86 -36.61 -7.59
N GLN B 607 -32.59 -37.68 -7.33
CA GLN B 607 -32.32 -38.98 -7.93
C GLN B 607 -33.08 -39.03 -9.25
N GLN B 608 -32.37 -39.21 -10.36
CA GLN B 608 -33.01 -39.17 -11.66
C GLN B 608 -32.88 -40.46 -12.45
N THR B 609 -33.93 -40.79 -13.19
CA THR B 609 -33.96 -41.96 -14.04
C THR B 609 -33.99 -41.51 -15.49
N SER B 610 -34.38 -40.26 -15.68
CA SER B 610 -34.43 -39.65 -17.00
C SER B 610 -34.16 -38.15 -16.84
N LEU B 611 -34.02 -37.45 -17.97
CA LEU B 611 -33.75 -36.02 -17.92
C LEU B 611 -34.91 -35.22 -17.31
N ASP B 612 -36.14 -35.73 -17.46
CA ASP B 612 -37.31 -35.00 -16.99
C ASP B 612 -37.95 -35.64 -15.76
N ALA B 613 -37.12 -36.30 -14.95
CA ALA B 613 -37.58 -36.93 -13.72
C ALA B 613 -36.56 -36.72 -12.60
N GLY B 614 -36.98 -36.06 -11.53
CA GLY B 614 -36.09 -35.80 -10.41
C GLY B 614 -36.77 -35.99 -9.06
N ILE B 615 -36.21 -36.88 -8.25
CA ILE B 615 -36.76 -37.13 -6.92
C ILE B 615 -35.99 -36.35 -5.86
N LEU B 616 -36.63 -35.37 -5.25
CA LEU B 616 -35.99 -34.64 -4.17
C LEU B 616 -35.49 -35.62 -3.12
N ILE B 617 -34.17 -35.85 -3.10
CA ILE B 617 -33.57 -36.75 -2.12
C ILE B 617 -33.69 -36.18 -0.72
N THR B 618 -33.36 -34.90 -0.58
CA THR B 618 -33.45 -34.21 0.70
C THR B 618 -33.33 -32.71 0.49
N TRP B 619 -33.94 -31.95 1.38
CA TRP B 619 -33.82 -30.51 1.33
C TRP B 619 -32.44 -30.08 1.82
N THR B 620 -31.94 -28.98 1.27
CA THR B 620 -30.67 -28.42 1.74
C THR B 620 -30.86 -26.92 1.91
N LYS B 621 -29.86 -26.26 2.45
CA LYS B 621 -29.94 -24.81 2.64
C LYS B 621 -31.10 -24.41 3.54
N GLY B 622 -31.89 -23.43 3.11
CA GLY B 622 -32.93 -22.88 3.97
C GLY B 622 -34.31 -23.40 3.66
N PHE B 623 -34.39 -24.33 2.72
CA PHE B 623 -35.65 -24.81 2.22
C PHE B 623 -36.14 -26.00 3.02
N LYS B 624 -37.42 -25.98 3.41
CA LYS B 624 -37.97 -27.24 3.92
C LYS B 624 -39.48 -27.35 3.86
N ALA B 625 -40.02 -27.27 2.65
CA ALA B 625 -41.44 -27.48 2.46
C ALA B 625 -41.79 -28.95 2.69
N THR B 626 -43.01 -29.22 3.11
CA THR B 626 -43.40 -30.58 3.46
C THR B 626 -43.92 -31.37 2.28
N ASP B 627 -43.85 -32.70 2.40
CA ASP B 627 -44.35 -33.57 1.35
C ASP B 627 -43.75 -33.18 0.01
N CYS B 628 -42.45 -32.92 0.03
CA CYS B 628 -41.71 -32.63 -1.20
C CYS B 628 -40.64 -33.68 -1.33
N VAL B 629 -39.86 -33.84 -0.26
CA VAL B 629 -38.85 -34.88 -0.21
C VAL B 629 -39.43 -36.23 -0.62
N GLY B 630 -38.69 -36.97 -1.44
CA GLY B 630 -39.14 -38.27 -1.89
C GLY B 630 -40.07 -38.24 -3.09
N HIS B 631 -40.56 -37.05 -3.45
CA HIS B 631 -41.40 -36.89 -4.63
C HIS B 631 -40.57 -36.53 -5.85
N ASP B 632 -41.11 -36.79 -7.04
CA ASP B 632 -40.51 -36.31 -8.28
C ASP B 632 -40.93 -34.86 -8.44
N VAL B 633 -39.96 -33.96 -8.34
CA VAL B 633 -40.24 -32.54 -8.42
C VAL B 633 -40.95 -32.17 -9.72
N VAL B 634 -40.68 -32.93 -10.77
CA VAL B 634 -41.34 -32.70 -12.06
C VAL B 634 -42.83 -33.01 -11.97
N THR B 635 -43.17 -34.10 -11.30
CA THR B 635 -44.57 -34.45 -11.10
C THR B 635 -45.24 -33.33 -10.31
N LEU B 636 -44.60 -32.90 -9.23
CA LEU B 636 -45.10 -31.81 -8.39
C LEU B 636 -45.46 -30.59 -9.22
N LEU B 637 -44.56 -30.19 -10.11
CA LEU B 637 -44.76 -29.03 -10.95
C LEU B 637 -45.94 -29.23 -11.91
N ARG B 638 -45.95 -30.38 -12.59
CA ARG B 638 -47.02 -30.72 -13.51
C ARG B 638 -48.39 -30.75 -12.81
N ASP B 639 -48.43 -31.28 -11.60
CA ASP B 639 -49.67 -31.32 -10.83
C ASP B 639 -50.17 -29.90 -10.56
N ALA B 640 -49.25 -29.04 -10.12
CA ALA B 640 -49.59 -27.65 -9.82
C ALA B 640 -50.07 -26.91 -11.07
N ILE B 641 -49.48 -27.27 -12.20
CA ILE B 641 -49.87 -26.71 -13.49
C ILE B 641 -51.24 -27.21 -13.92
N LYS B 642 -51.48 -28.50 -13.76
CA LYS B 642 -52.77 -29.09 -14.11
C LYS B 642 -53.85 -28.46 -13.25
N ARG B 643 -53.53 -28.25 -11.98
CA ARG B 643 -54.54 -27.71 -11.08
C ARG B 643 -55.00 -26.34 -11.56
N ARG B 644 -54.08 -25.51 -12.04
CA ARG B 644 -54.46 -24.17 -12.48
C ARG B 644 -55.24 -24.18 -13.80
N GLU B 645 -54.75 -24.96 -14.75
CA GLU B 645 -55.44 -25.19 -16.03
C GLU B 645 -55.52 -23.91 -16.85
N GLU B 646 -54.91 -22.86 -16.32
CA GLU B 646 -54.86 -21.58 -17.00
C GLU B 646 -54.04 -21.71 -18.26
N PHE B 647 -53.00 -22.54 -18.21
CA PHE B 647 -52.12 -22.74 -19.33
C PHE B 647 -51.47 -24.10 -19.19
N ASP B 648 -50.81 -24.55 -20.24
CA ASP B 648 -50.09 -25.81 -20.17
C ASP B 648 -48.66 -25.68 -20.68
N LEU B 649 -47.77 -26.53 -20.18
CA LEU B 649 -46.37 -26.50 -20.59
C LEU B 649 -45.79 -27.90 -20.67
N ASP B 650 -44.61 -28.01 -21.25
CA ASP B 650 -43.94 -29.29 -21.36
C ASP B 650 -42.57 -29.26 -20.71
N VAL B 651 -42.53 -29.62 -19.43
CA VAL B 651 -41.27 -29.64 -18.70
C VAL B 651 -40.35 -30.69 -19.30
N VAL B 652 -39.32 -30.23 -19.99
CA VAL B 652 -38.42 -31.13 -20.71
C VAL B 652 -37.31 -31.68 -19.81
N ALA B 653 -36.99 -30.96 -18.74
CA ALA B 653 -35.88 -31.38 -17.90
C ALA B 653 -35.83 -30.71 -16.54
N VAL B 654 -35.15 -31.38 -15.61
CA VAL B 654 -34.86 -30.86 -14.30
C VAL B 654 -33.34 -30.87 -14.17
N VAL B 655 -32.78 -29.71 -13.83
CA VAL B 655 -31.33 -29.56 -13.80
C VAL B 655 -30.82 -28.95 -12.51
N ASN B 656 -29.65 -29.39 -12.07
CA ASN B 656 -28.98 -28.80 -10.91
C ASN B 656 -28.17 -27.58 -11.36
N ASP B 657 -28.22 -26.51 -10.58
CA ASP B 657 -27.54 -25.27 -10.98
C ASP B 657 -26.09 -25.49 -11.43
N THR B 658 -25.40 -26.47 -10.84
CA THR B 658 -24.02 -26.76 -11.22
C THR B 658 -23.96 -27.21 -12.68
N VAL B 659 -24.77 -28.20 -13.02
CA VAL B 659 -24.83 -28.68 -14.39
C VAL B 659 -25.22 -27.56 -15.34
N GLY B 660 -26.24 -26.80 -14.99
CA GLY B 660 -26.64 -25.65 -15.79
C GLY B 660 -25.46 -24.71 -16.02
N THR B 661 -24.79 -24.35 -14.93
CA THR B 661 -23.64 -23.45 -15.02
C THR B 661 -22.58 -23.97 -15.97
N MET B 662 -22.33 -25.28 -15.91
CA MET B 662 -21.33 -25.86 -16.80
C MET B 662 -21.73 -25.70 -18.25
N MET B 663 -23.02 -25.92 -18.53
CA MET B 663 -23.54 -25.76 -19.89
C MET B 663 -23.49 -24.31 -20.30
N THR B 664 -23.89 -23.41 -19.41
CA THR B 664 -23.86 -21.99 -19.72
C THR B 664 -22.48 -21.56 -20.19
N CYS B 665 -21.45 -22.07 -19.53
CA CYS B 665 -20.08 -21.70 -19.86
C CYS B 665 -19.50 -22.52 -21.02
N ALA B 666 -19.87 -23.80 -21.09
CA ALA B 666 -19.36 -24.67 -22.15
C ALA B 666 -19.87 -24.22 -23.52
N TYR B 667 -21.02 -23.55 -23.53
CA TYR B 667 -21.60 -23.00 -24.75
C TYR B 667 -20.56 -22.19 -25.51
N GLU B 668 -19.67 -21.54 -24.77
CA GLU B 668 -18.63 -20.71 -25.36
C GLU B 668 -17.30 -21.44 -25.33
N GLU B 669 -17.00 -22.10 -24.22
CA GLU B 669 -15.73 -22.78 -24.05
C GLU B 669 -15.85 -24.29 -24.16
N PRO B 670 -15.38 -24.86 -25.29
CA PRO B 670 -15.46 -26.30 -25.57
C PRO B 670 -14.66 -27.19 -24.62
N THR B 671 -13.74 -26.61 -23.85
CA THR B 671 -12.96 -27.41 -22.90
C THR B 671 -13.58 -27.40 -21.51
N CYS B 672 -14.78 -26.82 -21.42
CA CYS B 672 -15.49 -26.74 -20.17
C CYS B 672 -16.18 -28.08 -19.89
N GLU B 673 -15.72 -28.78 -18.87
CA GLU B 673 -16.28 -30.08 -18.54
C GLU B 673 -16.53 -30.19 -17.05
N VAL B 674 -16.56 -29.04 -16.38
CA VAL B 674 -16.77 -28.99 -14.95
C VAL B 674 -17.64 -27.80 -14.59
N GLY B 675 -18.42 -27.96 -13.52
CA GLY B 675 -19.27 -26.89 -13.02
C GLY B 675 -19.05 -26.73 -11.53
N LEU B 676 -19.10 -25.51 -11.05
CA LEU B 676 -18.87 -25.24 -9.64
C LEU B 676 -19.77 -24.13 -9.14
N ILE B 677 -20.29 -24.31 -7.93
CA ILE B 677 -21.09 -23.26 -7.32
C ILE B 677 -20.66 -23.01 -5.89
N VAL B 678 -20.35 -21.76 -5.62
CA VAL B 678 -20.03 -21.32 -4.28
C VAL B 678 -20.91 -20.12 -4.02
N GLY B 679 -22.16 -20.40 -3.68
CA GLY B 679 -23.13 -19.35 -3.37
C GLY B 679 -23.75 -19.63 -2.02
N THR B 680 -25.07 -19.55 -1.95
CA THR B 680 -25.76 -19.92 -0.72
C THR B 680 -25.26 -21.31 -0.33
N GLY B 681 -25.28 -22.23 -1.29
CA GLY B 681 -24.71 -23.55 -1.08
C GLY B 681 -23.48 -23.73 -1.95
N SER B 682 -22.82 -24.88 -1.82
CA SER B 682 -21.66 -25.19 -2.64
C SER B 682 -21.76 -26.60 -3.20
N ASN B 683 -21.46 -26.75 -4.49
CA ASN B 683 -21.54 -28.04 -5.16
C ASN B 683 -20.76 -28.02 -6.47
N ALA B 684 -20.56 -29.18 -7.07
CA ALA B 684 -19.78 -29.29 -8.30
C ALA B 684 -20.24 -30.45 -9.19
N CYS B 685 -20.08 -30.29 -10.50
CA CYS B 685 -20.43 -31.34 -11.47
C CYS B 685 -19.34 -31.46 -12.53
N TYR B 686 -19.24 -32.62 -13.16
CA TYR B 686 -18.27 -32.83 -14.23
C TYR B 686 -18.69 -33.88 -15.26
N MET B 687 -17.88 -34.06 -16.31
CA MET B 687 -18.13 -35.05 -17.35
C MET B 687 -17.41 -36.36 -17.05
N GLU B 688 -18.17 -37.35 -16.59
CA GLU B 688 -17.61 -38.65 -16.27
C GLU B 688 -17.89 -39.65 -17.38
N GLU B 689 -17.04 -40.65 -17.52
CA GLU B 689 -17.22 -41.66 -18.53
C GLU B 689 -18.14 -42.77 -18.03
N MET B 690 -19.16 -43.11 -18.81
CA MET B 690 -20.15 -44.10 -18.42
C MET B 690 -19.56 -45.36 -17.79
N LYS B 691 -18.44 -45.82 -18.32
CA LYS B 691 -17.81 -47.03 -17.77
C LYS B 691 -17.66 -46.89 -16.26
N ASN B 692 -17.61 -45.67 -15.77
CA ASN B 692 -17.45 -45.41 -14.34
C ASN B 692 -18.76 -45.09 -13.62
N VAL B 693 -19.78 -44.73 -14.40
CA VAL B 693 -21.10 -44.46 -13.84
C VAL B 693 -21.89 -45.77 -13.69
N GLU B 694 -21.43 -46.62 -12.78
CA GLU B 694 -22.03 -47.93 -12.56
C GLU B 694 -23.52 -47.90 -12.24
N MET B 695 -24.05 -46.73 -11.89
CA MET B 695 -25.46 -46.63 -11.52
C MET B 695 -26.38 -46.38 -12.71
N VAL B 696 -25.80 -46.39 -13.91
CA VAL B 696 -26.57 -46.22 -15.12
C VAL B 696 -26.03 -47.12 -16.23
N GLU B 697 -26.84 -48.08 -16.65
CA GLU B 697 -26.42 -49.04 -17.68
C GLU B 697 -25.79 -48.34 -18.87
N GLY B 698 -24.63 -48.82 -19.28
CA GLY B 698 -23.94 -48.27 -20.44
C GLY B 698 -22.52 -47.84 -20.12
N ASP B 699 -21.61 -48.17 -21.04
CA ASP B 699 -20.22 -47.76 -20.91
C ASP B 699 -19.83 -46.98 -22.15
N GLN B 700 -20.85 -46.44 -22.82
CA GLN B 700 -20.64 -45.66 -24.04
C GLN B 700 -20.93 -44.18 -23.78
N GLY B 701 -19.99 -43.33 -24.15
CA GLY B 701 -20.16 -41.90 -24.03
C GLY B 701 -19.97 -41.40 -22.61
N GLN B 702 -20.10 -40.10 -22.42
CA GLN B 702 -19.91 -39.48 -21.12
C GLN B 702 -21.24 -39.14 -20.47
N MET B 703 -21.17 -38.75 -19.20
CA MET B 703 -22.34 -38.38 -18.43
C MET B 703 -21.97 -37.30 -17.42
N CYS B 704 -22.79 -36.26 -17.33
CA CYS B 704 -22.53 -35.22 -16.34
C CYS B 704 -23.01 -35.67 -14.96
N ILE B 705 -22.07 -35.79 -14.04
CA ILE B 705 -22.37 -36.22 -12.69
C ILE B 705 -22.48 -35.04 -11.73
N ASN B 706 -23.70 -34.78 -11.25
CA ASN B 706 -23.90 -33.80 -10.17
C ASN B 706 -23.41 -34.43 -8.88
N MET B 707 -22.28 -33.96 -8.39
CA MET B 707 -21.63 -34.57 -7.23
C MET B 707 -22.41 -34.46 -5.92
N GLU B 708 -23.02 -33.30 -5.67
CA GLU B 708 -23.59 -33.02 -4.36
C GLU B 708 -22.51 -33.24 -3.32
N TRP B 709 -21.37 -32.58 -3.51
CA TRP B 709 -20.25 -32.78 -2.61
C TRP B 709 -20.42 -32.07 -1.27
N GLY B 710 -21.48 -31.28 -1.15
CA GLY B 710 -21.77 -30.59 0.10
C GLY B 710 -21.82 -31.58 1.25
N ALA B 711 -22.34 -32.76 0.95
CA ALA B 711 -22.54 -33.79 1.98
C ALA B 711 -21.23 -34.51 2.29
N PHE B 712 -20.17 -34.14 1.58
CA PHE B 712 -18.85 -34.66 1.89
C PHE B 712 -18.64 -34.45 3.38
N GLY B 713 -18.17 -35.47 4.07
CA GLY B 713 -17.94 -35.36 5.51
C GLY B 713 -19.10 -35.82 6.37
N ASP B 714 -20.29 -35.94 5.79
CA ASP B 714 -21.45 -36.38 6.56
C ASP B 714 -21.26 -37.75 7.21
N ASN B 715 -20.23 -38.47 6.77
CA ASN B 715 -19.93 -39.78 7.34
C ASN B 715 -18.78 -39.70 8.35
N GLY B 716 -18.41 -38.48 8.72
CA GLY B 716 -17.37 -38.29 9.71
C GLY B 716 -15.96 -38.19 9.15
N CYS B 717 -15.81 -38.33 7.84
CA CYS B 717 -14.47 -38.35 7.24
C CYS B 717 -13.72 -37.02 7.31
N LEU B 718 -14.29 -36.03 8.00
CA LEU B 718 -13.64 -34.74 8.16
C LEU B 718 -13.55 -34.30 9.61
N ASP B 719 -14.15 -35.07 10.52
CA ASP B 719 -14.13 -34.73 11.95
C ASP B 719 -12.72 -34.29 12.28
N ASP B 720 -11.78 -34.80 11.48
CA ASP B 720 -10.37 -34.53 11.61
C ASP B 720 -10.05 -33.03 11.58
N ILE B 721 -10.75 -32.28 10.75
CA ILE B 721 -10.48 -30.86 10.59
C ILE B 721 -11.64 -29.97 11.03
N ARG B 722 -12.81 -30.57 11.28
CA ARG B 722 -13.96 -29.81 11.71
C ARG B 722 -13.76 -29.35 13.15
N THR B 723 -14.15 -28.11 13.43
CA THR B 723 -13.91 -27.52 14.74
C THR B 723 -15.16 -27.42 15.59
N HIS B 724 -14.95 -27.01 16.83
CA HIS B 724 -16.02 -26.79 17.79
C HIS B 724 -17.09 -25.86 17.23
N TYR B 725 -16.65 -24.90 16.42
CA TYR B 725 -17.56 -23.92 15.83
C TYR B 725 -18.30 -24.50 14.65
N ASP B 726 -17.62 -25.33 13.87
CA ASP B 726 -18.29 -26.01 12.76
C ASP B 726 -19.42 -26.86 13.31
N ARG B 727 -19.15 -27.54 14.42
CA ARG B 727 -20.13 -28.40 15.06
C ARG B 727 -21.32 -27.61 15.58
N LEU B 728 -21.07 -26.47 16.21
CA LEU B 728 -22.17 -25.64 16.71
C LEU B 728 -23.05 -25.13 15.58
N VAL B 729 -22.44 -24.77 14.45
CA VAL B 729 -23.20 -24.32 13.31
C VAL B 729 -24.00 -25.46 12.71
N ASP B 730 -23.38 -26.63 12.62
CA ASP B 730 -24.07 -27.81 12.10
C ASP B 730 -25.22 -28.15 13.05
N GLU B 731 -24.89 -28.20 14.34
CA GLU B 731 -25.85 -28.63 15.35
C GLU B 731 -27.07 -27.72 15.45
N TYR B 732 -26.92 -26.46 15.06
CA TYR B 732 -28.05 -25.52 15.12
C TYR B 732 -28.74 -25.29 13.77
N SER B 733 -28.26 -25.96 12.73
CA SER B 733 -28.83 -25.80 11.39
C SER B 733 -30.13 -26.58 11.25
N LEU B 734 -30.85 -26.33 10.16
CA LEU B 734 -32.09 -27.04 9.84
C LEU B 734 -31.85 -28.49 9.45
N ASN B 735 -30.63 -28.80 9.02
CA ASN B 735 -30.30 -30.13 8.59
C ASN B 735 -29.10 -30.65 9.36
N ALA B 736 -29.21 -30.64 10.70
CA ALA B 736 -28.14 -31.07 11.58
C ALA B 736 -27.52 -32.38 11.11
N GLY B 737 -26.20 -32.40 11.00
CA GLY B 737 -25.47 -33.60 10.63
C GLY B 737 -25.23 -33.80 9.15
N LYS B 738 -25.85 -32.96 8.33
CA LYS B 738 -25.73 -33.12 6.88
C LYS B 738 -25.06 -31.91 6.24
N GLN B 739 -24.54 -32.12 5.03
CA GLN B 739 -23.88 -31.06 4.27
C GLN B 739 -22.69 -30.48 5.04
N ARG B 740 -21.99 -31.32 5.80
CA ARG B 740 -20.86 -30.87 6.62
C ARG B 740 -19.86 -30.04 5.81
N TYR B 741 -19.46 -30.55 4.65
CA TYR B 741 -18.48 -29.88 3.80
C TYR B 741 -18.96 -28.49 3.40
N GLU B 742 -20.19 -28.43 2.93
CA GLU B 742 -20.77 -27.18 2.48
C GLU B 742 -20.81 -26.14 3.60
N LYS B 743 -21.13 -26.60 4.80
CA LYS B 743 -21.24 -25.70 5.94
C LYS B 743 -19.88 -25.06 6.28
N MET B 744 -18.82 -25.58 5.67
CA MET B 744 -17.48 -25.02 5.83
C MET B 744 -17.08 -24.19 4.61
N ILE B 745 -18.03 -23.96 3.69
CA ILE B 745 -17.70 -23.24 2.45
C ILE B 745 -18.68 -22.13 2.07
N SER B 746 -19.96 -22.47 1.91
CA SER B 746 -20.95 -21.55 1.33
C SER B 746 -21.30 -20.31 2.15
N GLY B 747 -21.89 -19.33 1.46
CA GLY B 747 -22.21 -18.04 2.04
C GLY B 747 -23.28 -18.08 3.12
N MET B 748 -24.04 -19.16 3.15
CA MET B 748 -25.08 -19.29 4.16
C MET B 748 -24.50 -19.64 5.53
N TYR B 749 -23.30 -20.19 5.57
CA TYR B 749 -22.74 -20.65 6.84
C TYR B 749 -21.51 -19.91 7.34
N LEU B 750 -20.63 -19.48 6.44
CA LEU B 750 -19.39 -18.86 6.87
C LEU B 750 -19.62 -17.83 7.97
N GLY B 751 -20.66 -17.02 7.80
CA GLY B 751 -20.97 -15.97 8.76
C GLY B 751 -21.30 -16.53 10.12
N GLU B 752 -21.97 -17.68 10.13
CA GLU B 752 -22.33 -18.34 11.37
C GLU B 752 -21.09 -18.92 12.07
N ILE B 753 -20.13 -19.36 11.28
CA ILE B 753 -18.89 -19.84 11.86
C ILE B 753 -18.24 -18.66 12.56
N VAL B 754 -18.13 -17.55 11.84
CA VAL B 754 -17.56 -16.32 12.36
C VAL B 754 -18.32 -15.86 13.61
N ARG B 755 -19.64 -15.81 13.51
CA ARG B 755 -20.44 -15.32 14.63
C ARG B 755 -20.18 -16.13 15.89
N ASN B 756 -20.13 -17.45 15.76
CA ASN B 756 -19.90 -18.31 16.92
C ASN B 756 -18.50 -18.17 17.51
N ILE B 757 -17.51 -18.03 16.65
CA ILE B 757 -16.17 -17.77 17.14
C ILE B 757 -16.20 -16.48 17.95
N LEU B 758 -16.91 -15.48 17.44
CA LEU B 758 -16.99 -14.18 18.10
C LEU B 758 -17.66 -14.26 19.47
N ILE B 759 -18.75 -15.00 19.58
CA ILE B 759 -19.43 -15.20 20.85
C ILE B 759 -18.41 -15.72 21.86
N ASP B 760 -17.80 -16.85 21.52
CA ASP B 760 -16.79 -17.48 22.35
C ASP B 760 -15.75 -16.46 22.82
N PHE B 761 -15.12 -15.77 21.87
CA PHE B 761 -14.11 -14.76 22.18
C PHE B 761 -14.63 -13.71 23.16
N THR B 762 -15.92 -13.40 23.07
CA THR B 762 -16.52 -12.38 23.93
C THR B 762 -16.70 -12.85 25.37
N LYS B 763 -17.14 -14.09 25.56
CA LYS B 763 -17.26 -14.64 26.89
C LYS B 763 -15.88 -14.72 27.56
N LYS B 764 -14.86 -15.03 26.77
CA LYS B 764 -13.50 -15.11 27.27
C LYS B 764 -13.01 -13.70 27.56
N GLY B 765 -13.74 -12.72 27.05
CA GLY B 765 -13.43 -11.31 27.31
C GLY B 765 -12.46 -10.66 26.36
N PHE B 766 -12.30 -11.21 25.16
CA PHE B 766 -11.37 -10.65 24.17
C PHE B 766 -12.04 -9.62 23.24
N LEU B 767 -13.36 -9.53 23.31
CA LEU B 767 -14.12 -8.66 22.40
C LEU B 767 -15.27 -7.96 23.11
N PHE B 768 -15.66 -6.82 22.54
CA PHE B 768 -16.84 -6.07 23.01
C PHE B 768 -16.98 -6.03 24.52
N ARG B 769 -15.90 -5.69 25.23
CA ARG B 769 -15.94 -5.60 26.69
C ARG B 769 -16.65 -6.78 27.37
N GLY B 770 -16.59 -7.96 26.74
CA GLY B 770 -17.22 -9.15 27.29
C GLY B 770 -18.74 -9.11 27.27
N GLN B 771 -19.30 -8.12 26.59
CA GLN B 771 -20.75 -7.98 26.49
C GLN B 771 -21.30 -8.68 25.25
N ILE B 772 -21.93 -9.83 25.46
CA ILE B 772 -22.56 -10.54 24.35
C ILE B 772 -23.85 -9.83 23.96
N SER B 773 -23.74 -8.89 23.02
CA SER B 773 -24.89 -8.09 22.61
C SER B 773 -26.02 -8.96 22.09
N GLU B 774 -27.19 -8.34 21.94
CA GLU B 774 -28.35 -9.03 21.40
C GLU B 774 -28.17 -9.25 19.91
N THR B 775 -27.52 -8.29 19.25
CA THR B 775 -27.23 -8.39 17.84
C THR B 775 -26.36 -9.62 17.57
N LEU B 776 -25.33 -9.79 18.38
CA LEU B 776 -24.37 -10.87 18.21
C LEU B 776 -25.04 -12.24 18.33
N LYS B 777 -26.16 -12.28 19.05
CA LYS B 777 -26.90 -13.52 19.24
C LYS B 777 -27.80 -13.83 18.04
N THR B 778 -28.04 -12.83 17.20
CA THR B 778 -28.92 -13.01 16.06
C THR B 778 -28.21 -13.72 14.91
N ARG B 779 -28.79 -14.82 14.43
CA ARG B 779 -28.17 -15.55 13.35
C ARG B 779 -28.42 -14.86 12.01
N GLY B 780 -27.42 -14.88 11.14
CA GLY B 780 -27.54 -14.25 9.83
C GLY B 780 -26.77 -12.93 9.75
N ILE B 781 -26.61 -12.29 10.90
CA ILE B 781 -25.92 -11.00 10.99
C ILE B 781 -24.76 -10.84 10.02
N PHE B 782 -23.98 -11.90 9.84
CA PHE B 782 -22.82 -11.82 8.96
C PHE B 782 -23.10 -12.41 7.59
N GLU B 783 -23.89 -11.70 6.80
CA GLU B 783 -24.21 -12.11 5.44
C GLU B 783 -22.97 -12.19 4.56
N THR B 784 -23.13 -12.78 3.38
CA THR B 784 -22.06 -12.82 2.39
C THR B 784 -21.63 -11.41 2.03
N LYS B 785 -22.62 -10.55 1.84
CA LYS B 785 -22.41 -9.15 1.49
C LYS B 785 -21.48 -8.47 2.49
N PHE B 786 -21.86 -8.50 3.76
CA PHE B 786 -21.05 -7.87 4.81
C PHE B 786 -19.67 -8.50 4.88
N LEU B 787 -19.64 -9.83 4.92
CA LEU B 787 -18.41 -10.59 5.04
C LEU B 787 -17.38 -10.17 3.98
N SER B 788 -17.88 -9.83 2.80
CA SER B 788 -17.03 -9.42 1.70
C SER B 788 -16.51 -7.99 1.87
N GLN B 789 -17.35 -7.11 2.42
CA GLN B 789 -16.94 -5.73 2.66
C GLN B 789 -15.76 -5.68 3.63
N ILE B 790 -15.89 -6.36 4.77
CA ILE B 790 -14.85 -6.37 5.79
C ILE B 790 -13.46 -6.72 5.26
N GLU B 791 -13.38 -7.78 4.47
CA GLU B 791 -12.09 -8.26 3.99
C GLU B 791 -11.55 -7.52 2.77
N SER B 792 -12.29 -6.49 2.35
CA SER B 792 -11.88 -5.67 1.22
C SER B 792 -10.47 -5.10 1.44
N ASP B 793 -9.57 -5.33 0.49
CA ASP B 793 -8.17 -4.88 0.60
C ASP B 793 -8.02 -3.40 0.93
N ARG B 794 -6.96 -3.10 1.68
CA ARG B 794 -6.61 -1.72 2.05
C ARG B 794 -7.80 -0.94 2.59
N LEU B 795 -8.72 -1.63 3.25
CA LEU B 795 -9.84 -0.97 3.87
C LEU B 795 -9.36 -0.24 5.11
N ALA B 796 -10.09 0.79 5.53
CA ALA B 796 -9.69 1.55 6.70
C ALA B 796 -10.37 1.00 7.96
N LEU B 797 -9.61 0.92 9.04
CA LEU B 797 -10.14 0.44 10.31
C LEU B 797 -11.45 1.11 10.71
N LEU B 798 -11.54 2.42 10.49
CA LEU B 798 -12.78 3.11 10.82
C LEU B 798 -13.88 2.63 9.89
N GLN B 799 -13.49 2.31 8.67
CA GLN B 799 -14.42 1.75 7.69
C GLN B 799 -14.96 0.43 8.20
N VAL B 800 -14.07 -0.40 8.75
CA VAL B 800 -14.44 -1.68 9.32
C VAL B 800 -15.32 -1.45 10.54
N ARG B 801 -14.92 -0.51 11.39
CA ARG B 801 -15.67 -0.21 12.59
C ARG B 801 -17.03 0.38 12.23
N ALA B 802 -17.08 1.15 11.15
CA ALA B 802 -18.33 1.73 10.69
C ALA B 802 -19.28 0.62 10.26
N ILE B 803 -18.80 -0.28 9.41
CA ILE B 803 -19.60 -1.41 8.95
C ILE B 803 -20.21 -2.21 10.10
N LEU B 804 -19.40 -2.49 11.12
CA LEU B 804 -19.86 -3.27 12.27
C LEU B 804 -20.87 -2.50 13.10
N GLN B 805 -20.68 -1.18 13.16
CA GLN B 805 -21.57 -0.31 13.91
C GLN B 805 -22.98 -0.38 13.32
N GLN B 806 -23.05 -0.35 11.99
CA GLN B 806 -24.33 -0.42 11.29
C GLN B 806 -25.02 -1.76 11.53
N LEU B 807 -24.28 -2.73 12.05
CA LEU B 807 -24.85 -4.04 12.32
C LEU B 807 -25.49 -4.09 13.70
N GLY B 808 -25.07 -3.19 14.58
CA GLY B 808 -25.58 -3.16 15.94
C GLY B 808 -24.48 -3.55 16.90
N LEU B 809 -23.27 -3.72 16.37
CA LEU B 809 -22.13 -4.09 17.16
C LEU B 809 -21.27 -2.89 17.53
N ASN B 810 -21.58 -2.25 18.65
CA ASN B 810 -20.74 -1.18 19.14
C ASN B 810 -19.36 -1.74 19.37
N SER B 811 -18.39 -1.31 18.56
CA SER B 811 -17.06 -1.90 18.64
C SER B 811 -15.93 -0.93 18.35
N THR B 812 -14.84 -1.11 19.07
CA THR B 812 -13.66 -0.29 18.93
C THR B 812 -12.82 -0.74 17.74
N CYS B 813 -11.68 -0.10 17.56
CA CYS B 813 -10.77 -0.45 16.48
C CYS B 813 -10.11 -1.80 16.74
N ASP B 814 -9.71 -2.03 17.99
CA ASP B 814 -9.15 -3.32 18.36
C ASP B 814 -10.17 -4.43 18.09
N ASP B 815 -11.43 -4.19 18.48
CA ASP B 815 -12.50 -5.13 18.20
C ASP B 815 -12.58 -5.35 16.69
N SER B 816 -12.45 -4.27 15.93
CA SER B 816 -12.56 -4.35 14.47
C SER B 816 -11.44 -5.20 13.87
N ILE B 817 -10.23 -5.04 14.39
CA ILE B 817 -9.09 -5.80 13.93
C ILE B 817 -9.37 -7.30 14.10
N LEU B 818 -9.85 -7.68 15.28
CA LEU B 818 -10.08 -9.08 15.58
C LEU B 818 -11.18 -9.70 14.73
N VAL B 819 -12.27 -8.98 14.55
CA VAL B 819 -13.37 -9.46 13.72
C VAL B 819 -12.90 -9.64 12.28
N LYS B 820 -12.07 -8.70 11.81
CA LYS B 820 -11.54 -8.80 10.47
C LYS B 820 -10.62 -10.01 10.35
N THR B 821 -9.76 -10.20 11.34
CA THR B 821 -8.88 -11.34 11.33
C THR B 821 -9.68 -12.65 11.30
N VAL B 822 -10.64 -12.78 12.21
CA VAL B 822 -11.48 -13.97 12.25
C VAL B 822 -12.08 -14.25 10.89
N CYS B 823 -12.82 -13.27 10.36
CA CYS B 823 -13.45 -13.37 9.05
C CYS B 823 -12.52 -13.93 7.99
N GLY B 824 -11.30 -13.40 7.93
CA GLY B 824 -10.32 -13.83 6.95
C GLY B 824 -9.88 -15.26 7.13
N VAL B 825 -9.69 -15.67 8.38
CA VAL B 825 -9.30 -17.05 8.65
C VAL B 825 -10.35 -18.00 8.08
N VAL B 826 -11.61 -17.71 8.37
CA VAL B 826 -12.74 -18.55 7.97
C VAL B 826 -12.92 -18.63 6.46
N SER B 827 -12.92 -17.49 5.79
CA SER B 827 -13.08 -17.47 4.34
C SER B 827 -11.91 -18.16 3.64
N ARG B 828 -10.70 -18.01 4.20
CA ARG B 828 -9.53 -18.67 3.65
C ARG B 828 -9.65 -20.20 3.72
N ARG B 829 -10.06 -20.72 4.88
CA ARG B 829 -10.26 -22.16 4.98
C ARG B 829 -11.26 -22.58 3.91
N ALA B 830 -12.33 -21.80 3.79
CA ALA B 830 -13.36 -22.03 2.78
C ALA B 830 -12.79 -22.19 1.38
N ALA B 831 -12.06 -21.18 0.91
CA ALA B 831 -11.47 -21.23 -0.41
C ALA B 831 -10.54 -22.44 -0.54
N GLN B 832 -9.77 -22.71 0.50
CA GLN B 832 -8.84 -23.83 0.48
C GLN B 832 -9.54 -25.18 0.42
N LEU B 833 -10.50 -25.39 1.33
CA LEU B 833 -11.26 -26.63 1.32
C LEU B 833 -11.91 -26.84 -0.04
N CYS B 834 -12.53 -25.78 -0.57
CA CYS B 834 -13.13 -25.85 -1.89
C CYS B 834 -12.08 -26.25 -2.90
N GLY B 835 -10.95 -25.57 -2.86
CA GLY B 835 -9.84 -25.87 -3.76
C GLY B 835 -9.43 -27.33 -3.74
N ALA B 836 -9.38 -27.92 -2.56
CA ALA B 836 -9.00 -29.33 -2.45
C ALA B 836 -10.02 -30.18 -3.17
N GLY B 837 -11.29 -29.83 -3.02
CA GLY B 837 -12.36 -30.55 -3.69
C GLY B 837 -12.18 -30.55 -5.18
N MET B 838 -12.06 -29.37 -5.77
CA MET B 838 -11.89 -29.25 -7.21
C MET B 838 -10.62 -29.95 -7.68
N ALA B 839 -9.59 -29.90 -6.84
CA ALA B 839 -8.32 -30.55 -7.16
C ALA B 839 -8.52 -32.04 -7.38
N ALA B 840 -9.34 -32.65 -6.53
CA ALA B 840 -9.67 -34.06 -6.68
C ALA B 840 -10.45 -34.29 -7.97
N VAL B 841 -11.38 -33.39 -8.27
CA VAL B 841 -12.25 -33.56 -9.44
C VAL B 841 -11.51 -33.50 -10.78
N VAL B 842 -10.81 -32.40 -11.04
CA VAL B 842 -10.10 -32.25 -12.30
C VAL B 842 -9.00 -33.29 -12.46
N ASP B 843 -8.41 -33.71 -11.33
CA ASP B 843 -7.36 -34.71 -11.40
C ASP B 843 -7.93 -36.12 -11.69
N LYS B 844 -9.17 -36.37 -11.29
CA LYS B 844 -9.77 -37.65 -11.62
C LYS B 844 -9.95 -37.77 -13.11
N ILE B 845 -10.37 -36.67 -13.75
CA ILE B 845 -10.52 -36.65 -15.20
C ILE B 845 -9.18 -36.89 -15.89
N ARG B 846 -8.14 -36.20 -15.42
CA ARG B 846 -6.82 -36.36 -15.98
C ARG B 846 -6.42 -37.84 -16.00
N GLU B 847 -6.44 -38.46 -14.84
CA GLU B 847 -6.09 -39.87 -14.75
C GLU B 847 -7.06 -40.73 -15.55
N ASN B 848 -8.36 -40.43 -15.45
CA ASN B 848 -9.34 -41.19 -16.21
C ASN B 848 -8.88 -41.29 -17.64
N ARG B 849 -8.40 -40.16 -18.14
CA ARG B 849 -8.11 -40.01 -19.54
C ARG B 849 -6.68 -40.44 -19.88
N GLY B 850 -5.98 -40.96 -18.87
CA GLY B 850 -4.61 -41.44 -19.05
C GLY B 850 -3.64 -40.38 -19.55
N LEU B 851 -3.86 -39.14 -19.12
CA LEU B 851 -3.04 -38.02 -19.56
C LEU B 851 -2.06 -37.65 -18.47
N ASP B 852 -0.93 -37.08 -18.87
CA ASP B 852 0.06 -36.66 -17.89
C ASP B 852 -0.10 -35.18 -17.56
N ARG B 853 -0.96 -34.51 -18.32
CA ARG B 853 -1.32 -33.13 -18.03
C ARG B 853 -2.63 -32.80 -18.74
N LEU B 854 -3.57 -32.22 -18.00
CA LEU B 854 -4.88 -31.90 -18.56
C LEU B 854 -5.17 -30.41 -18.52
N ASN B 855 -5.81 -29.93 -19.56
CA ASN B 855 -6.22 -28.54 -19.64
C ASN B 855 -7.73 -28.46 -19.72
N VAL B 856 -8.39 -28.20 -18.58
CA VAL B 856 -9.84 -28.11 -18.53
C VAL B 856 -10.28 -26.78 -17.91
N THR B 857 -11.45 -26.30 -18.31
CA THR B 857 -11.96 -25.06 -17.73
C THR B 857 -13.28 -25.29 -16.99
N VAL B 858 -13.46 -24.55 -15.90
CA VAL B 858 -14.63 -24.71 -15.03
C VAL B 858 -15.57 -23.51 -15.10
N GLY B 859 -16.86 -23.78 -15.30
CA GLY B 859 -17.87 -22.72 -15.23
C GLY B 859 -18.22 -22.47 -13.77
N VAL B 860 -18.21 -21.21 -13.35
CA VAL B 860 -18.43 -20.90 -11.95
C VAL B 860 -19.61 -19.95 -11.72
N ASP B 861 -20.27 -20.10 -10.59
CA ASP B 861 -21.33 -19.18 -10.21
C ASP B 861 -21.54 -19.19 -8.70
N GLY B 862 -22.32 -18.23 -8.19
CA GLY B 862 -22.60 -18.13 -6.78
C GLY B 862 -22.18 -16.78 -6.22
N THR B 863 -23.02 -16.20 -5.37
CA THR B 863 -22.76 -14.85 -4.87
C THR B 863 -21.46 -14.76 -4.08
N LEU B 864 -21.27 -15.64 -3.11
CA LEU B 864 -20.04 -15.61 -2.33
C LEU B 864 -18.86 -15.52 -3.29
N TYR B 865 -18.82 -16.42 -4.26
CA TYR B 865 -17.74 -16.42 -5.23
C TYR B 865 -17.61 -15.09 -5.96
N LYS B 866 -18.74 -14.51 -6.37
CA LYS B 866 -18.72 -13.24 -7.09
C LYS B 866 -18.24 -12.08 -6.23
N LEU B 867 -18.75 -11.99 -4.99
CA LEU B 867 -18.51 -10.82 -4.15
C LEU B 867 -17.26 -10.83 -3.26
N HIS B 868 -16.81 -11.99 -2.82
CA HIS B 868 -15.67 -12.02 -1.90
C HIS B 868 -14.37 -11.61 -2.58
N PRO B 869 -13.61 -10.71 -1.94
CA PRO B 869 -12.37 -10.17 -2.49
C PRO B 869 -11.16 -11.13 -2.46
N HIS B 870 -11.31 -12.30 -1.85
CA HIS B 870 -10.17 -13.24 -1.75
C HIS B 870 -10.48 -14.68 -2.14
N PHE B 871 -11.71 -15.12 -1.88
CA PHE B 871 -12.08 -16.51 -2.10
C PHE B 871 -11.53 -17.07 -3.42
N SER B 872 -12.03 -16.56 -4.54
CA SER B 872 -11.64 -17.08 -5.85
C SER B 872 -10.13 -17.16 -6.04
N ARG B 873 -9.43 -16.08 -5.71
CA ARG B 873 -7.99 -16.05 -5.85
C ARG B 873 -7.36 -17.21 -5.10
N ILE B 874 -7.65 -17.30 -3.80
CA ILE B 874 -7.08 -18.36 -2.97
C ILE B 874 -7.47 -19.75 -3.47
N MET B 875 -8.74 -19.93 -3.79
CA MET B 875 -9.22 -21.19 -4.32
C MET B 875 -8.42 -21.61 -5.55
N HIS B 876 -8.41 -20.77 -6.58
CA HIS B 876 -7.66 -21.05 -7.81
C HIS B 876 -6.24 -21.46 -7.49
N GLN B 877 -5.63 -20.72 -6.58
CA GLN B 877 -4.26 -20.93 -6.12
C GLN B 877 -4.09 -22.33 -5.54
N THR B 878 -5.06 -22.75 -4.73
CA THR B 878 -5.03 -24.06 -4.10
C THR B 878 -5.12 -25.17 -5.14
N VAL B 879 -6.06 -25.03 -6.07
CA VAL B 879 -6.20 -26.01 -7.14
C VAL B 879 -4.87 -26.17 -7.88
N LYS B 880 -4.36 -25.06 -8.37
CA LYS B 880 -3.10 -25.03 -9.08
C LYS B 880 -1.97 -25.71 -8.29
N GLU B 881 -2.11 -25.75 -6.98
CA GLU B 881 -1.06 -26.27 -6.11
C GLU B 881 -1.23 -27.77 -5.81
N LEU B 882 -2.47 -28.19 -5.59
CA LEU B 882 -2.76 -29.58 -5.24
C LEU B 882 -2.75 -30.49 -6.46
N SER B 883 -3.23 -29.99 -7.58
CA SER B 883 -3.20 -30.74 -8.83
C SER B 883 -2.34 -30.02 -9.87
N PRO B 884 -1.01 -30.05 -9.66
CA PRO B 884 -0.06 -29.36 -10.52
C PRO B 884 -0.10 -29.84 -11.96
N LYS B 885 -0.44 -31.11 -12.16
CA LYS B 885 -0.50 -31.68 -13.51
C LYS B 885 -1.76 -31.28 -14.25
N CYS B 886 -2.50 -30.34 -13.66
CA CYS B 886 -3.70 -29.79 -14.30
C CYS B 886 -3.58 -28.29 -14.44
N ASN B 887 -4.13 -27.76 -15.53
CA ASN B 887 -4.21 -26.33 -15.74
C ASN B 887 -5.68 -25.98 -15.87
N VAL B 888 -6.23 -25.34 -14.85
CA VAL B 888 -7.67 -25.11 -14.80
C VAL B 888 -8.04 -23.63 -14.96
N SER B 889 -8.99 -23.37 -15.86
CA SER B 889 -9.49 -22.01 -16.08
C SER B 889 -10.86 -21.86 -15.48
N PHE B 890 -11.10 -20.75 -14.79
CA PHE B 890 -12.39 -20.51 -14.19
C PHE B 890 -13.14 -19.39 -14.89
N LEU B 891 -14.21 -19.74 -15.59
CA LEU B 891 -15.04 -18.73 -16.24
C LEU B 891 -16.23 -18.41 -15.37
N LEU B 892 -16.37 -17.16 -14.97
CA LEU B 892 -17.49 -16.75 -14.14
C LEU B 892 -18.72 -16.45 -14.99
N SER B 893 -19.78 -17.21 -14.73
CA SER B 893 -21.05 -17.02 -15.42
C SER B 893 -21.66 -15.68 -15.02
N GLU B 894 -21.73 -14.76 -15.98
CA GLU B 894 -22.26 -13.43 -15.70
C GLU B 894 -23.78 -13.35 -15.82
N ASP B 895 -24.43 -14.44 -16.23
CA ASP B 895 -25.89 -14.41 -16.38
C ASP B 895 -26.60 -15.68 -15.91
N GLY B 896 -26.20 -16.19 -14.75
CA GLY B 896 -26.86 -17.35 -14.16
C GLY B 896 -26.80 -18.62 -14.97
N SER B 897 -27.67 -19.56 -14.64
CA SER B 897 -27.71 -20.86 -15.29
C SER B 897 -28.66 -20.84 -16.47
N GLY B 898 -29.49 -19.80 -16.53
CA GLY B 898 -30.49 -19.66 -17.59
C GLY B 898 -30.05 -20.23 -18.93
N LYS B 899 -28.98 -19.69 -19.48
CA LYS B 899 -28.51 -20.14 -20.78
C LYS B 899 -28.33 -21.66 -20.77
N GLY B 900 -27.45 -22.15 -19.90
CA GLY B 900 -27.14 -23.58 -19.84
C GLY B 900 -28.37 -24.48 -19.68
N ALA B 901 -29.36 -24.00 -18.95
CA ALA B 901 -30.58 -24.77 -18.74
C ALA B 901 -31.33 -24.90 -20.04
N ALA B 902 -31.42 -23.80 -20.77
CA ALA B 902 -32.13 -23.78 -22.05
C ALA B 902 -31.43 -24.66 -23.07
N LEU B 903 -30.11 -24.76 -22.95
CA LEU B 903 -29.31 -25.60 -23.84
C LEU B 903 -29.54 -27.07 -23.53
N ILE B 904 -29.90 -27.36 -22.29
CA ILE B 904 -30.20 -28.72 -21.87
C ILE B 904 -31.61 -29.08 -22.28
N THR B 905 -32.50 -28.09 -22.24
CA THR B 905 -33.87 -28.28 -22.68
C THR B 905 -33.85 -28.63 -24.16
N ALA B 906 -33.13 -27.82 -24.93
CA ALA B 906 -33.00 -28.00 -26.37
C ALA B 906 -32.72 -29.45 -26.71
N VAL B 907 -31.62 -29.98 -26.16
CA VAL B 907 -31.21 -31.36 -26.41
C VAL B 907 -32.27 -32.36 -26.00
N GLY B 908 -33.03 -32.02 -24.95
CA GLY B 908 -34.11 -32.90 -24.49
C GLY B 908 -35.20 -33.05 -25.52
N VAL B 909 -35.71 -31.91 -25.98
CA VAL B 909 -36.74 -31.89 -27.00
C VAL B 909 -36.27 -32.62 -28.26
N ARG B 910 -35.00 -32.42 -28.61
CA ARG B 910 -34.43 -33.04 -29.79
C ARG B 910 -34.40 -34.57 -29.68
N LEU B 911 -33.67 -35.07 -28.69
CA LEU B 911 -33.56 -36.51 -28.49
C LEU B 911 -34.93 -37.18 -28.35
N ARG B 912 -35.95 -36.38 -28.07
CA ARG B 912 -37.31 -36.90 -27.92
C ARG B 912 -37.96 -37.12 -29.29
N THR B 913 -38.07 -36.04 -30.06
CA THR B 913 -38.62 -36.14 -31.41
C THR B 913 -37.71 -36.99 -32.28
N GLU B 914 -36.41 -36.94 -31.99
CA GLU B 914 -35.41 -37.72 -32.72
C GLU B 914 -35.07 -39.01 -31.97
C2 BGC C . -24.86 5.93 -15.91
C3 BGC C . -24.11 7.25 -15.99
C4 BGC C . -24.67 8.15 -17.11
C5 BGC C . -26.20 8.10 -17.19
C6 BGC C . -26.71 8.76 -18.48
C1 BGC C . -26.36 6.18 -15.89
O1 BGC C . -27.03 4.93 -15.77
O2 BGC C . -24.47 5.21 -14.74
O3 BGC C . -22.72 6.99 -16.22
O4 BGC C . -24.27 9.50 -16.86
O5 BGC C . -26.69 6.75 -17.16
O6 BGC C . -26.25 8.02 -19.61
C1 M6D D . -27.21 12.52 -26.11
C2 M6D D . -25.69 12.55 -25.97
C3 M6D D . -25.19 11.30 -25.25
C4 M6D D . -25.96 11.10 -23.94
C5 M6D D . -27.46 11.10 -24.23
C6 M6D D . -28.30 10.91 -22.97
O1 M6D D . -27.64 13.76 -26.66
O2 M6D D . -25.31 13.71 -25.22
O3 M6D D . -23.80 11.43 -24.98
O4 M6D D . -25.57 9.86 -23.35
O5 M6D D . -27.83 12.36 -24.81
O6 M6D D . -29.69 11.00 -23.26
P M6D D . -30.43 9.80 -24.06
O1P M6D D . -30.49 10.22 -25.62
O2P M6D D . -31.95 9.78 -23.53
O3P M6D D . -29.76 8.48 -23.90
C2 BGC E . 38.40 6.08 -7.58
C3 BGC E . 38.74 4.72 -7.02
C4 BGC E . 37.80 4.42 -5.85
C5 BGC E . 36.34 4.76 -6.18
C6 BGC E . 35.49 4.82 -4.90
C1 BGC E . 36.96 6.00 -8.06
O1 BGC E . 36.69 7.14 -8.84
O2 BGC E . 39.24 6.41 -8.69
O3 BGC E . 40.11 4.68 -6.58
O4 BGC E . 37.89 3.03 -5.54
O5 BGC E . 36.21 6.02 -6.85
O6 BGC E . 35.75 6.04 -4.20
C1 M6D F . 33.62 5.31 3.56
C2 M6D F . 35.05 4.77 3.71
C3 M6D F . 35.97 5.30 2.61
C4 M6D F . 35.30 5.28 1.24
C5 M6D F . 33.91 5.88 1.33
C6 M6D F . 33.20 5.89 -0.01
O1 M6D F . 32.78 4.55 4.46
O2 M6D F . 35.03 3.34 3.67
O3 M6D F . 37.16 4.51 2.57
O4 M6D F . 36.07 6.05 0.32
O5 M6D F . 33.14 5.09 2.22
O6 M6D F . 31.86 6.33 0.15
P M6D F . 31.53 7.86 -0.10
O1P M6D F . 32.20 8.45 -1.28
O2P M6D F . 29.91 7.97 -0.21
O3P M6D F . 31.94 8.66 1.23
NA NA G . -7.27 15.74 -3.16
NA NA H . 51.23 -12.84 -12.33
C1 CIT I . -46.17 23.66 -12.13
O1 CIT I . -45.91 24.14 -11.01
O2 CIT I . -45.88 24.31 -13.16
C2 CIT I . -46.84 22.30 -12.23
C3 CIT I . -48.35 22.37 -12.05
O7 CIT I . -48.89 23.47 -12.82
C4 CIT I . -49.00 21.06 -12.50
C5 CIT I . -49.22 21.03 -13.99
O3 CIT I . -48.24 21.03 -14.79
O4 CIT I . -50.37 20.98 -14.48
C6 CIT I . -48.70 22.58 -10.58
O5 CIT I . -48.54 23.69 -10.04
O6 CIT I . -49.18 21.64 -9.91
C2 BGC J . 18.35 7.64 22.83
C3 BGC J . 16.97 7.49 23.42
C4 BGC J . 17.06 7.40 24.94
C5 BGC J . 18.00 8.47 25.52
C6 BGC J . 18.25 8.24 27.01
C1 BGC J . 19.01 8.85 23.46
O1 BGC J . 20.27 9.11 22.86
O2 BGC J . 18.26 7.80 21.41
O3 BGC J . 16.37 6.31 22.89
O4 BGC J . 15.76 7.58 25.50
O5 BGC J . 19.24 8.49 24.82
O6 BGC J . 18.68 6.89 27.22
C1 M6D K . 18.87 4.58 34.83
C2 M6D K . 17.76 3.68 34.28
C3 M6D K . 17.83 3.56 32.76
C4 M6D K . 18.08 4.91 32.09
C5 M6D K . 19.22 5.64 32.78
C6 M6D K . 19.48 7.00 32.18
O1 M6D K . 18.59 4.81 36.21
O2 M6D K . 16.50 4.23 34.64
O3 M6D K . 16.59 3.03 32.29
O4 M6D K . 18.40 4.68 30.72
O5 M6D K . 18.88 5.84 34.16
O6 M6D K . 20.52 7.65 32.90
P M6D K . 22.07 7.35 32.55
O1P M6D K . 22.40 7.67 31.13
O2P M6D K . 22.39 5.83 32.96
O3P M6D K . 22.93 8.26 33.54
C2 BGC L . -27.31 -28.23 -3.23
C3 BGC L . -26.93 -28.42 -4.68
C4 BGC L . -26.58 -27.07 -5.33
C5 BGC L . -25.73 -26.17 -4.41
C6 BGC L . -25.77 -24.71 -4.87
C1 BGC L . -26.13 -27.54 -2.56
O1 BGC L . -26.22 -27.59 -1.14
O2 BGC L . -27.53 -29.51 -2.64
O3 BGC L . -28.00 -29.05 -5.39
O4 BGC L . -25.86 -27.34 -6.53
O5 BGC L . -26.16 -26.19 -3.03
O6 BGC L . -27.13 -24.25 -4.88
C1 M6D M . -27.51 -17.80 -9.67
C2 M6D M . -28.16 -18.83 -10.61
C3 M6D M . -28.56 -20.13 -9.89
C4 M6D M . -27.55 -20.57 -8.83
C5 M6D M . -27.10 -19.36 -7.98
C6 M6D M . -26.08 -19.78 -6.95
O1 M6D M . -26.91 -16.80 -10.49
O2 M6D M . -27.29 -19.14 -11.70
O3 M6D M . -28.71 -21.17 -10.86
O4 M6D M . -28.16 -21.54 -7.97
O5 M6D M . -26.49 -18.40 -8.85
O6 M6D M . -25.64 -18.61 -6.26
P M6D M . -26.45 -18.09 -4.99
O1P M6D M . -26.92 -19.19 -4.10
O2P M6D M . -27.68 -17.19 -5.52
O3P M6D M . -25.49 -17.10 -4.19
NA NA N . -5.01 8.37 13.86
NA NA O . -22.43 -47.28 -16.83
C1 CIT P . 21.20 30.82 38.33
O1 CIT P . 20.34 30.32 39.09
O2 CIT P . 20.91 31.86 37.68
C2 CIT P . 22.56 30.18 38.17
C3 CIT P . 23.48 30.65 39.30
O7 CIT P . 22.73 31.50 40.20
C4 CIT P . 24.00 29.43 40.05
C5 CIT P . 24.55 29.75 41.43
O3 CIT P . 25.79 29.79 41.63
O4 CIT P . 23.77 29.94 42.39
C6 CIT P . 24.62 31.43 38.68
O5 CIT P . 25.80 31.06 38.83
O6 CIT P . 24.39 32.44 37.99
#